data_5XL0
# 
_entry.id   5XL0 
# 
_audit_conform.dict_name       mmcif_pdbx.dic 
_audit_conform.dict_version    5.387 
_audit_conform.dict_location   http://mmcif.pdb.org/dictionaries/ascii/mmcif_pdbx.dic 
# 
loop_
_database_2.database_id 
_database_2.database_code 
_database_2.pdbx_database_accession 
_database_2.pdbx_DOI 
PDB   5XL0         pdb_00005xl0 10.2210/pdb5xl0/pdb 
WWPDB D_1300003450 ?            ?                   
# 
loop_
_pdbx_audit_revision_history.ordinal 
_pdbx_audit_revision_history.data_content_type 
_pdbx_audit_revision_history.major_revision 
_pdbx_audit_revision_history.minor_revision 
_pdbx_audit_revision_history.revision_date 
1 'Structure model' 1 0 2017-08-16 
2 'Structure model' 1 1 2017-09-20 
3 'Structure model' 1 2 2024-03-27 
# 
_pdbx_audit_revision_details.ordinal             1 
_pdbx_audit_revision_details.revision_ordinal    1 
_pdbx_audit_revision_details.data_content_type   'Structure model' 
_pdbx_audit_revision_details.provider            repository 
_pdbx_audit_revision_details.type                'Initial release' 
_pdbx_audit_revision_details.description         ? 
_pdbx_audit_revision_details.details             ? 
# 
loop_
_pdbx_audit_revision_group.ordinal 
_pdbx_audit_revision_group.revision_ordinal 
_pdbx_audit_revision_group.data_content_type 
_pdbx_audit_revision_group.group 
1 2 'Structure model' 'Database references' 
2 3 'Structure model' 'Data collection'     
3 3 'Structure model' 'Database references' 
# 
loop_
_pdbx_audit_revision_category.ordinal 
_pdbx_audit_revision_category.revision_ordinal 
_pdbx_audit_revision_category.data_content_type 
_pdbx_audit_revision_category.category 
1 2 'Structure model' citation       
2 3 'Structure model' chem_comp_atom 
3 3 'Structure model' chem_comp_bond 
4 3 'Structure model' database_2     
# 
loop_
_pdbx_audit_revision_item.ordinal 
_pdbx_audit_revision_item.revision_ordinal 
_pdbx_audit_revision_item.data_content_type 
_pdbx_audit_revision_item.item 
1 2 'Structure model' '_citation.journal_volume'            
2 2 'Structure model' '_citation.page_first'                
3 2 'Structure model' '_citation.page_last'                 
4 2 'Structure model' '_citation.title'                     
5 3 'Structure model' '_database_2.pdbx_DOI'                
6 3 'Structure model' '_database_2.pdbx_database_accession' 
# 
_pdbx_database_status.status_code                     REL 
_pdbx_database_status.status_code_sf                  REL 
_pdbx_database_status.status_code_mr                  ? 
_pdbx_database_status.entry_id                        5XL0 
_pdbx_database_status.recvd_initial_deposition_date   2017-05-10 
_pdbx_database_status.SG_entry                        N 
_pdbx_database_status.deposit_site                    PDBJ 
_pdbx_database_status.process_site                    PDBJ 
_pdbx_database_status.status_code_cs                  ? 
_pdbx_database_status.methods_development_category    ? 
_pdbx_database_status.pdb_format_compatible           Y 
_pdbx_database_status.status_code_nmr_data            ? 
# 
loop_
_audit_author.name 
_audit_author.pdbx_ordinal 
_audit_author.identifier_ORCID 
'Kanai, Y.'     1  ?                   
'Harada, A.'    2  0000-0001-7976-8984 
'Shibata, T.'   3  ?                   
'Nishimura, R.' 4  ?                   
'Namiki, K.'    5  ?                   
'Watanabe, M.'  6  ?                   
'Nakamura, S.'  7  ?                   
'Yumoto, F.'    8  ?                   
'Senda, T.'     9  ?                   
'Suzuki, A.'    10 ?                   
'Neya, S.'      11 ?                   
'Yamamoto, Y.'  12 ?                   
# 
_citation.abstract                  ? 
_citation.abstract_id_CAS           ? 
_citation.book_id_ISBN              ? 
_citation.book_publisher            ? 
_citation.book_publisher_city       ? 
_citation.book_title                ? 
_citation.coordinate_linkage        ? 
_citation.country                   US 
_citation.database_id_Medline       ? 
_citation.details                   ? 
_citation.id                        primary 
_citation.journal_abbrev            Biochemistry 
_citation.journal_id_ASTM           BICHAW 
_citation.journal_id_CSD            0033 
_citation.journal_id_ISSN           1520-4995 
_citation.journal_full              ? 
_citation.journal_issue             ? 
_citation.journal_volume            56 
_citation.language                  ? 
_citation.page_first                4500 
_citation.page_last                 4508 
_citation.title                     
'Characterization of Heme Orientational Disorder in a Myoglobin Reconstituted with a Trifluoromethyl-Group-Substituted Heme Cofactor' 
_citation.year                      2017 
_citation.database_id_CSD           ? 
_citation.pdbx_database_id_DOI      10.1021/acs.biochem.7b00457 
_citation.pdbx_database_id_PubMed   28758387 
_citation.unpublished_flag          ? 
# 
loop_
_citation_author.citation_id 
_citation_author.name 
_citation_author.ordinal 
_citation_author.identifier_ORCID 
primary 'Kanai, Y.'     1  ? 
primary 'Harada, A.'    2  ? 
primary 'Shibata, T.'   3  ? 
primary 'Nishimura, R.' 4  ? 
primary 'Namiki, K.'    5  ? 
primary 'Watanabe, M.'  6  ? 
primary 'Nakamura, S.'  7  ? 
primary 'Yumoto, F.'    8  ? 
primary 'Senda, T.'     9  ? 
primary 'Suzuki, A.'    10 ? 
primary 'Neya, S.'      11 ? 
primary 'Yamamoto, Y.'  12 ? 
# 
loop_
_entity.id 
_entity.type 
_entity.src_method 
_entity.pdbx_description 
_entity.formula_weight 
_entity.pdbx_number_of_molecules 
_entity.pdbx_ec 
_entity.pdbx_mutation 
_entity.pdbx_fragment 
_entity.details 
1 polymer     nat Myoglobin          17049.771 1   ? ? 'UNP residues 2-152' ? 
2 non-polymer syn 'fluorinated heme' 674.490   1   ? ? ?                    ? 
3 non-polymer syn 'SULFATE ION'      96.063    3   ? ? ?                    ? 
4 water       nat water              18.015    136 ? ? ?                    ? 
# 
_entity_poly.entity_id                      1 
_entity_poly.type                           'polypeptide(L)' 
_entity_poly.nstd_linkage                   no 
_entity_poly.nstd_monomer                   no 
_entity_poly.pdbx_seq_one_letter_code       
;VLSEGEWQLVLHVWAKVEADVAGHGQDILIRLFKSHPETLEKFDRFKHLKTEAEMKASEDLKKHGVTVLTALGAILKKKG
HHEAELKPLAQSHATKHKIPIKYLEFISEAIIHVLHSRHPGDFGADAQGAMNKALELFRKDIAAKYKELGY
;
_entity_poly.pdbx_seq_one_letter_code_can   
;VLSEGEWQLVLHVWAKVEADVAGHGQDILIRLFKSHPETLEKFDRFKHLKTEAEMKASEDLKKHGVTVLTALGAILKKKG
HHEAELKPLAQSHATKHKIPIKYLEFISEAIIHVLHSRHPGDFGADAQGAMNKALELFRKDIAAKYKELGY
;
_entity_poly.pdbx_strand_id                 A 
_entity_poly.pdbx_target_identifier         ? 
# 
loop_
_pdbx_entity_nonpoly.entity_id 
_pdbx_entity_nonpoly.name 
_pdbx_entity_nonpoly.comp_id 
2 'fluorinated heme' 89R 
3 'SULFATE ION'      SO4 
4 water              HOH 
# 
loop_
_entity_poly_seq.entity_id 
_entity_poly_seq.num 
_entity_poly_seq.mon_id 
_entity_poly_seq.hetero 
1 1   VAL n 
1 2   LEU n 
1 3   SER n 
1 4   GLU n 
1 5   GLY n 
1 6   GLU n 
1 7   TRP n 
1 8   GLN n 
1 9   LEU n 
1 10  VAL n 
1 11  LEU n 
1 12  HIS n 
1 13  VAL n 
1 14  TRP n 
1 15  ALA n 
1 16  LYS n 
1 17  VAL n 
1 18  GLU n 
1 19  ALA n 
1 20  ASP n 
1 21  VAL n 
1 22  ALA n 
1 23  GLY n 
1 24  HIS n 
1 25  GLY n 
1 26  GLN n 
1 27  ASP n 
1 28  ILE n 
1 29  LEU n 
1 30  ILE n 
1 31  ARG n 
1 32  LEU n 
1 33  PHE n 
1 34  LYS n 
1 35  SER n 
1 36  HIS n 
1 37  PRO n 
1 38  GLU n 
1 39  THR n 
1 40  LEU n 
1 41  GLU n 
1 42  LYS n 
1 43  PHE n 
1 44  ASP n 
1 45  ARG n 
1 46  PHE n 
1 47  LYS n 
1 48  HIS n 
1 49  LEU n 
1 50  LYS n 
1 51  THR n 
1 52  GLU n 
1 53  ALA n 
1 54  GLU n 
1 55  MET n 
1 56  LYS n 
1 57  ALA n 
1 58  SER n 
1 59  GLU n 
1 60  ASP n 
1 61  LEU n 
1 62  LYS n 
1 63  LYS n 
1 64  HIS n 
1 65  GLY n 
1 66  VAL n 
1 67  THR n 
1 68  VAL n 
1 69  LEU n 
1 70  THR n 
1 71  ALA n 
1 72  LEU n 
1 73  GLY n 
1 74  ALA n 
1 75  ILE n 
1 76  LEU n 
1 77  LYS n 
1 78  LYS n 
1 79  LYS n 
1 80  GLY n 
1 81  HIS n 
1 82  HIS n 
1 83  GLU n 
1 84  ALA n 
1 85  GLU n 
1 86  LEU n 
1 87  LYS n 
1 88  PRO n 
1 89  LEU n 
1 90  ALA n 
1 91  GLN n 
1 92  SER n 
1 93  HIS n 
1 94  ALA n 
1 95  THR n 
1 96  LYS n 
1 97  HIS n 
1 98  LYS n 
1 99  ILE n 
1 100 PRO n 
1 101 ILE n 
1 102 LYS n 
1 103 TYR n 
1 104 LEU n 
1 105 GLU n 
1 106 PHE n 
1 107 ILE n 
1 108 SER n 
1 109 GLU n 
1 110 ALA n 
1 111 ILE n 
1 112 ILE n 
1 113 HIS n 
1 114 VAL n 
1 115 LEU n 
1 116 HIS n 
1 117 SER n 
1 118 ARG n 
1 119 HIS n 
1 120 PRO n 
1 121 GLY n 
1 122 ASP n 
1 123 PHE n 
1 124 GLY n 
1 125 ALA n 
1 126 ASP n 
1 127 ALA n 
1 128 GLN n 
1 129 GLY n 
1 130 ALA n 
1 131 MET n 
1 132 ASN n 
1 133 LYS n 
1 134 ALA n 
1 135 LEU n 
1 136 GLU n 
1 137 LEU n 
1 138 PHE n 
1 139 ARG n 
1 140 LYS n 
1 141 ASP n 
1 142 ILE n 
1 143 ALA n 
1 144 ALA n 
1 145 LYS n 
1 146 TYR n 
1 147 LYS n 
1 148 GLU n 
1 149 LEU n 
1 150 GLY n 
1 151 TYR n 
# 
_entity_src_nat.entity_id                  1 
_entity_src_nat.pdbx_src_id                1 
_entity_src_nat.pdbx_alt_source_flag       sample 
_entity_src_nat.pdbx_beg_seq_num           1 
_entity_src_nat.pdbx_end_seq_num           151 
_entity_src_nat.common_name                'Sperm whale' 
_entity_src_nat.pdbx_organism_scientific   'Physeter catodon' 
_entity_src_nat.pdbx_ncbi_taxonomy_id      9755 
_entity_src_nat.genus                      ? 
_entity_src_nat.species                    ? 
_entity_src_nat.strain                     ? 
_entity_src_nat.tissue                     ? 
_entity_src_nat.tissue_fraction            ? 
_entity_src_nat.pdbx_secretion             ? 
_entity_src_nat.pdbx_fragment              ? 
_entity_src_nat.pdbx_variant               ? 
_entity_src_nat.pdbx_cell_line             ? 
_entity_src_nat.pdbx_atcc                  ? 
_entity_src_nat.pdbx_cellular_location     ? 
_entity_src_nat.pdbx_organ                 ? 
_entity_src_nat.pdbx_organelle             ? 
_entity_src_nat.pdbx_cell                  ? 
_entity_src_nat.pdbx_plasmid_name          ? 
_entity_src_nat.pdbx_plasmid_details       ? 
_entity_src_nat.details                    ? 
# 
loop_
_chem_comp.id 
_chem_comp.type 
_chem_comp.mon_nstd_flag 
_chem_comp.name 
_chem_comp.pdbx_synonyms 
_chem_comp.formula 
_chem_comp.formula_weight 
89R non-polymer         . 'fluorinated heme' ? 'C34 H33 F3 Fe N4 O4' 674.490 
ALA 'L-peptide linking' y ALANINE            ? 'C3 H7 N O2'          89.093  
ARG 'L-peptide linking' y ARGININE           ? 'C6 H15 N4 O2 1'      175.209 
ASN 'L-peptide linking' y ASPARAGINE         ? 'C4 H8 N2 O3'         132.118 
ASP 'L-peptide linking' y 'ASPARTIC ACID'    ? 'C4 H7 N O4'          133.103 
GLN 'L-peptide linking' y GLUTAMINE          ? 'C5 H10 N2 O3'        146.144 
GLU 'L-peptide linking' y 'GLUTAMIC ACID'    ? 'C5 H9 N O4'          147.129 
GLY 'peptide linking'   y GLYCINE            ? 'C2 H5 N O2'          75.067  
HIS 'L-peptide linking' y HISTIDINE          ? 'C6 H10 N3 O2 1'      156.162 
HOH non-polymer         . WATER              ? 'H2 O'                18.015  
ILE 'L-peptide linking' y ISOLEUCINE         ? 'C6 H13 N O2'         131.173 
LEU 'L-peptide linking' y LEUCINE            ? 'C6 H13 N O2'         131.173 
LYS 'L-peptide linking' y LYSINE             ? 'C6 H15 N2 O2 1'      147.195 
MET 'L-peptide linking' y METHIONINE         ? 'C5 H11 N O2 S'       149.211 
PHE 'L-peptide linking' y PHENYLALANINE      ? 'C9 H11 N O2'         165.189 
PRO 'L-peptide linking' y PROLINE            ? 'C5 H9 N O2'          115.130 
SER 'L-peptide linking' y SERINE             ? 'C3 H7 N O3'          105.093 
SO4 non-polymer         . 'SULFATE ION'      ? 'O4 S -2'             96.063  
THR 'L-peptide linking' y THREONINE          ? 'C4 H9 N O3'          119.119 
TRP 'L-peptide linking' y TRYPTOPHAN         ? 'C11 H12 N2 O2'       204.225 
TYR 'L-peptide linking' y TYROSINE           ? 'C9 H11 N O3'         181.189 
VAL 'L-peptide linking' y VALINE             ? 'C5 H11 N O2'         117.146 
# 
loop_
_pdbx_poly_seq_scheme.asym_id 
_pdbx_poly_seq_scheme.entity_id 
_pdbx_poly_seq_scheme.seq_id 
_pdbx_poly_seq_scheme.mon_id 
_pdbx_poly_seq_scheme.ndb_seq_num 
_pdbx_poly_seq_scheme.pdb_seq_num 
_pdbx_poly_seq_scheme.auth_seq_num 
_pdbx_poly_seq_scheme.pdb_mon_id 
_pdbx_poly_seq_scheme.auth_mon_id 
_pdbx_poly_seq_scheme.pdb_strand_id 
_pdbx_poly_seq_scheme.pdb_ins_code 
_pdbx_poly_seq_scheme.hetero 
A 1 1   VAL 1   1   1   VAL VAL A . n 
A 1 2   LEU 2   2   2   LEU LEU A . n 
A 1 3   SER 3   3   3   SER SER A . n 
A 1 4   GLU 4   4   4   GLU GLU A . n 
A 1 5   GLY 5   5   5   GLY GLY A . n 
A 1 6   GLU 6   6   6   GLU GLU A . n 
A 1 7   TRP 7   7   7   TRP TRP A . n 
A 1 8   GLN 8   8   8   GLN GLN A . n 
A 1 9   LEU 9   9   9   LEU LEU A . n 
A 1 10  VAL 10  10  10  VAL VAL A . n 
A 1 11  LEU 11  11  11  LEU LEU A . n 
A 1 12  HIS 12  12  12  HIS HIS A . n 
A 1 13  VAL 13  13  13  VAL VAL A . n 
A 1 14  TRP 14  14  14  TRP TRP A . n 
A 1 15  ALA 15  15  15  ALA ALA A . n 
A 1 16  LYS 16  16  16  LYS LYS A . n 
A 1 17  VAL 17  17  17  VAL VAL A . n 
A 1 18  GLU 18  18  18  GLU GLU A . n 
A 1 19  ALA 19  19  19  ALA ALA A . n 
A 1 20  ASP 20  20  20  ASP ASP A . n 
A 1 21  VAL 21  21  21  VAL VAL A . n 
A 1 22  ALA 22  22  22  ALA ALA A . n 
A 1 23  GLY 23  23  23  GLY GLY A . n 
A 1 24  HIS 24  24  24  HIS HIS A . n 
A 1 25  GLY 25  25  25  GLY GLY A . n 
A 1 26  GLN 26  26  26  GLN GLN A . n 
A 1 27  ASP 27  27  27  ASP ASP A . n 
A 1 28  ILE 28  28  28  ILE ILE A . n 
A 1 29  LEU 29  29  29  LEU LEU A . n 
A 1 30  ILE 30  30  30  ILE ILE A . n 
A 1 31  ARG 31  31  31  ARG ARG A . n 
A 1 32  LEU 32  32  32  LEU LEU A . n 
A 1 33  PHE 33  33  33  PHE PHE A . n 
A 1 34  LYS 34  34  34  LYS LYS A . n 
A 1 35  SER 35  35  35  SER SER A . n 
A 1 36  HIS 36  36  36  HIS HIS A . n 
A 1 37  PRO 37  37  37  PRO PRO A . n 
A 1 38  GLU 38  38  38  GLU GLU A . n 
A 1 39  THR 39  39  39  THR THR A . n 
A 1 40  LEU 40  40  40  LEU LEU A . n 
A 1 41  GLU 41  41  41  GLU GLU A . n 
A 1 42  LYS 42  42  42  LYS LYS A . n 
A 1 43  PHE 43  43  43  PHE PHE A . n 
A 1 44  ASP 44  44  44  ASP ASP A . n 
A 1 45  ARG 45  45  45  ARG ARG A . n 
A 1 46  PHE 46  46  46  PHE PHE A . n 
A 1 47  LYS 47  47  47  LYS LYS A . n 
A 1 48  HIS 48  48  48  HIS HIS A . n 
A 1 49  LEU 49  49  49  LEU LEU A . n 
A 1 50  LYS 50  50  50  LYS LYS A . n 
A 1 51  THR 51  51  51  THR THR A . n 
A 1 52  GLU 52  52  52  GLU GLU A . n 
A 1 53  ALA 53  53  53  ALA ALA A . n 
A 1 54  GLU 54  54  54  GLU GLU A . n 
A 1 55  MET 55  55  55  MET MET A . n 
A 1 56  LYS 56  56  56  LYS LYS A . n 
A 1 57  ALA 57  57  57  ALA ALA A . n 
A 1 58  SER 58  58  58  SER SER A . n 
A 1 59  GLU 59  59  59  GLU GLU A . n 
A 1 60  ASP 60  60  60  ASP ASP A . n 
A 1 61  LEU 61  61  61  LEU LEU A . n 
A 1 62  LYS 62  62  62  LYS LYS A . n 
A 1 63  LYS 63  63  63  LYS LYS A . n 
A 1 64  HIS 64  64  64  HIS HIS A . n 
A 1 65  GLY 65  65  65  GLY GLY A . n 
A 1 66  VAL 66  66  66  VAL VAL A . n 
A 1 67  THR 67  67  67  THR THR A . n 
A 1 68  VAL 68  68  68  VAL VAL A . n 
A 1 69  LEU 69  69  69  LEU LEU A . n 
A 1 70  THR 70  70  70  THR THR A . n 
A 1 71  ALA 71  71  71  ALA ALA A . n 
A 1 72  LEU 72  72  72  LEU LEU A . n 
A 1 73  GLY 73  73  73  GLY GLY A . n 
A 1 74  ALA 74  74  74  ALA ALA A . n 
A 1 75  ILE 75  75  75  ILE ILE A . n 
A 1 76  LEU 76  76  76  LEU LEU A . n 
A 1 77  LYS 77  77  77  LYS LYS A . n 
A 1 78  LYS 78  78  78  LYS LYS A . n 
A 1 79  LYS 79  79  79  LYS LYS A . n 
A 1 80  GLY 80  80  80  GLY GLY A . n 
A 1 81  HIS 81  81  81  HIS HIS A . n 
A 1 82  HIS 82  82  82  HIS HIS A . n 
A 1 83  GLU 83  83  83  GLU GLU A . n 
A 1 84  ALA 84  84  84  ALA ALA A . n 
A 1 85  GLU 85  85  85  GLU GLU A . n 
A 1 86  LEU 86  86  86  LEU LEU A . n 
A 1 87  LYS 87  87  87  LYS LYS A . n 
A 1 88  PRO 88  88  88  PRO PRO A . n 
A 1 89  LEU 89  89  89  LEU LEU A . n 
A 1 90  ALA 90  90  90  ALA ALA A . n 
A 1 91  GLN 91  91  91  GLN GLN A . n 
A 1 92  SER 92  92  92  SER SER A . n 
A 1 93  HIS 93  93  93  HIS HIS A . n 
A 1 94  ALA 94  94  94  ALA ALA A . n 
A 1 95  THR 95  95  95  THR THR A . n 
A 1 96  LYS 96  96  96  LYS LYS A . n 
A 1 97  HIS 97  97  97  HIS HIS A . n 
A 1 98  LYS 98  98  98  LYS LYS A . n 
A 1 99  ILE 99  99  99  ILE ILE A . n 
A 1 100 PRO 100 100 100 PRO PRO A . n 
A 1 101 ILE 101 101 101 ILE ILE A . n 
A 1 102 LYS 102 102 102 LYS LYS A . n 
A 1 103 TYR 103 103 103 TYR TYR A . n 
A 1 104 LEU 104 104 104 LEU LEU A . n 
A 1 105 GLU 105 105 105 GLU GLU A . n 
A 1 106 PHE 106 106 106 PHE PHE A . n 
A 1 107 ILE 107 107 107 ILE ILE A . n 
A 1 108 SER 108 108 108 SER SER A . n 
A 1 109 GLU 109 109 109 GLU GLU A . n 
A 1 110 ALA 110 110 110 ALA ALA A . n 
A 1 111 ILE 111 111 111 ILE ILE A . n 
A 1 112 ILE 112 112 112 ILE ILE A . n 
A 1 113 HIS 113 113 113 HIS HIS A . n 
A 1 114 VAL 114 114 114 VAL VAL A . n 
A 1 115 LEU 115 115 115 LEU LEU A . n 
A 1 116 HIS 116 116 116 HIS HIS A . n 
A 1 117 SER 117 117 117 SER SER A . n 
A 1 118 ARG 118 118 118 ARG ARG A . n 
A 1 119 HIS 119 119 119 HIS HIS A . n 
A 1 120 PRO 120 120 120 PRO PRO A . n 
A 1 121 GLY 121 121 121 GLY GLY A . n 
A 1 122 ASP 122 122 122 ASP ASP A . n 
A 1 123 PHE 123 123 123 PHE PHE A . n 
A 1 124 GLY 124 124 124 GLY GLY A . n 
A 1 125 ALA 125 125 125 ALA ALA A . n 
A 1 126 ASP 126 126 126 ASP ASP A . n 
A 1 127 ALA 127 127 127 ALA ALA A . n 
A 1 128 GLN 128 128 128 GLN GLN A . n 
A 1 129 GLY 129 129 129 GLY GLY A . n 
A 1 130 ALA 130 130 130 ALA ALA A . n 
A 1 131 MET 131 131 131 MET MET A . n 
A 1 132 ASN 132 132 132 ASN ASN A . n 
A 1 133 LYS 133 133 133 LYS LYS A . n 
A 1 134 ALA 134 134 134 ALA ALA A . n 
A 1 135 LEU 135 135 135 LEU LEU A . n 
A 1 136 GLU 136 136 136 GLU GLU A . n 
A 1 137 LEU 137 137 137 LEU LEU A . n 
A 1 138 PHE 138 138 138 PHE PHE A . n 
A 1 139 ARG 139 139 139 ARG ARG A . n 
A 1 140 LYS 140 140 140 LYS LYS A . n 
A 1 141 ASP 141 141 141 ASP ASP A . n 
A 1 142 ILE 142 142 142 ILE ILE A . n 
A 1 143 ALA 143 143 143 ALA ALA A . n 
A 1 144 ALA 144 144 144 ALA ALA A . n 
A 1 145 LYS 145 145 145 LYS LYS A . n 
A 1 146 TYR 146 146 146 TYR TYR A . n 
A 1 147 LYS 147 147 147 LYS LYS A . n 
A 1 148 GLU 148 148 148 GLU GLU A . n 
A 1 149 LEU 149 149 149 LEU LEU A . n 
A 1 150 GLY 150 150 150 GLY GLY A . n 
A 1 151 TYR 151 151 151 TYR TYR A . n 
# 
loop_
_pdbx_nonpoly_scheme.asym_id 
_pdbx_nonpoly_scheme.entity_id 
_pdbx_nonpoly_scheme.mon_id 
_pdbx_nonpoly_scheme.ndb_seq_num 
_pdbx_nonpoly_scheme.pdb_seq_num 
_pdbx_nonpoly_scheme.auth_seq_num 
_pdbx_nonpoly_scheme.pdb_mon_id 
_pdbx_nonpoly_scheme.auth_mon_id 
_pdbx_nonpoly_scheme.pdb_strand_id 
_pdbx_nonpoly_scheme.pdb_ins_code 
B 2 89R 1   201 1   89R 7PF A . 
C 3 SO4 1   202 1   SO4 SO4 A . 
D 3 SO4 1   203 2   SO4 SO4 A . 
E 3 SO4 1   204 3   SO4 SO4 A . 
F 4 HOH 1   301 37  HOH HOH A . 
F 4 HOH 2   302 136 HOH HOH A . 
F 4 HOH 3   303 24  HOH HOH A . 
F 4 HOH 4   304 127 HOH HOH A . 
F 4 HOH 5   305 66  HOH HOH A . 
F 4 HOH 6   306 142 HOH HOH A . 
F 4 HOH 7   307 59  HOH HOH A . 
F 4 HOH 8   308 94  HOH HOH A . 
F 4 HOH 9   309 74  HOH HOH A . 
F 4 HOH 10  310 18  HOH HOH A . 
F 4 HOH 11  311 140 HOH HOH A . 
F 4 HOH 12  312 146 HOH HOH A . 
F 4 HOH 13  313 159 HOH HOH A . 
F 4 HOH 14  314 96  HOH HOH A . 
F 4 HOH 15  315 87  HOH HOH A . 
F 4 HOH 16  316 112 HOH HOH A . 
F 4 HOH 17  317 3   HOH HOH A . 
F 4 HOH 18  318 62  HOH HOH A . 
F 4 HOH 19  319 163 HOH HOH A . 
F 4 HOH 20  320 28  HOH HOH A . 
F 4 HOH 21  321 20  HOH HOH A . 
F 4 HOH 22  322 15  HOH HOH A . 
F 4 HOH 23  323 36  HOH HOH A . 
F 4 HOH 24  324 133 HOH HOH A . 
F 4 HOH 25  325 38  HOH HOH A . 
F 4 HOH 26  326 168 HOH HOH A . 
F 4 HOH 27  327 33  HOH HOH A . 
F 4 HOH 28  328 115 HOH HOH A . 
F 4 HOH 29  329 91  HOH HOH A . 
F 4 HOH 30  330 13  HOH HOH A . 
F 4 HOH 31  331 19  HOH HOH A . 
F 4 HOH 32  332 56  HOH HOH A . 
F 4 HOH 33  333 29  HOH HOH A . 
F 4 HOH 34  334 32  HOH HOH A . 
F 4 HOH 35  335 30  HOH HOH A . 
F 4 HOH 36  336 53  HOH HOH A . 
F 4 HOH 37  337 22  HOH HOH A . 
F 4 HOH 38  338 27  HOH HOH A . 
F 4 HOH 39  339 78  HOH HOH A . 
F 4 HOH 40  340 85  HOH HOH A . 
F 4 HOH 41  341 101 HOH HOH A . 
F 4 HOH 42  342 145 HOH HOH A . 
F 4 HOH 43  343 17  HOH HOH A . 
F 4 HOH 44  344 44  HOH HOH A . 
F 4 HOH 45  345 106 HOH HOH A . 
F 4 HOH 46  346 7   HOH HOH A . 
F 4 HOH 47  347 128 HOH HOH A . 
F 4 HOH 48  348 8   HOH HOH A . 
F 4 HOH 49  349 150 HOH HOH A . 
F 4 HOH 50  350 81  HOH HOH A . 
F 4 HOH 51  351 46  HOH HOH A . 
F 4 HOH 52  352 9   HOH HOH A . 
F 4 HOH 53  353 82  HOH HOH A . 
F 4 HOH 54  354 55  HOH HOH A . 
F 4 HOH 55  355 68  HOH HOH A . 
F 4 HOH 56  356 129 HOH HOH A . 
F 4 HOH 57  357 14  HOH HOH A . 
F 4 HOH 58  358 25  HOH HOH A . 
F 4 HOH 59  359 131 HOH HOH A . 
F 4 HOH 60  360 170 HOH HOH A . 
F 4 HOH 61  361 26  HOH HOH A . 
F 4 HOH 62  362 69  HOH HOH A . 
F 4 HOH 63  363 34  HOH HOH A . 
F 4 HOH 64  364 154 HOH HOH A . 
F 4 HOH 65  365 89  HOH HOH A . 
F 4 HOH 66  366 100 HOH HOH A . 
F 4 HOH 67  367 97  HOH HOH A . 
F 4 HOH 68  368 63  HOH HOH A . 
F 4 HOH 69  369 166 HOH HOH A . 
F 4 HOH 70  370 125 HOH HOH A . 
F 4 HOH 71  371 51  HOH HOH A . 
F 4 HOH 72  372 65  HOH HOH A . 
F 4 HOH 73  373 47  HOH HOH A . 
F 4 HOH 74  374 173 HOH HOH A . 
F 4 HOH 75  375 49  HOH HOH A . 
F 4 HOH 76  376 83  HOH HOH A . 
F 4 HOH 77  377 70  HOH HOH A . 
F 4 HOH 78  378 6   HOH HOH A . 
F 4 HOH 79  379 4   HOH HOH A . 
F 4 HOH 80  380 144 HOH HOH A . 
F 4 HOH 81  381 48  HOH HOH A . 
F 4 HOH 82  382 71  HOH HOH A . 
F 4 HOH 83  383 73  HOH HOH A . 
F 4 HOH 84  384 86  HOH HOH A . 
F 4 HOH 85  385 5   HOH HOH A . 
F 4 HOH 86  386 158 HOH HOH A . 
F 4 HOH 87  387 79  HOH HOH A . 
F 4 HOH 88  388 21  HOH HOH A . 
F 4 HOH 89  389 137 HOH HOH A . 
F 4 HOH 90  390 103 HOH HOH A . 
F 4 HOH 91  391 11  HOH HOH A . 
F 4 HOH 92  392 72  HOH HOH A . 
F 4 HOH 93  393 92  HOH HOH A . 
F 4 HOH 94  394 160 HOH HOH A . 
F 4 HOH 95  395 61  HOH HOH A . 
F 4 HOH 96  396 84  HOH HOH A . 
F 4 HOH 97  397 169 HOH HOH A . 
F 4 HOH 98  398 67  HOH HOH A . 
F 4 HOH 99  399 174 HOH HOH A . 
F 4 HOH 100 400 16  HOH HOH A . 
F 4 HOH 101 401 130 HOH HOH A . 
F 4 HOH 102 402 60  HOH HOH A . 
F 4 HOH 103 403 116 HOH HOH A . 
F 4 HOH 104 404 126 HOH HOH A . 
F 4 HOH 105 405 88  HOH HOH A . 
F 4 HOH 106 406 117 HOH HOH A . 
F 4 HOH 107 407 143 HOH HOH A . 
F 4 HOH 108 408 104 HOH HOH A . 
F 4 HOH 109 409 90  HOH HOH A . 
F 4 HOH 110 410 164 HOH HOH A . 
F 4 HOH 111 411 1   HOH HOH A . 
F 4 HOH 112 412 31  HOH HOH A . 
F 4 HOH 113 413 57  HOH HOH A . 
F 4 HOH 114 414 141 HOH HOH A . 
F 4 HOH 115 415 152 HOH HOH A . 
F 4 HOH 116 416 118 HOH HOH A . 
F 4 HOH 117 417 157 HOH HOH A . 
F 4 HOH 118 418 35  HOH HOH A . 
F 4 HOH 119 419 58  HOH HOH A . 
F 4 HOH 120 420 80  HOH HOH A . 
F 4 HOH 121 421 111 HOH HOH A . 
F 4 HOH 122 422 135 HOH HOH A . 
F 4 HOH 123 423 98  HOH HOH A . 
F 4 HOH 124 424 148 HOH HOH A . 
F 4 HOH 125 425 121 HOH HOH A . 
F 4 HOH 126 426 75  HOH HOH A . 
F 4 HOH 127 427 41  HOH HOH A . 
F 4 HOH 128 428 123 HOH HOH A . 
F 4 HOH 129 429 93  HOH HOH A . 
F 4 HOH 130 430 175 HOH HOH A . 
F 4 HOH 131 431 162 HOH HOH A . 
F 4 HOH 132 432 107 HOH HOH A . 
F 4 HOH 133 433 54  HOH HOH A . 
F 4 HOH 134 434 132 HOH HOH A . 
F 4 HOH 135 435 151 HOH HOH A . 
F 4 HOH 136 436 165 HOH HOH A . 
# 
loop_
_pdbx_unobs_or_zero_occ_atoms.id 
_pdbx_unobs_or_zero_occ_atoms.PDB_model_num 
_pdbx_unobs_or_zero_occ_atoms.polymer_flag 
_pdbx_unobs_or_zero_occ_atoms.occupancy_flag 
_pdbx_unobs_or_zero_occ_atoms.auth_asym_id 
_pdbx_unobs_or_zero_occ_atoms.auth_comp_id 
_pdbx_unobs_or_zero_occ_atoms.auth_seq_id 
_pdbx_unobs_or_zero_occ_atoms.PDB_ins_code 
_pdbx_unobs_or_zero_occ_atoms.auth_atom_id 
_pdbx_unobs_or_zero_occ_atoms.label_alt_id 
_pdbx_unobs_or_zero_occ_atoms.label_asym_id 
_pdbx_unobs_or_zero_occ_atoms.label_comp_id 
_pdbx_unobs_or_zero_occ_atoms.label_seq_id 
_pdbx_unobs_or_zero_occ_atoms.label_atom_id 
1  1 Y 1 A VAL 1   ? CG1 ? A VAL 1   CG1 
2  1 Y 1 A VAL 1   ? CG2 ? A VAL 1   CG2 
3  1 Y 1 A GLU 41  ? OE2 ? A GLU 41  OE2 
4  1 Y 1 A ASP 44  ? OD2 ? A ASP 44  OD2 
5  1 Y 1 A LYS 47  ? CE  ? A LYS 47  CE  
6  1 Y 1 A LYS 47  ? NZ  ? A LYS 47  NZ  
7  1 Y 1 A LYS 50  ? CD  ? A LYS 50  CD  
8  1 Y 1 A LYS 50  ? CE  ? A LYS 50  CE  
9  1 Y 1 A LYS 50  ? NZ  ? A LYS 50  NZ  
10 1 Y 1 A LYS 56  ? CE  ? A LYS 56  CE  
11 1 Y 1 A LYS 56  ? NZ  ? A LYS 56  NZ  
12 1 Y 1 A LYS 63  ? CE  ? A LYS 63  CE  
13 1 Y 1 A LYS 63  ? NZ  ? A LYS 63  NZ  
14 1 Y 1 A LYS 78  ? CE  ? A LYS 78  CE  
15 1 Y 1 A LYS 78  ? NZ  ? A LYS 78  NZ  
16 1 Y 1 A GLU 83  ? CG  ? A GLU 83  CG  
17 1 Y 1 A GLU 83  ? CD  ? A GLU 83  CD  
18 1 Y 1 A GLU 83  ? OE1 ? A GLU 83  OE1 
19 1 Y 1 A GLU 83  ? OE2 ? A GLU 83  OE2 
20 1 Y 1 A LYS 87  ? CD  ? A LYS 87  CD  
21 1 Y 1 A LYS 87  ? CE  ? A LYS 87  CE  
22 1 Y 1 A LYS 87  ? NZ  ? A LYS 87  NZ  
23 1 Y 1 A LYS 96  ? CG  ? A LYS 96  CG  
24 1 Y 1 A LYS 96  ? CD  ? A LYS 96  CD  
25 1 Y 1 A LYS 96  ? CE  ? A LYS 96  CE  
26 1 Y 1 A LYS 96  ? NZ  ? A LYS 96  NZ  
27 1 Y 1 A LYS 98  ? NZ  ? A LYS 98  NZ  
28 1 Y 1 A GLU 109 ? CD  ? A GLU 109 CD  
29 1 Y 1 A GLU 109 ? OE1 ? A GLU 109 OE1 
30 1 Y 1 A GLU 109 ? OE2 ? A GLU 109 OE2 
31 1 Y 1 A LYS 133 ? NZ  ? A LYS 133 NZ  
32 1 Y 1 A LYS 140 ? CE  ? A LYS 140 CE  
33 1 Y 1 A LYS 140 ? NZ  ? A LYS 140 NZ  
34 1 Y 1 A LYS 145 ? CE  ? A LYS 145 CE  
35 1 Y 1 A LYS 145 ? NZ  ? A LYS 145 NZ  
# 
loop_
_software.citation_id 
_software.classification 
_software.compiler_name 
_software.compiler_version 
_software.contact_author 
_software.contact_author_email 
_software.date 
_software.description 
_software.dependencies 
_software.hardware 
_software.language 
_software.location 
_software.mods 
_software.name 
_software.os 
_software.os_version 
_software.type 
_software.version 
_software.pdbx_ordinal 
? 'data processing' ? ? ? ? ? ? ? ? ? ? ? XDS     ? ? ? .                    1 
? 'data scaling'    ? ? ? ? ? ? ? ? ? ? ? Aimless ? ? ? .                    2 
? phasing           ? ? ? ? ? ? ? ? ? ? ? PHASER  ? ? ? .                    3 
? refinement        ? ? ? ? ? ? ? ? ? ? ? PHENIX  ? ? ? '(1.11.1_2575: ???)' 4 
# 
_cell.angle_alpha                  90.00 
_cell.angle_alpha_esd              ? 
_cell.angle_beta                   105.36 
_cell.angle_beta_esd               ? 
_cell.angle_gamma                  90.00 
_cell.angle_gamma_esd              ? 
_cell.entry_id                     5XL0 
_cell.details                      ? 
_cell.formula_units_Z              ? 
_cell.length_a                     34.261 
_cell.length_a_esd                 ? 
_cell.length_b                     30.854 
_cell.length_b_esd                 ? 
_cell.length_c                     64.130 
_cell.length_c_esd                 ? 
_cell.volume                       ? 
_cell.volume_esd                   ? 
_cell.Z_PDB                        2 
_cell.reciprocal_angle_alpha       ? 
_cell.reciprocal_angle_beta        ? 
_cell.reciprocal_angle_gamma       ? 
_cell.reciprocal_angle_alpha_esd   ? 
_cell.reciprocal_angle_beta_esd    ? 
_cell.reciprocal_angle_gamma_esd   ? 
_cell.reciprocal_length_a          ? 
_cell.reciprocal_length_b          ? 
_cell.reciprocal_length_c          ? 
_cell.reciprocal_length_a_esd      ? 
_cell.reciprocal_length_b_esd      ? 
_cell.reciprocal_length_c_esd      ? 
_cell.pdbx_unique_axis             ? 
# 
_symmetry.entry_id                         5XL0 
_symmetry.cell_setting                     ? 
_symmetry.Int_Tables_number                4 
_symmetry.space_group_name_Hall            ? 
_symmetry.space_group_name_H-M             'P 1 21 1' 
_symmetry.pdbx_full_space_group_name_H-M   ? 
# 
_exptl.absorpt_coefficient_mu     ? 
_exptl.absorpt_correction_T_max   ? 
_exptl.absorpt_correction_T_min   ? 
_exptl.absorpt_correction_type    ? 
_exptl.absorpt_process_details    ? 
_exptl.entry_id                   5XL0 
_exptl.crystals_number            1 
_exptl.details                    ? 
_exptl.method                     'X-RAY DIFFRACTION' 
_exptl.method_details             ? 
# 
_exptl_crystal.colour                      ? 
_exptl_crystal.density_diffrn              ? 
_exptl_crystal.density_Matthews            1.92 
_exptl_crystal.density_method              ? 
_exptl_crystal.density_percent_sol         35.84 
_exptl_crystal.description                 ? 
_exptl_crystal.F_000                       ? 
_exptl_crystal.id                          1 
_exptl_crystal.preparation                 ? 
_exptl_crystal.size_max                    ? 
_exptl_crystal.size_mid                    ? 
_exptl_crystal.size_min                    ? 
_exptl_crystal.size_rad                    ? 
_exptl_crystal.colour_lustre               ? 
_exptl_crystal.colour_modifier             ? 
_exptl_crystal.colour_primary              ? 
_exptl_crystal.density_meas                ? 
_exptl_crystal.density_meas_esd            ? 
_exptl_crystal.density_meas_gt             ? 
_exptl_crystal.density_meas_lt             ? 
_exptl_crystal.density_meas_temp           ? 
_exptl_crystal.density_meas_temp_esd       ? 
_exptl_crystal.density_meas_temp_gt        ? 
_exptl_crystal.density_meas_temp_lt        ? 
_exptl_crystal.pdbx_crystal_image_url      ? 
_exptl_crystal.pdbx_crystal_image_format   ? 
_exptl_crystal.pdbx_mosaicity              ? 
_exptl_crystal.pdbx_mosaicity_esd          ? 
# 
_exptl_crystal_grow.apparatus       ? 
_exptl_crystal_grow.atmosphere      ? 
_exptl_crystal_grow.crystal_id      1 
_exptl_crystal_grow.details         ? 
_exptl_crystal_grow.method          'VAPOR DIFFUSION, HANGING DROP' 
_exptl_crystal_grow.method_ref      ? 
_exptl_crystal_grow.pH              6.3 
_exptl_crystal_grow.pressure        ? 
_exptl_crystal_grow.pressure_esd    ? 
_exptl_crystal_grow.seeding         ? 
_exptl_crystal_grow.seeding_ref     ? 
_exptl_crystal_grow.temp            277 
_exptl_crystal_grow.temp_details    ? 
_exptl_crystal_grow.temp_esd        ? 
_exptl_crystal_grow.time            ? 
_exptl_crystal_grow.pdbx_details    '2.9 M ammonium sulfate, 0.1 M Bis-Tris-propane HCl buffer' 
_exptl_crystal_grow.pdbx_pH_range   ? 
# 
_diffrn.ambient_environment    ? 
_diffrn.ambient_temp           100 
_diffrn.ambient_temp_details   ? 
_diffrn.ambient_temp_esd       ? 
_diffrn.crystal_id             1 
_diffrn.crystal_support        ? 
_diffrn.crystal_treatment      ? 
_diffrn.details                ? 
_diffrn.id                     1 
_diffrn.ambient_pressure       ? 
_diffrn.ambient_pressure_esd   ? 
_diffrn.ambient_pressure_gt    ? 
_diffrn.ambient_pressure_lt    ? 
_diffrn.ambient_temp_gt        ? 
_diffrn.ambient_temp_lt        ? 
# 
_diffrn_detector.details                      ? 
_diffrn_detector.detector                     PIXEL 
_diffrn_detector.diffrn_id                    1 
_diffrn_detector.type                         'DECTRIS PILATUS 2M-F' 
_diffrn_detector.area_resol_mean              ? 
_diffrn_detector.dtime                        ? 
_diffrn_detector.pdbx_frames_total            ? 
_diffrn_detector.pdbx_collection_time_total   ? 
_diffrn_detector.pdbx_collection_date         2014-05-28 
# 
_diffrn_radiation.collimation                      ? 
_diffrn_radiation.diffrn_id                        1 
_diffrn_radiation.filter_edge                      ? 
_diffrn_radiation.inhomogeneity                    ? 
_diffrn_radiation.monochromator                    'Si 111' 
_diffrn_radiation.polarisn_norm                    ? 
_diffrn_radiation.polarisn_ratio                   ? 
_diffrn_radiation.probe                            ? 
_diffrn_radiation.type                             ? 
_diffrn_radiation.xray_symbol                      ? 
_diffrn_radiation.wavelength_id                    1 
_diffrn_radiation.pdbx_monochromatic_or_laue_m_l   M 
_diffrn_radiation.pdbx_wavelength_list             ? 
_diffrn_radiation.pdbx_wavelength                  ? 
_diffrn_radiation.pdbx_diffrn_protocol             'SINGLE WAVELENGTH' 
_diffrn_radiation.pdbx_analyzer                    ? 
_diffrn_radiation.pdbx_scattering_type             x-ray 
# 
_diffrn_radiation_wavelength.id           1 
_diffrn_radiation_wavelength.wavelength   1.1 
_diffrn_radiation_wavelength.wt           1.0 
# 
_diffrn_source.current                     ? 
_diffrn_source.details                     ? 
_diffrn_source.diffrn_id                   1 
_diffrn_source.power                       ? 
_diffrn_source.size                        ? 
_diffrn_source.source                      SYNCHROTRON 
_diffrn_source.target                      ? 
_diffrn_source.type                        'PHOTON FACTORY BEAMLINE BL-1A' 
_diffrn_source.voltage                     ? 
_diffrn_source.take-off_angle              ? 
_diffrn_source.pdbx_wavelength_list        1.1 
_diffrn_source.pdbx_wavelength             ? 
_diffrn_source.pdbx_synchrotron_beamline   BL-1A 
_diffrn_source.pdbx_synchrotron_site       'Photon Factory' 
# 
_reflns.B_iso_Wilson_estimate            ? 
_reflns.entry_id                         5XL0 
_reflns.data_reduction_details           ? 
_reflns.data_reduction_method            ? 
_reflns.d_resolution_high                1.25 
_reflns.d_resolution_low                 33.04 
_reflns.details                          ? 
_reflns.limit_h_max                      ? 
_reflns.limit_h_min                      ? 
_reflns.limit_k_max                      ? 
_reflns.limit_k_min                      ? 
_reflns.limit_l_max                      ? 
_reflns.limit_l_min                      ? 
_reflns.number_all                       ? 
_reflns.number_obs                       72066 
_reflns.observed_criterion               ? 
_reflns.observed_criterion_F_max         ? 
_reflns.observed_criterion_F_min         ? 
_reflns.observed_criterion_I_max         ? 
_reflns.observed_criterion_I_min         ? 
_reflns.observed_criterion_sigma_F       ? 
_reflns.observed_criterion_sigma_I       ? 
_reflns.percent_possible_obs             99.8 
_reflns.R_free_details                   ? 
_reflns.Rmerge_F_all                     ? 
_reflns.Rmerge_F_obs                     ? 
_reflns.Friedel_coverage                 ? 
_reflns.number_gt                        ? 
_reflns.threshold_expression             ? 
_reflns.pdbx_redundancy                  6.3 
_reflns.pdbx_Rmerge_I_obs                ? 
_reflns.pdbx_Rmerge_I_all                ? 
_reflns.pdbx_Rsym_value                  ? 
_reflns.pdbx_netI_over_av_sigmaI         ? 
_reflns.pdbx_netI_over_sigmaI            15.9 
_reflns.pdbx_res_netI_over_av_sigmaI_2   ? 
_reflns.pdbx_res_netI_over_sigmaI_2      ? 
_reflns.pdbx_chi_squared                 ? 
_reflns.pdbx_scaling_rejects             ? 
_reflns.pdbx_d_res_high_opt              ? 
_reflns.pdbx_d_res_low_opt               ? 
_reflns.pdbx_d_res_opt_method            ? 
_reflns.phase_calculation_details        ? 
_reflns.pdbx_Rrim_I_all                  ? 
_reflns.pdbx_Rpim_I_all                  ? 
_reflns.pdbx_d_opt                       ? 
_reflns.pdbx_number_measured_all         ? 
_reflns.pdbx_diffrn_id                   1 
_reflns.pdbx_ordinal                     1 
_reflns.pdbx_CC_half                     ? 
_reflns.pdbx_R_split                     ? 
# 
_reflns_shell.d_res_high                  1.25 
_reflns_shell.d_res_low                   1.27 
_reflns_shell.meanI_over_sigI_all         ? 
_reflns_shell.meanI_over_sigI_obs         ? 
_reflns_shell.number_measured_all         ? 
_reflns_shell.number_measured_obs         ? 
_reflns_shell.number_possible             ? 
_reflns_shell.number_unique_all           ? 
_reflns_shell.number_unique_obs           ? 
_reflns_shell.percent_possible_all        ? 
_reflns_shell.percent_possible_obs        ? 
_reflns_shell.Rmerge_F_all                ? 
_reflns_shell.Rmerge_F_obs                ? 
_reflns_shell.Rmerge_I_all                ? 
_reflns_shell.Rmerge_I_obs                ? 
_reflns_shell.meanI_over_sigI_gt          ? 
_reflns_shell.meanI_over_uI_all           ? 
_reflns_shell.meanI_over_uI_gt            ? 
_reflns_shell.number_measured_gt          ? 
_reflns_shell.number_unique_gt            ? 
_reflns_shell.percent_possible_gt         ? 
_reflns_shell.Rmerge_F_gt                 ? 
_reflns_shell.Rmerge_I_gt                 ? 
_reflns_shell.pdbx_redundancy             ? 
_reflns_shell.pdbx_Rsym_value             ? 
_reflns_shell.pdbx_chi_squared            ? 
_reflns_shell.pdbx_netI_over_sigmaI_all   ? 
_reflns_shell.pdbx_netI_over_sigmaI_obs   ? 
_reflns_shell.pdbx_Rrim_I_all             ? 
_reflns_shell.pdbx_Rpim_I_all             ? 
_reflns_shell.pdbx_rejects                ? 
_reflns_shell.pdbx_ordinal                1 
_reflns_shell.pdbx_diffrn_id              1 
_reflns_shell.pdbx_CC_half                ? 
_reflns_shell.pdbx_R_split                ? 
# 
_refine.aniso_B[1][1]                            ? 
_refine.aniso_B[1][2]                            ? 
_refine.aniso_B[1][3]                            ? 
_refine.aniso_B[2][2]                            ? 
_refine.aniso_B[2][3]                            ? 
_refine.aniso_B[3][3]                            ? 
_refine.B_iso_max                                ? 
_refine.B_iso_mean                               ? 
_refine.B_iso_min                                ? 
_refine.correlation_coeff_Fo_to_Fc               ? 
_refine.correlation_coeff_Fo_to_Fc_free          ? 
_refine.details                                  ? 
_refine.diff_density_max                         ? 
_refine.diff_density_max_esd                     ? 
_refine.diff_density_min                         ? 
_refine.diff_density_min_esd                     ? 
_refine.diff_density_rms                         ? 
_refine.diff_density_rms_esd                     ? 
_refine.entry_id                                 5XL0 
_refine.pdbx_refine_id                           'X-RAY DIFFRACTION' 
_refine.ls_abs_structure_details                 ? 
_refine.ls_abs_structure_Flack                   ? 
_refine.ls_abs_structure_Flack_esd               ? 
_refine.ls_abs_structure_Rogers                  ? 
_refine.ls_abs_structure_Rogers_esd              ? 
_refine.ls_d_res_high                            1.250 
_refine.ls_d_res_low                             30.920 
_refine.ls_extinction_coef                       ? 
_refine.ls_extinction_coef_esd                   ? 
_refine.ls_extinction_expression                 ? 
_refine.ls_extinction_method                     ? 
_refine.ls_goodness_of_fit_all                   ? 
_refine.ls_goodness_of_fit_all_esd               ? 
_refine.ls_goodness_of_fit_obs                   ? 
_refine.ls_goodness_of_fit_obs_esd               ? 
_refine.ls_hydrogen_treatment                    ? 
_refine.ls_matrix_type                           ? 
_refine.ls_number_constraints                    ? 
_refine.ls_number_parameters                     ? 
_refine.ls_number_reflns_all                     ? 
_refine.ls_number_reflns_obs                     69408 
_refine.ls_number_reflns_R_free                  3572 
_refine.ls_number_reflns_R_work                  ? 
_refine.ls_number_restraints                     ? 
_refine.ls_percent_reflns_obs                    99.04 
_refine.ls_percent_reflns_R_free                 5.15 
_refine.ls_R_factor_all                          ? 
_refine.ls_R_factor_obs                          0.1632 
_refine.ls_R_factor_R_free                       0.1733 
_refine.ls_R_factor_R_free_error                 ? 
_refine.ls_R_factor_R_free_error_details         ? 
_refine.ls_R_factor_R_work                       0.1626 
_refine.ls_R_Fsqd_factor_obs                     ? 
_refine.ls_R_I_factor_obs                        ? 
_refine.ls_redundancy_reflns_all                 ? 
_refine.ls_redundancy_reflns_obs                 ? 
_refine.ls_restrained_S_all                      ? 
_refine.ls_restrained_S_obs                      ? 
_refine.ls_shift_over_esd_max                    ? 
_refine.ls_shift_over_esd_mean                   ? 
_refine.ls_structure_factor_coef                 ? 
_refine.ls_weighting_details                     ? 
_refine.ls_weighting_scheme                      ? 
_refine.ls_wR_factor_all                         ? 
_refine.ls_wR_factor_obs                         ? 
_refine.ls_wR_factor_R_free                      ? 
_refine.ls_wR_factor_R_work                      ? 
_refine.occupancy_max                            ? 
_refine.occupancy_min                            ? 
_refine.solvent_model_details                    ? 
_refine.solvent_model_param_bsol                 ? 
_refine.solvent_model_param_ksol                 ? 
_refine.ls_R_factor_gt                           ? 
_refine.ls_goodness_of_fit_gt                    ? 
_refine.ls_goodness_of_fit_ref                   ? 
_refine.ls_shift_over_su_max                     ? 
_refine.ls_shift_over_su_max_lt                  ? 
_refine.ls_shift_over_su_mean                    ? 
_refine.ls_shift_over_su_mean_lt                 ? 
_refine.pdbx_ls_sigma_I                          ? 
_refine.pdbx_ls_sigma_F                          1.35 
_refine.pdbx_ls_sigma_Fsqd                       ? 
_refine.pdbx_data_cutoff_high_absF               ? 
_refine.pdbx_data_cutoff_high_rms_absF           ? 
_refine.pdbx_data_cutoff_low_absF                ? 
_refine.pdbx_isotropic_thermal_model             ? 
_refine.pdbx_ls_cross_valid_method               'FREE R-VALUE' 
_refine.pdbx_method_to_determine_struct          'MOLECULAR REPLACEMENT' 
_refine.pdbx_starting_model                      ? 
_refine.pdbx_stereochemistry_target_values       ? 
_refine.pdbx_R_Free_selection_details            ? 
_refine.pdbx_stereochem_target_val_spec_case     ? 
_refine.pdbx_overall_ESU_R                       ? 
_refine.pdbx_overall_ESU_R_Free                  ? 
_refine.pdbx_solvent_vdw_probe_radii             1.11 
_refine.pdbx_solvent_ion_probe_radii             ? 
_refine.pdbx_solvent_shrinkage_radii             0.90 
_refine.pdbx_real_space_R                        ? 
_refine.pdbx_density_correlation                 ? 
_refine.pdbx_pd_number_of_powder_patterns        ? 
_refine.pdbx_pd_number_of_points                 ? 
_refine.pdbx_pd_meas_number_of_points            ? 
_refine.pdbx_pd_proc_ls_prof_R_factor            ? 
_refine.pdbx_pd_proc_ls_prof_wR_factor           ? 
_refine.pdbx_pd_Marquardt_correlation_coeff      ? 
_refine.pdbx_pd_Fsqrd_R_factor                   ? 
_refine.pdbx_pd_ls_matrix_band_width             ? 
_refine.pdbx_overall_phase_error                 16.22 
_refine.pdbx_overall_SU_R_free_Cruickshank_DPI   ? 
_refine.pdbx_overall_SU_R_free_Blow_DPI          ? 
_refine.pdbx_overall_SU_R_Blow_DPI               ? 
_refine.pdbx_TLS_residual_ADP_flag               ? 
_refine.pdbx_diffrn_id                           1 
_refine.overall_SU_B                             ? 
_refine.overall_SU_ML                            0.10 
_refine.overall_SU_R_Cruickshank_DPI             ? 
_refine.overall_SU_R_free                        ? 
_refine.overall_FOM_free_R_set                   ? 
_refine.overall_FOM_work_R_set                   ? 
_refine.pdbx_average_fsc_overall                 ? 
_refine.pdbx_average_fsc_work                    ? 
_refine.pdbx_average_fsc_free                    ? 
# 
_refine_hist.pdbx_refine_id                   'X-RAY DIFFRACTION' 
_refine_hist.cycle_id                         LAST 
_refine_hist.pdbx_number_atoms_protein        1169 
_refine_hist.pdbx_number_atoms_nucleic_acid   0 
_refine_hist.pdbx_number_atoms_ligand         61 
_refine_hist.number_atoms_solvent             136 
_refine_hist.number_atoms_total               1366 
_refine_hist.d_res_high                       1.250 
_refine_hist.d_res_low                        30.920 
# 
loop_
_refine_ls_restr.pdbx_refine_id 
_refine_ls_restr.criterion 
_refine_ls_restr.dev_ideal 
_refine_ls_restr.dev_ideal_target 
_refine_ls_restr.number 
_refine_ls_restr.rejects 
_refine_ls_restr.type 
_refine_ls_restr.weight 
_refine_ls_restr.pdbx_restraint_function 
'X-RAY DIFFRACTION' ? 0.006  ? 1339 ? f_bond_d           ? ? 
'X-RAY DIFFRACTION' ? 0.958  ? 1849 ? f_angle_d          ? ? 
'X-RAY DIFFRACTION' ? 10.303 ? 746  ? f_dihedral_angle_d ? ? 
'X-RAY DIFFRACTION' ? 0.070  ? 187  ? f_chiral_restr     ? ? 
'X-RAY DIFFRACTION' ? 0.006  ? 222  ? f_plane_restr      ? ? 
# 
loop_
_refine_ls_shell.pdbx_refine_id 
_refine_ls_shell.d_res_high 
_refine_ls_shell.d_res_low 
_refine_ls_shell.number_reflns_all 
_refine_ls_shell.number_reflns_obs 
_refine_ls_shell.number_reflns_R_free 
_refine_ls_shell.number_reflns_R_work 
_refine_ls_shell.percent_reflns_obs 
_refine_ls_shell.percent_reflns_R_free 
_refine_ls_shell.R_factor_all 
_refine_ls_shell.R_factor_obs 
_refine_ls_shell.R_factor_R_free 
_refine_ls_shell.R_factor_R_free_error 
_refine_ls_shell.R_factor_R_work 
_refine_ls_shell.redundancy_reflns_all 
_refine_ls_shell.redundancy_reflns_obs 
_refine_ls_shell.wR_factor_all 
_refine_ls_shell.wR_factor_obs 
_refine_ls_shell.wR_factor_R_free 
_refine_ls_shell.wR_factor_R_work 
_refine_ls_shell.pdbx_total_number_of_bins_used 
_refine_ls_shell.pdbx_phase_error 
_refine_ls_shell.pdbx_fsc_work 
_refine_ls_shell.pdbx_fsc_free 
'X-RAY DIFFRACTION' 1.2500 1.2665  . . 136 2481 97.00  . . . 0.2418 . 0.2417 . . . . . . . . . . 
'X-RAY DIFFRACTION' 1.2665 1.2838  . . 119 2548 99.00  . . . 0.2009 . 0.2072 . . . . . . . . . . 
'X-RAY DIFFRACTION' 1.2838 1.3021  . . 88  2494 98.00  . . . 0.2508 . 0.1984 . . . . . . . . . . 
'X-RAY DIFFRACTION' 1.3021 1.3216  . . 160 2546 99.00  . . . 0.2225 . 0.1987 . . . . . . . . . . 
'X-RAY DIFFRACTION' 1.3216 1.3422  . . 122 2620 100.00 . . . 0.2203 . 0.1846 . . . . . . . . . . 
'X-RAY DIFFRACTION' 1.3422 1.3642  . . 123 2545 100.00 . . . 0.1814 . 0.1778 . . . . . . . . . . 
'X-RAY DIFFRACTION' 1.3642 1.3878  . . 140 2500 99.00  . . . 0.1912 . 0.1773 . . . . . . . . . . 
'X-RAY DIFFRACTION' 1.3878 1.4130  . . 167 2533 100.00 . . . 0.1765 . 0.1702 . . . . . . . . . . 
'X-RAY DIFFRACTION' 1.4130 1.4402  . . 133 2545 99.00  . . . 0.1716 . 0.1708 . . . . . . . . . . 
'X-RAY DIFFRACTION' 1.4402 1.4696  . . 163 2471 99.00  . . . 0.1912 . 0.1683 . . . . . . . . . . 
'X-RAY DIFFRACTION' 1.4696 1.5015  . . 133 2517 99.00  . . . 0.2094 . 0.1640 . . . . . . . . . . 
'X-RAY DIFFRACTION' 1.5015 1.5364  . . 146 2633 99.00  . . . 0.1854 . 0.1560 . . . . . . . . . . 
'X-RAY DIFFRACTION' 1.5364 1.5749  . . 177 2439 99.00  . . . 0.1679 . 0.1602 . . . . . . . . . . 
'X-RAY DIFFRACTION' 1.5749 1.6174  . . 156 2533 100.00 . . . 0.1790 . 0.1456 . . . . . . . . . . 
'X-RAY DIFFRACTION' 1.6174 1.6650  . . 97  2536 99.00  . . . 0.1503 . 0.1525 . . . . . . . . . . 
'X-RAY DIFFRACTION' 1.6650 1.7188  . . 98  2662 99.00  . . . 0.1793 . 0.1513 . . . . . . . . . . 
'X-RAY DIFFRACTION' 1.7188 1.7802  . . 135 2549 99.00  . . . 0.1904 . 0.1584 . . . . . . . . . . 
'X-RAY DIFFRACTION' 1.7802 1.8515  . . 93  2533 99.00  . . . 0.2090 . 0.1546 . . . . . . . . . . 
'X-RAY DIFFRACTION' 1.8515 1.9357  . . 160 2521 99.00  . . . 0.1700 . 0.1580 . . . . . . . . . . 
'X-RAY DIFFRACTION' 1.9357 2.0378  . . 122 2541 99.00  . . . 0.1762 . 0.1595 . . . . . . . . . . 
'X-RAY DIFFRACTION' 2.0378 2.1654  . . 156 2532 99.00  . . . 0.1642 . 0.1559 . . . . . . . . . . 
'X-RAY DIFFRACTION' 2.1654 2.3325  . . 133 2486 99.00  . . . 0.1566 . 0.1605 . . . . . . . . . . 
'X-RAY DIFFRACTION' 2.3325 2.5672  . . 151 2545 98.00  . . . 0.1522 . 0.1638 . . . . . . . . . . 
'X-RAY DIFFRACTION' 2.5672 2.9384  . . 150 2486 99.00  . . . 0.1727 . 0.1700 . . . . . . . . . . 
'X-RAY DIFFRACTION' 2.9384 3.7011  . . 147 2549 99.00  . . . 0.1550 . 0.1492 . . . . . . . . . . 
'X-RAY DIFFRACTION' 3.7011 30.9293 . . 167 2491 98.00  . . . 0.1628 . 0.1526 . . . . . . . . . . 
# 
_struct.entry_id                     5XL0 
_struct.title                        
'met-aquo form of sperm whale myoglobin reconstituted with 7-PF, a heme possesseing CF3 group as side chain' 
_struct.pdbx_model_details           ? 
_struct.pdbx_formula_weight          ? 
_struct.pdbx_formula_weight_method   ? 
_struct.pdbx_model_type_details      ? 
_struct.pdbx_CASP_flag               N 
# 
_struct_keywords.entry_id        5XL0 
_struct_keywords.text            
'sperm whale, myoglobin, Trifluoromethyl Group, fluorinated heme, heme orientational disorder, OXYGEN TRANSPORT' 
_struct_keywords.pdbx_keywords   'OXYGEN TRANSPORT' 
# 
loop_
_struct_asym.id 
_struct_asym.pdbx_blank_PDB_chainid_flag 
_struct_asym.pdbx_modified 
_struct_asym.entity_id 
_struct_asym.details 
A N N 1 ? 
B N N 2 ? 
C N N 3 ? 
D N N 3 ? 
E N N 3 ? 
F N N 4 ? 
# 
_struct_ref.id                         1 
_struct_ref.db_name                    UNP 
_struct_ref.db_code                    MYG_PHYCD 
_struct_ref.pdbx_db_accession          P02185 
_struct_ref.pdbx_db_isoform            ? 
_struct_ref.entity_id                  1 
_struct_ref.pdbx_seq_one_letter_code   
;VLSEGEWQLVLHVWAKVEADVAGHGQDILIRLFKSHPETLEKFDRFKHLKTEAEMKASEDLKKHGVTVLTALGAILKKKG
HHEAELKPLAQSHATKHKIPIKYLEFISEAIIHVLHSRHPGDFGADAQGAMNKALELFRKDIAAKYKELGY
;
_struct_ref.pdbx_align_begin           2 
# 
_struct_ref_seq.align_id                      1 
_struct_ref_seq.ref_id                        1 
_struct_ref_seq.pdbx_PDB_id_code              5XL0 
_struct_ref_seq.pdbx_strand_id                A 
_struct_ref_seq.seq_align_beg                 1 
_struct_ref_seq.pdbx_seq_align_beg_ins_code   ? 
_struct_ref_seq.seq_align_end                 151 
_struct_ref_seq.pdbx_seq_align_end_ins_code   ? 
_struct_ref_seq.pdbx_db_accession             P02185 
_struct_ref_seq.db_align_beg                  2 
_struct_ref_seq.pdbx_db_align_beg_ins_code    ? 
_struct_ref_seq.db_align_end                  152 
_struct_ref_seq.pdbx_db_align_end_ins_code    ? 
_struct_ref_seq.pdbx_auth_seq_align_beg       1 
_struct_ref_seq.pdbx_auth_seq_align_end       151 
# 
_pdbx_struct_assembly.id                   1 
_pdbx_struct_assembly.details              author_and_software_defined_assembly 
_pdbx_struct_assembly.method_details       PISA 
_pdbx_struct_assembly.oligomeric_details   monomeric 
_pdbx_struct_assembly.oligomeric_count     1 
# 
loop_
_pdbx_struct_assembly_prop.biol_id 
_pdbx_struct_assembly_prop.type 
_pdbx_struct_assembly_prop.value 
_pdbx_struct_assembly_prop.details 
1 'ABSA (A^2)' 190  ? 
1 MORE         -15  ? 
1 'SSA (A^2)'  7380 ? 
# 
_pdbx_struct_assembly_gen.assembly_id       1 
_pdbx_struct_assembly_gen.oper_expression   1 
_pdbx_struct_assembly_gen.asym_id_list      A,B,C,D,E,F 
# 
_pdbx_struct_assembly_auth_evidence.id                     1 
_pdbx_struct_assembly_auth_evidence.assembly_id            1 
_pdbx_struct_assembly_auth_evidence.experimental_support   none 
_pdbx_struct_assembly_auth_evidence.details                ? 
# 
_pdbx_struct_oper_list.id                   1 
_pdbx_struct_oper_list.type                 'identity operation' 
_pdbx_struct_oper_list.name                 1_555 
_pdbx_struct_oper_list.symmetry_operation   x,y,z 
_pdbx_struct_oper_list.matrix[1][1]         1.0000000000 
_pdbx_struct_oper_list.matrix[1][2]         0.0000000000 
_pdbx_struct_oper_list.matrix[1][3]         0.0000000000 
_pdbx_struct_oper_list.vector[1]            0.0000000000 
_pdbx_struct_oper_list.matrix[2][1]         0.0000000000 
_pdbx_struct_oper_list.matrix[2][2]         1.0000000000 
_pdbx_struct_oper_list.matrix[2][3]         0.0000000000 
_pdbx_struct_oper_list.vector[2]            0.0000000000 
_pdbx_struct_oper_list.matrix[3][1]         0.0000000000 
_pdbx_struct_oper_list.matrix[3][2]         0.0000000000 
_pdbx_struct_oper_list.matrix[3][3]         1.0000000000 
_pdbx_struct_oper_list.vector[3]            0.0000000000 
# 
loop_
_struct_conf.conf_type_id 
_struct_conf.id 
_struct_conf.pdbx_PDB_helix_id 
_struct_conf.beg_label_comp_id 
_struct_conf.beg_label_asym_id 
_struct_conf.beg_label_seq_id 
_struct_conf.pdbx_beg_PDB_ins_code 
_struct_conf.end_label_comp_id 
_struct_conf.end_label_asym_id 
_struct_conf.end_label_seq_id 
_struct_conf.pdbx_end_PDB_ins_code 
_struct_conf.beg_auth_comp_id 
_struct_conf.beg_auth_asym_id 
_struct_conf.beg_auth_seq_id 
_struct_conf.end_auth_comp_id 
_struct_conf.end_auth_asym_id 
_struct_conf.end_auth_seq_id 
_struct_conf.pdbx_PDB_helix_class 
_struct_conf.details 
_struct_conf.pdbx_PDB_helix_length 
HELX_P HELX_P1 AA1 SER A 3   ? GLU A 18  ? SER A 3   GLU A 18  1 ? 16 
HELX_P HELX_P2 AA2 ASP A 20  ? HIS A 36  ? ASP A 20  HIS A 36  1 ? 17 
HELX_P HELX_P3 AA3 HIS A 36  ? LYS A 42  ? HIS A 36  LYS A 42  1 ? 7  
HELX_P HELX_P4 AA4 THR A 51  ? SER A 58  ? THR A 51  SER A 58  1 ? 8  
HELX_P HELX_P5 AA5 SER A 58  ? LYS A 78  ? SER A 58  LYS A 78  1 ? 21 
HELX_P HELX_P6 AA6 HIS A 82  ? LYS A 96  ? HIS A 82  LYS A 96  1 ? 15 
HELX_P HELX_P7 AA7 PRO A 100 ? HIS A 119 ? PRO A 100 HIS A 119 1 ? 20 
HELX_P HELX_P8 AA8 PRO A 120 ? PHE A 123 ? PRO A 120 PHE A 123 5 ? 4  
HELX_P HELX_P9 AA9 GLY A 124 ? LEU A 149 ? GLY A 124 LEU A 149 1 ? 26 
# 
_struct_conf_type.id          HELX_P 
_struct_conf_type.criteria    ? 
_struct_conf_type.reference   ? 
# 
loop_
_struct_conn.id 
_struct_conn.conn_type_id 
_struct_conn.pdbx_leaving_atom_flag 
_struct_conn.pdbx_PDB_id 
_struct_conn.ptnr1_label_asym_id 
_struct_conn.ptnr1_label_comp_id 
_struct_conn.ptnr1_label_seq_id 
_struct_conn.ptnr1_label_atom_id 
_struct_conn.pdbx_ptnr1_label_alt_id 
_struct_conn.pdbx_ptnr1_PDB_ins_code 
_struct_conn.pdbx_ptnr1_standard_comp_id 
_struct_conn.ptnr1_symmetry 
_struct_conn.ptnr2_label_asym_id 
_struct_conn.ptnr2_label_comp_id 
_struct_conn.ptnr2_label_seq_id 
_struct_conn.ptnr2_label_atom_id 
_struct_conn.pdbx_ptnr2_label_alt_id 
_struct_conn.pdbx_ptnr2_PDB_ins_code 
_struct_conn.ptnr1_auth_asym_id 
_struct_conn.ptnr1_auth_comp_id 
_struct_conn.ptnr1_auth_seq_id 
_struct_conn.ptnr2_auth_asym_id 
_struct_conn.ptnr2_auth_comp_id 
_struct_conn.ptnr2_auth_seq_id 
_struct_conn.ptnr2_symmetry 
_struct_conn.pdbx_ptnr3_label_atom_id 
_struct_conn.pdbx_ptnr3_label_seq_id 
_struct_conn.pdbx_ptnr3_label_comp_id 
_struct_conn.pdbx_ptnr3_label_asym_id 
_struct_conn.pdbx_ptnr3_label_alt_id 
_struct_conn.pdbx_ptnr3_PDB_ins_code 
_struct_conn.details 
_struct_conn.pdbx_dist_value 
_struct_conn.pdbx_value_order 
_struct_conn.pdbx_role 
metalc1 metalc ? ? A HIS 93 NE2 ? ? ? 1_555 B 89R . FE A ? A HIS 93  A 89R 201 1_555 ? ? ? ? ? ? ? 2.166 ? ? 
metalc2 metalc ? ? A HIS 93 NE2 ? ? ? 1_555 B 89R . FE B ? A HIS 93  A 89R 201 1_555 ? ? ? ? ? ? ? 2.152 ? ? 
metalc3 metalc ? ? B 89R .  FE  A ? ? 1_555 F HOH . O  ? ? A 89R 201 A HOH 322 1_555 ? ? ? ? ? ? ? 2.169 ? ? 
metalc4 metalc ? ? B 89R .  FE  B ? ? 1_555 F HOH . O  ? ? A 89R 201 A HOH 322 1_555 ? ? ? ? ? ? ? 2.190 ? ? 
# 
_struct_conn_type.id          metalc 
_struct_conn_type.criteria    ? 
_struct_conn_type.reference   ? 
# 
loop_
_pdbx_struct_conn_angle.id 
_pdbx_struct_conn_angle.ptnr1_label_atom_id 
_pdbx_struct_conn_angle.ptnr1_label_alt_id 
_pdbx_struct_conn_angle.ptnr1_label_asym_id 
_pdbx_struct_conn_angle.ptnr1_label_comp_id 
_pdbx_struct_conn_angle.ptnr1_label_seq_id 
_pdbx_struct_conn_angle.ptnr1_auth_atom_id 
_pdbx_struct_conn_angle.ptnr1_auth_asym_id 
_pdbx_struct_conn_angle.ptnr1_auth_comp_id 
_pdbx_struct_conn_angle.ptnr1_auth_seq_id 
_pdbx_struct_conn_angle.ptnr1_PDB_ins_code 
_pdbx_struct_conn_angle.ptnr1_symmetry 
_pdbx_struct_conn_angle.ptnr2_label_atom_id 
_pdbx_struct_conn_angle.ptnr2_label_alt_id 
_pdbx_struct_conn_angle.ptnr2_label_asym_id 
_pdbx_struct_conn_angle.ptnr2_label_comp_id 
_pdbx_struct_conn_angle.ptnr2_label_seq_id 
_pdbx_struct_conn_angle.ptnr2_auth_atom_id 
_pdbx_struct_conn_angle.ptnr2_auth_asym_id 
_pdbx_struct_conn_angle.ptnr2_auth_comp_id 
_pdbx_struct_conn_angle.ptnr2_auth_seq_id 
_pdbx_struct_conn_angle.ptnr2_PDB_ins_code 
_pdbx_struct_conn_angle.ptnr2_symmetry 
_pdbx_struct_conn_angle.ptnr3_label_atom_id 
_pdbx_struct_conn_angle.ptnr3_label_alt_id 
_pdbx_struct_conn_angle.ptnr3_label_asym_id 
_pdbx_struct_conn_angle.ptnr3_label_comp_id 
_pdbx_struct_conn_angle.ptnr3_label_seq_id 
_pdbx_struct_conn_angle.ptnr3_auth_atom_id 
_pdbx_struct_conn_angle.ptnr3_auth_asym_id 
_pdbx_struct_conn_angle.ptnr3_auth_comp_id 
_pdbx_struct_conn_angle.ptnr3_auth_seq_id 
_pdbx_struct_conn_angle.ptnr3_PDB_ins_code 
_pdbx_struct_conn_angle.ptnr3_symmetry 
_pdbx_struct_conn_angle.value 
_pdbx_struct_conn_angle.value_esd 
1  NE2 ? A HIS 93 ? A HIS 93  ? 1_555 FE A B 89R . ? A 89R 201 ? 1_555 N  A B 89R . ? A 89R 201 ? 1_555 87.0  ? 
2  NE2 ? A HIS 93 ? A HIS 93  ? 1_555 FE A B 89R . ? A 89R 201 ? 1_555 N3 A B 89R . ? A 89R 201 ? 1_555 89.5  ? 
3  N   A B 89R .  ? A 89R 201 ? 1_555 FE A B 89R . ? A 89R 201 ? 1_555 N3 A B 89R . ? A 89R 201 ? 1_555 89.8  ? 
4  NE2 ? A HIS 93 ? A HIS 93  ? 1_555 FE A B 89R . ? A 89R 201 ? 1_555 N1 A B 89R . ? A 89R 201 ? 1_555 94.4  ? 
5  N   A B 89R .  ? A 89R 201 ? 1_555 FE A B 89R . ? A 89R 201 ? 1_555 N1 A B 89R . ? A 89R 201 ? 1_555 89.1  ? 
6  N3  A B 89R .  ? A 89R 201 ? 1_555 FE A B 89R . ? A 89R 201 ? 1_555 N1 A B 89R . ? A 89R 201 ? 1_555 175.8 ? 
7  NE2 ? A HIS 93 ? A HIS 93  ? 1_555 FE A B 89R . ? A 89R 201 ? 1_555 N2 A B 89R . ? A 89R 201 ? 1_555 96.7  ? 
8  N   A B 89R .  ? A 89R 201 ? 1_555 FE A B 89R . ? A 89R 201 ? 1_555 N2 A B 89R . ? A 89R 201 ? 1_555 176.3 ? 
9  N3  A B 89R .  ? A 89R 201 ? 1_555 FE A B 89R . ? A 89R 201 ? 1_555 N2 A B 89R . ? A 89R 201 ? 1_555 90.3  ? 
10 N1  A B 89R .  ? A 89R 201 ? 1_555 FE A B 89R . ? A 89R 201 ? 1_555 N2 A B 89R . ? A 89R 201 ? 1_555 90.5  ? 
11 NE2 ? A HIS 93 ? A HIS 93  ? 1_555 FE A B 89R . ? A 89R 201 ? 1_555 O  ? F HOH . ? A HOH 322 ? 1_555 171.6 ? 
12 N   A B 89R .  ? A 89R 201 ? 1_555 FE A B 89R . ? A 89R 201 ? 1_555 O  ? F HOH . ? A HOH 322 ? 1_555 87.9  ? 
13 N3  A B 89R .  ? A 89R 201 ? 1_555 FE A B 89R . ? A 89R 201 ? 1_555 O  ? F HOH . ? A HOH 322 ? 1_555 83.8  ? 
14 N1  A B 89R .  ? A 89R 201 ? 1_555 FE A B 89R . ? A 89R 201 ? 1_555 O  ? F HOH . ? A HOH 322 ? 1_555 92.1  ? 
15 N2  A B 89R .  ? A 89R 201 ? 1_555 FE A B 89R . ? A 89R 201 ? 1_555 O  ? F HOH . ? A HOH 322 ? 1_555 88.4  ? 
16 NE2 ? A HIS 93 ? A HIS 93  ? 1_555 FE B B 89R . ? A 89R 201 ? 1_555 N  A B 89R . ? A 89R 201 ? 1_555 95.2  ? 
17 NE2 ? A HIS 93 ? A HIS 93  ? 1_555 FE B B 89R . ? A 89R 201 ? 1_555 N3 A B 89R . ? A 89R 201 ? 1_555 93.8  ? 
18 N   A B 89R .  ? A 89R 201 ? 1_555 FE B B 89R . ? A 89R 201 ? 1_555 N3 A B 89R . ? A 89R 201 ? 1_555 104.1 ? 
19 NE2 ? A HIS 93 ? A HIS 93  ? 1_555 FE B B 89R . ? A 89R 201 ? 1_555 N1 A B 89R . ? A 89R 201 ? 1_555 89.9  ? 
20 N   A B 89R .  ? A 89R 201 ? 1_555 FE B B 89R . ? A 89R 201 ? 1_555 N1 A B 89R . ? A 89R 201 ? 1_555 91.5  ? 
21 N3  A B 89R .  ? A 89R 201 ? 1_555 FE B B 89R . ? A 89R 201 ? 1_555 N1 A B 89R . ? A 89R 201 ? 1_555 163.6 ? 
22 NE2 ? A HIS 93 ? A HIS 93  ? 1_555 FE B B 89R . ? A 89R 201 ? 1_555 N2 A B 89R . ? A 89R 201 ? 1_555 88.7  ? 
23 N   A B 89R .  ? A 89R 201 ? 1_555 FE B B 89R . ? A 89R 201 ? 1_555 N2 A B 89R . ? A 89R 201 ? 1_555 169.6 ? 
24 N3  A B 89R .  ? A 89R 201 ? 1_555 FE B B 89R . ? A 89R 201 ? 1_555 N2 A B 89R . ? A 89R 201 ? 1_555 85.3  ? 
25 N1  A B 89R .  ? A 89R 201 ? 1_555 FE B B 89R . ? A 89R 201 ? 1_555 N2 A B 89R . ? A 89R 201 ? 1_555 78.9  ? 
26 NE2 ? A HIS 93 ? A HIS 93  ? 1_555 FE B B 89R . ? A 89R 201 ? 1_555 O  ? F HOH . ? A HOH 322 ? 1_555 169.3 ? 
27 N   A B 89R .  ? A 89R 201 ? 1_555 FE B B 89R . ? A 89R 201 ? 1_555 O  ? F HOH . ? A HOH 322 ? 1_555 95.1  ? 
28 N3  A B 89R .  ? A 89R 201 ? 1_555 FE B B 89R . ? A 89R 201 ? 1_555 O  ? F HOH . ? A HOH 322 ? 1_555 86.5  ? 
29 N1  A B 89R .  ? A 89R 201 ? 1_555 FE B B 89R . ? A 89R 201 ? 1_555 O  ? F HOH . ? A HOH 322 ? 1_555 86.9  ? 
30 N2  A B 89R .  ? A 89R 201 ? 1_555 FE B B 89R . ? A 89R 201 ? 1_555 O  ? F HOH . ? A HOH 322 ? 1_555 80.7  ? 
# 
loop_
_struct_site.id 
_struct_site.pdbx_evidence_code 
_struct_site.pdbx_auth_asym_id 
_struct_site.pdbx_auth_comp_id 
_struct_site.pdbx_auth_seq_id 
_struct_site.pdbx_auth_ins_code 
_struct_site.pdbx_num_residues 
_struct_site.details 
AC1 Software A 89R 201 ? 25 'binding site for residue 89R A 201' 
AC2 Software A SO4 202 ? 7  'binding site for residue SO4 A 202' 
AC3 Software A SO4 203 ? 4  'binding site for residue SO4 A 203' 
AC4 Software A SO4 204 ? 6  'binding site for residue SO4 A 204' 
# 
loop_
_struct_site_gen.id 
_struct_site_gen.site_id 
_struct_site_gen.pdbx_num_res 
_struct_site_gen.label_comp_id 
_struct_site_gen.label_asym_id 
_struct_site_gen.label_seq_id 
_struct_site_gen.pdbx_auth_ins_code 
_struct_site_gen.auth_comp_id 
_struct_site_gen.auth_asym_id 
_struct_site_gen.auth_seq_id 
_struct_site_gen.label_atom_id 
_struct_site_gen.label_alt_id 
_struct_site_gen.symmetry 
_struct_site_gen.details 
1  AC1 25 LEU A 32  ? LEU A 32  . ? 1_555 ? 
2  AC1 25 THR A 39  ? THR A 39  . ? 1_555 ? 
3  AC1 25 LYS A 42  ? LYS A 42  . ? 1_555 ? 
4  AC1 25 PHE A 43  ? PHE A 43  . ? 1_555 ? 
5  AC1 25 ARG A 45  ? ARG A 45  . ? 1_555 ? 
6  AC1 25 HIS A 64  ? HIS A 64  . ? 1_555 ? 
7  AC1 25 THR A 67  ? THR A 67  . ? 1_555 ? 
8  AC1 25 VAL A 68  ? VAL A 68  . ? 1_555 ? 
9  AC1 25 LEU A 89  ? LEU A 89  . ? 1_555 ? 
10 AC1 25 SER A 92  ? SER A 92  . ? 1_555 ? 
11 AC1 25 HIS A 93  ? HIS A 93  . ? 1_555 ? 
12 AC1 25 HIS A 97  ? HIS A 97  . ? 1_555 ? 
13 AC1 25 ILE A 99  ? ILE A 99  . ? 1_555 ? 
14 AC1 25 TYR A 103 ? TYR A 103 . ? 1_555 ? 
15 AC1 25 LEU A 104 ? LEU A 104 . ? 1_555 ? 
16 AC1 25 ILE A 107 ? ILE A 107 . ? 1_555 ? 
17 AC1 25 PHE A 138 ? PHE A 138 . ? 1_555 ? 
18 AC1 25 HOH F .   ? HOH A 303 . ? 1_555 ? 
19 AC1 25 HOH F .   ? HOH A 305 . ? 1_555 ? 
20 AC1 25 HOH F .   ? HOH A 308 . ? 1_555 ? 
21 AC1 25 HOH F .   ? HOH A 314 . ? 1_555 ? 
22 AC1 25 HOH F .   ? HOH A 319 . ? 1_555 ? 
23 AC1 25 HOH F .   ? HOH A 322 . ? 1_555 ? 
24 AC1 25 HOH F .   ? HOH A 325 . ? 1_555 ? 
25 AC1 25 HOH F .   ? HOH A 359 . ? 1_555 ? 
26 AC2 7  THR A 51  ? THR A 51  . ? 1_555 ? 
27 AC2 7  GLU A 52  ? GLU A 52  . ? 1_555 ? 
28 AC2 7  HOH F .   ? HOH A 320 . ? 1_555 ? 
29 AC2 7  HOH F .   ? HOH A 331 . ? 1_555 ? 
30 AC2 7  HOH F .   ? HOH A 367 . ? 1_555 ? 
31 AC2 7  HOH F .   ? HOH A 382 . ? 1_555 ? 
32 AC2 7  HOH F .   ? HOH A 404 . ? 1_455 ? 
33 AC3 4  GLN A 26  ? GLN A 26  . ? 1_555 ? 
34 AC3 4  LYS A 62  ? LYS A 62  . ? 1_555 ? 
35 AC3 4  HOH F .   ? HOH A 321 . ? 1_555 ? 
36 AC3 4  HOH F .   ? HOH A 345 . ? 1_555 ? 
37 AC4 6  ARG A 45  ? ARG A 45  . ? 1_555 ? 
38 AC4 6  HIS A 64  ? HIS A 64  . ? 1_555 ? 
39 AC4 6  THR A 67  ? THR A 67  . ? 1_555 ? 
40 AC4 6  HIS A 116 ? HIS A 116 . ? 1_565 ? 
41 AC4 6  HOH F .   ? HOH A 305 . ? 1_555 ? 
42 AC4 6  HOH F .   ? HOH A 377 . ? 1_565 ? 
# 
loop_
_pdbx_validate_torsion.id 
_pdbx_validate_torsion.PDB_model_num 
_pdbx_validate_torsion.auth_comp_id 
_pdbx_validate_torsion.auth_asym_id 
_pdbx_validate_torsion.auth_seq_id 
_pdbx_validate_torsion.PDB_ins_code 
_pdbx_validate_torsion.label_alt_id 
_pdbx_validate_torsion.phi 
_pdbx_validate_torsion.psi 
1 1 ASP A 20  ? ? -152.71 65.66 
2 1 LYS A 98  ? ? 63.99   63.37 
3 1 PHE A 123 ? ? -143.21 46.34 
# 
loop_
_chem_comp_atom.comp_id 
_chem_comp_atom.atom_id 
_chem_comp_atom.type_symbol 
_chem_comp_atom.pdbx_aromatic_flag 
_chem_comp_atom.pdbx_stereo_config 
_chem_comp_atom.pdbx_ordinal 
89R C1   C  N N 1   
89R C2   C  N N 2   
89R C15  C  N N 3   
89R C14  C  N N 4   
89R C7   C  N N 5   
89R C12  C  N N 6   
89R C10  C  N N 7   
89R C3   C  N N 8   
89R C13  C  N N 9   
89R C11  C  N N 10  
89R C6   C  N N 11  
89R C8   C  N N 12  
89R C5   C  N N 13  
89R C9   C  N N 14  
89R C4   C  N N 15  
89R O2   O  N N 16  
89R O3   O  N N 17  
89R O1   O  N N 18  
89R N    N  N N 19  
89R C    C  N N 20  
89R O    O  N N 21  
89R C16  C  Y N 22  
89R C17  C  Y N 23  
89R C18  C  Y N 24  
89R C19  C  Y N 25  
89R C20  C  N N 26  
89R C21  C  N N 27  
89R C22  C  N N 28  
89R C23  C  N N 29  
89R C24  C  N N 30  
89R C25  C  N N 31  
89R C26  C  N N 32  
89R C27  C  N N 33  
89R C28  C  N N 34  
89R C29  C  N N 35  
89R C30  C  N N 36  
89R C31  C  N N 37  
89R C32  C  N N 38  
89R C33  C  N N 39  
89R F    F  N N 40  
89R F1   F  N N 41  
89R F2   F  N N 42  
89R N1   N  N N 43  
89R N2   N  Y N 44  
89R N3   N  N N 45  
89R FE   FE N N 46  
89R H1   H  N N 47  
89R H2   H  N N 48  
89R H3   H  N N 49  
89R H4   H  N N 50  
89R H5   H  N N 51  
89R H6   H  N N 52  
89R H7   H  N N 53  
89R H8   H  N N 54  
89R H9   H  N N 55  
89R H10  H  N N 56  
89R H11  H  N N 57  
89R H12  H  N N 58  
89R H13  H  N N 59  
89R H14  H  N N 60  
89R H15  H  N N 61  
89R H16  H  N N 62  
89R H17  H  N N 63  
89R H18  H  N N 64  
89R H19  H  N N 65  
89R H20  H  N N 66  
89R H21  H  N N 67  
89R H22  H  N N 68  
89R H23  H  N N 69  
89R H24  H  N N 70  
89R H25  H  N N 71  
89R H26  H  N N 72  
89R H27  H  N N 73  
89R H28  H  N N 74  
89R H29  H  N N 75  
89R H30  H  N N 76  
89R H31  H  N N 77  
89R H32  H  N N 78  
89R H33  H  N N 79  
ALA N    N  N N 80  
ALA CA   C  N S 81  
ALA C    C  N N 82  
ALA O    O  N N 83  
ALA CB   C  N N 84  
ALA OXT  O  N N 85  
ALA H    H  N N 86  
ALA H2   H  N N 87  
ALA HA   H  N N 88  
ALA HB1  H  N N 89  
ALA HB2  H  N N 90  
ALA HB3  H  N N 91  
ALA HXT  H  N N 92  
ARG N    N  N N 93  
ARG CA   C  N S 94  
ARG C    C  N N 95  
ARG O    O  N N 96  
ARG CB   C  N N 97  
ARG CG   C  N N 98  
ARG CD   C  N N 99  
ARG NE   N  N N 100 
ARG CZ   C  N N 101 
ARG NH1  N  N N 102 
ARG NH2  N  N N 103 
ARG OXT  O  N N 104 
ARG H    H  N N 105 
ARG H2   H  N N 106 
ARG HA   H  N N 107 
ARG HB2  H  N N 108 
ARG HB3  H  N N 109 
ARG HG2  H  N N 110 
ARG HG3  H  N N 111 
ARG HD2  H  N N 112 
ARG HD3  H  N N 113 
ARG HE   H  N N 114 
ARG HH11 H  N N 115 
ARG HH12 H  N N 116 
ARG HH21 H  N N 117 
ARG HH22 H  N N 118 
ARG HXT  H  N N 119 
ASN N    N  N N 120 
ASN CA   C  N S 121 
ASN C    C  N N 122 
ASN O    O  N N 123 
ASN CB   C  N N 124 
ASN CG   C  N N 125 
ASN OD1  O  N N 126 
ASN ND2  N  N N 127 
ASN OXT  O  N N 128 
ASN H    H  N N 129 
ASN H2   H  N N 130 
ASN HA   H  N N 131 
ASN HB2  H  N N 132 
ASN HB3  H  N N 133 
ASN HD21 H  N N 134 
ASN HD22 H  N N 135 
ASN HXT  H  N N 136 
ASP N    N  N N 137 
ASP CA   C  N S 138 
ASP C    C  N N 139 
ASP O    O  N N 140 
ASP CB   C  N N 141 
ASP CG   C  N N 142 
ASP OD1  O  N N 143 
ASP OD2  O  N N 144 
ASP OXT  O  N N 145 
ASP H    H  N N 146 
ASP H2   H  N N 147 
ASP HA   H  N N 148 
ASP HB2  H  N N 149 
ASP HB3  H  N N 150 
ASP HD2  H  N N 151 
ASP HXT  H  N N 152 
GLN N    N  N N 153 
GLN CA   C  N S 154 
GLN C    C  N N 155 
GLN O    O  N N 156 
GLN CB   C  N N 157 
GLN CG   C  N N 158 
GLN CD   C  N N 159 
GLN OE1  O  N N 160 
GLN NE2  N  N N 161 
GLN OXT  O  N N 162 
GLN H    H  N N 163 
GLN H2   H  N N 164 
GLN HA   H  N N 165 
GLN HB2  H  N N 166 
GLN HB3  H  N N 167 
GLN HG2  H  N N 168 
GLN HG3  H  N N 169 
GLN HE21 H  N N 170 
GLN HE22 H  N N 171 
GLN HXT  H  N N 172 
GLU N    N  N N 173 
GLU CA   C  N S 174 
GLU C    C  N N 175 
GLU O    O  N N 176 
GLU CB   C  N N 177 
GLU CG   C  N N 178 
GLU CD   C  N N 179 
GLU OE1  O  N N 180 
GLU OE2  O  N N 181 
GLU OXT  O  N N 182 
GLU H    H  N N 183 
GLU H2   H  N N 184 
GLU HA   H  N N 185 
GLU HB2  H  N N 186 
GLU HB3  H  N N 187 
GLU HG2  H  N N 188 
GLU HG3  H  N N 189 
GLU HE2  H  N N 190 
GLU HXT  H  N N 191 
GLY N    N  N N 192 
GLY CA   C  N N 193 
GLY C    C  N N 194 
GLY O    O  N N 195 
GLY OXT  O  N N 196 
GLY H    H  N N 197 
GLY H2   H  N N 198 
GLY HA2  H  N N 199 
GLY HA3  H  N N 200 
GLY HXT  H  N N 201 
HIS N    N  N N 202 
HIS CA   C  N S 203 
HIS C    C  N N 204 
HIS O    O  N N 205 
HIS CB   C  N N 206 
HIS CG   C  Y N 207 
HIS ND1  N  Y N 208 
HIS CD2  C  Y N 209 
HIS CE1  C  Y N 210 
HIS NE2  N  Y N 211 
HIS OXT  O  N N 212 
HIS H    H  N N 213 
HIS H2   H  N N 214 
HIS HA   H  N N 215 
HIS HB2  H  N N 216 
HIS HB3  H  N N 217 
HIS HD1  H  N N 218 
HIS HD2  H  N N 219 
HIS HE1  H  N N 220 
HIS HE2  H  N N 221 
HIS HXT  H  N N 222 
HOH O    O  N N 223 
HOH H1   H  N N 224 
HOH H2   H  N N 225 
ILE N    N  N N 226 
ILE CA   C  N S 227 
ILE C    C  N N 228 
ILE O    O  N N 229 
ILE CB   C  N S 230 
ILE CG1  C  N N 231 
ILE CG2  C  N N 232 
ILE CD1  C  N N 233 
ILE OXT  O  N N 234 
ILE H    H  N N 235 
ILE H2   H  N N 236 
ILE HA   H  N N 237 
ILE HB   H  N N 238 
ILE HG12 H  N N 239 
ILE HG13 H  N N 240 
ILE HG21 H  N N 241 
ILE HG22 H  N N 242 
ILE HG23 H  N N 243 
ILE HD11 H  N N 244 
ILE HD12 H  N N 245 
ILE HD13 H  N N 246 
ILE HXT  H  N N 247 
LEU N    N  N N 248 
LEU CA   C  N S 249 
LEU C    C  N N 250 
LEU O    O  N N 251 
LEU CB   C  N N 252 
LEU CG   C  N N 253 
LEU CD1  C  N N 254 
LEU CD2  C  N N 255 
LEU OXT  O  N N 256 
LEU H    H  N N 257 
LEU H2   H  N N 258 
LEU HA   H  N N 259 
LEU HB2  H  N N 260 
LEU HB3  H  N N 261 
LEU HG   H  N N 262 
LEU HD11 H  N N 263 
LEU HD12 H  N N 264 
LEU HD13 H  N N 265 
LEU HD21 H  N N 266 
LEU HD22 H  N N 267 
LEU HD23 H  N N 268 
LEU HXT  H  N N 269 
LYS N    N  N N 270 
LYS CA   C  N S 271 
LYS C    C  N N 272 
LYS O    O  N N 273 
LYS CB   C  N N 274 
LYS CG   C  N N 275 
LYS CD   C  N N 276 
LYS CE   C  N N 277 
LYS NZ   N  N N 278 
LYS OXT  O  N N 279 
LYS H    H  N N 280 
LYS H2   H  N N 281 
LYS HA   H  N N 282 
LYS HB2  H  N N 283 
LYS HB3  H  N N 284 
LYS HG2  H  N N 285 
LYS HG3  H  N N 286 
LYS HD2  H  N N 287 
LYS HD3  H  N N 288 
LYS HE2  H  N N 289 
LYS HE3  H  N N 290 
LYS HZ1  H  N N 291 
LYS HZ2  H  N N 292 
LYS HZ3  H  N N 293 
LYS HXT  H  N N 294 
MET N    N  N N 295 
MET CA   C  N S 296 
MET C    C  N N 297 
MET O    O  N N 298 
MET CB   C  N N 299 
MET CG   C  N N 300 
MET SD   S  N N 301 
MET CE   C  N N 302 
MET OXT  O  N N 303 
MET H    H  N N 304 
MET H2   H  N N 305 
MET HA   H  N N 306 
MET HB2  H  N N 307 
MET HB3  H  N N 308 
MET HG2  H  N N 309 
MET HG3  H  N N 310 
MET HE1  H  N N 311 
MET HE2  H  N N 312 
MET HE3  H  N N 313 
MET HXT  H  N N 314 
PHE N    N  N N 315 
PHE CA   C  N S 316 
PHE C    C  N N 317 
PHE O    O  N N 318 
PHE CB   C  N N 319 
PHE CG   C  Y N 320 
PHE CD1  C  Y N 321 
PHE CD2  C  Y N 322 
PHE CE1  C  Y N 323 
PHE CE2  C  Y N 324 
PHE CZ   C  Y N 325 
PHE OXT  O  N N 326 
PHE H    H  N N 327 
PHE H2   H  N N 328 
PHE HA   H  N N 329 
PHE HB2  H  N N 330 
PHE HB3  H  N N 331 
PHE HD1  H  N N 332 
PHE HD2  H  N N 333 
PHE HE1  H  N N 334 
PHE HE2  H  N N 335 
PHE HZ   H  N N 336 
PHE HXT  H  N N 337 
PRO N    N  N N 338 
PRO CA   C  N S 339 
PRO C    C  N N 340 
PRO O    O  N N 341 
PRO CB   C  N N 342 
PRO CG   C  N N 343 
PRO CD   C  N N 344 
PRO OXT  O  N N 345 
PRO H    H  N N 346 
PRO HA   H  N N 347 
PRO HB2  H  N N 348 
PRO HB3  H  N N 349 
PRO HG2  H  N N 350 
PRO HG3  H  N N 351 
PRO HD2  H  N N 352 
PRO HD3  H  N N 353 
PRO HXT  H  N N 354 
SER N    N  N N 355 
SER CA   C  N S 356 
SER C    C  N N 357 
SER O    O  N N 358 
SER CB   C  N N 359 
SER OG   O  N N 360 
SER OXT  O  N N 361 
SER H    H  N N 362 
SER H2   H  N N 363 
SER HA   H  N N 364 
SER HB2  H  N N 365 
SER HB3  H  N N 366 
SER HG   H  N N 367 
SER HXT  H  N N 368 
SO4 S    S  N N 369 
SO4 O1   O  N N 370 
SO4 O2   O  N N 371 
SO4 O3   O  N N 372 
SO4 O4   O  N N 373 
THR N    N  N N 374 
THR CA   C  N S 375 
THR C    C  N N 376 
THR O    O  N N 377 
THR CB   C  N R 378 
THR OG1  O  N N 379 
THR CG2  C  N N 380 
THR OXT  O  N N 381 
THR H    H  N N 382 
THR H2   H  N N 383 
THR HA   H  N N 384 
THR HB   H  N N 385 
THR HG1  H  N N 386 
THR HG21 H  N N 387 
THR HG22 H  N N 388 
THR HG23 H  N N 389 
THR HXT  H  N N 390 
TRP N    N  N N 391 
TRP CA   C  N S 392 
TRP C    C  N N 393 
TRP O    O  N N 394 
TRP CB   C  N N 395 
TRP CG   C  Y N 396 
TRP CD1  C  Y N 397 
TRP CD2  C  Y N 398 
TRP NE1  N  Y N 399 
TRP CE2  C  Y N 400 
TRP CE3  C  Y N 401 
TRP CZ2  C  Y N 402 
TRP CZ3  C  Y N 403 
TRP CH2  C  Y N 404 
TRP OXT  O  N N 405 
TRP H    H  N N 406 
TRP H2   H  N N 407 
TRP HA   H  N N 408 
TRP HB2  H  N N 409 
TRP HB3  H  N N 410 
TRP HD1  H  N N 411 
TRP HE1  H  N N 412 
TRP HE3  H  N N 413 
TRP HZ2  H  N N 414 
TRP HZ3  H  N N 415 
TRP HH2  H  N N 416 
TRP HXT  H  N N 417 
TYR N    N  N N 418 
TYR CA   C  N S 419 
TYR C    C  N N 420 
TYR O    O  N N 421 
TYR CB   C  N N 422 
TYR CG   C  Y N 423 
TYR CD1  C  Y N 424 
TYR CD2  C  Y N 425 
TYR CE1  C  Y N 426 
TYR CE2  C  Y N 427 
TYR CZ   C  Y N 428 
TYR OH   O  N N 429 
TYR OXT  O  N N 430 
TYR H    H  N N 431 
TYR H2   H  N N 432 
TYR HA   H  N N 433 
TYR HB2  H  N N 434 
TYR HB3  H  N N 435 
TYR HD1  H  N N 436 
TYR HD2  H  N N 437 
TYR HE1  H  N N 438 
TYR HE2  H  N N 439 
TYR HH   H  N N 440 
TYR HXT  H  N N 441 
VAL N    N  N N 442 
VAL CA   C  N S 443 
VAL C    C  N N 444 
VAL O    O  N N 445 
VAL CB   C  N N 446 
VAL CG1  C  N N 447 
VAL CG2  C  N N 448 
VAL OXT  O  N N 449 
VAL H    H  N N 450 
VAL H2   H  N N 451 
VAL HA   H  N N 452 
VAL HB   H  N N 453 
VAL HG11 H  N N 454 
VAL HG12 H  N N 455 
VAL HG13 H  N N 456 
VAL HG21 H  N N 457 
VAL HG22 H  N N 458 
VAL HG23 H  N N 459 
VAL HXT  H  N N 460 
# 
loop_
_chem_comp_bond.comp_id 
_chem_comp_bond.atom_id_1 
_chem_comp_bond.atom_id_2 
_chem_comp_bond.value_order 
_chem_comp_bond.pdbx_aromatic_flag 
_chem_comp_bond.pdbx_stereo_config 
_chem_comp_bond.pdbx_ordinal 
89R O3  C27  doub N N 1   
89R C27 O2   sing N N 2   
89R C27 C26  sing N N 3   
89R C26 C25  sing N N 4   
89R C9  C5   sing N N 5   
89R C9  C10  sing N N 6   
89R C25 C22  sing N N 7   
89R C5  C6   doub N N 8   
89R C5  C4   sing N N 9   
89R C8  C6   sing N N 10  
89R C22 C23  sing N N 11  
89R C22 C21  doub N N 12  
89R C   C4   doub N N 13  
89R C   C23  sing N N 14  
89R C6  C7   sing N N 15  
89R C4  N    sing N N 16  
89R C24 C21  sing N N 17  
89R C23 N3   doub N N 18  
89R C21 C20  sing N N 19  
89R C10 C11  sing N N 20  
89R C7  N    sing N N 21  
89R C7  C1   doub N N 22  
89R N   FE   sing N N 23  
89R N3  C20  sing N N 24  
89R N3  FE   sing N N 25  
89R C20 C3   doub N N 26  
89R C1  C12  sing N N 27  
89R C3  C19  sing N N 28  
89R FE  N1   sing N N 29  
89R FE  N2   sing N N 30  
89R C12 N1   doub N N 31  
89R C12 C13  sing N N 32  
89R O   C11  doub N N 33  
89R C11 O1   sing N N 34  
89R C30 C13  sing N N 35  
89R C30 C31  sing N N 36  
89R N1  C15  sing N N 37  
89R C19 N2   sing Y N 38  
89R C19 C18  doub Y N 39  
89R N2  C16  sing Y N 40  
89R C13 C14  doub N N 41  
89R F2  C33  sing N N 42  
89R C29 C28  sing N N 43  
89R C18 C32  sing N N 44  
89R C18 C17  sing Y N 45  
89R C15 C14  sing N N 46  
89R C15 C2   doub N N 47  
89R C14 C33  sing N N 48  
89R C16 C17  doub Y N 49  
89R C16 C2   sing N N 50  
89R C17 C28  sing N N 51  
89R C33 F    sing N N 52  
89R C33 F1   sing N N 53  
89R C1  H1   sing N N 54  
89R C2  H2   sing N N 55  
89R C10 H3   sing N N 56  
89R C10 H4   sing N N 57  
89R C3  H5   sing N N 58  
89R C8  H6   sing N N 59  
89R C8  H7   sing N N 60  
89R C8  H8   sing N N 61  
89R C9  H9   sing N N 62  
89R C9  H10  sing N N 63  
89R O2  H11  sing N N 64  
89R O1  H12  sing N N 65  
89R C   H13  sing N N 66  
89R C24 H14  sing N N 67  
89R C24 H15  sing N N 68  
89R C24 H16  sing N N 69  
89R C25 H17  sing N N 70  
89R C25 H18  sing N N 71  
89R C26 H19  sing N N 72  
89R C26 H20  sing N N 73  
89R C28 H21  sing N N 74  
89R C28 H22  sing N N 75  
89R C29 H23  sing N N 76  
89R C29 H24  sing N N 77  
89R C29 H25  sing N N 78  
89R C30 H26  sing N N 79  
89R C30 H27  sing N N 80  
89R C31 H28  sing N N 81  
89R C31 H29  sing N N 82  
89R C31 H30  sing N N 83  
89R C32 H31  sing N N 84  
89R C32 H32  sing N N 85  
89R C32 H33  sing N N 86  
ALA N   CA   sing N N 87  
ALA N   H    sing N N 88  
ALA N   H2   sing N N 89  
ALA CA  C    sing N N 90  
ALA CA  CB   sing N N 91  
ALA CA  HA   sing N N 92  
ALA C   O    doub N N 93  
ALA C   OXT  sing N N 94  
ALA CB  HB1  sing N N 95  
ALA CB  HB2  sing N N 96  
ALA CB  HB3  sing N N 97  
ALA OXT HXT  sing N N 98  
ARG N   CA   sing N N 99  
ARG N   H    sing N N 100 
ARG N   H2   sing N N 101 
ARG CA  C    sing N N 102 
ARG CA  CB   sing N N 103 
ARG CA  HA   sing N N 104 
ARG C   O    doub N N 105 
ARG C   OXT  sing N N 106 
ARG CB  CG   sing N N 107 
ARG CB  HB2  sing N N 108 
ARG CB  HB3  sing N N 109 
ARG CG  CD   sing N N 110 
ARG CG  HG2  sing N N 111 
ARG CG  HG3  sing N N 112 
ARG CD  NE   sing N N 113 
ARG CD  HD2  sing N N 114 
ARG CD  HD3  sing N N 115 
ARG NE  CZ   sing N N 116 
ARG NE  HE   sing N N 117 
ARG CZ  NH1  sing N N 118 
ARG CZ  NH2  doub N N 119 
ARG NH1 HH11 sing N N 120 
ARG NH1 HH12 sing N N 121 
ARG NH2 HH21 sing N N 122 
ARG NH2 HH22 sing N N 123 
ARG OXT HXT  sing N N 124 
ASN N   CA   sing N N 125 
ASN N   H    sing N N 126 
ASN N   H2   sing N N 127 
ASN CA  C    sing N N 128 
ASN CA  CB   sing N N 129 
ASN CA  HA   sing N N 130 
ASN C   O    doub N N 131 
ASN C   OXT  sing N N 132 
ASN CB  CG   sing N N 133 
ASN CB  HB2  sing N N 134 
ASN CB  HB3  sing N N 135 
ASN CG  OD1  doub N N 136 
ASN CG  ND2  sing N N 137 
ASN ND2 HD21 sing N N 138 
ASN ND2 HD22 sing N N 139 
ASN OXT HXT  sing N N 140 
ASP N   CA   sing N N 141 
ASP N   H    sing N N 142 
ASP N   H2   sing N N 143 
ASP CA  C    sing N N 144 
ASP CA  CB   sing N N 145 
ASP CA  HA   sing N N 146 
ASP C   O    doub N N 147 
ASP C   OXT  sing N N 148 
ASP CB  CG   sing N N 149 
ASP CB  HB2  sing N N 150 
ASP CB  HB3  sing N N 151 
ASP CG  OD1  doub N N 152 
ASP CG  OD2  sing N N 153 
ASP OD2 HD2  sing N N 154 
ASP OXT HXT  sing N N 155 
GLN N   CA   sing N N 156 
GLN N   H    sing N N 157 
GLN N   H2   sing N N 158 
GLN CA  C    sing N N 159 
GLN CA  CB   sing N N 160 
GLN CA  HA   sing N N 161 
GLN C   O    doub N N 162 
GLN C   OXT  sing N N 163 
GLN CB  CG   sing N N 164 
GLN CB  HB2  sing N N 165 
GLN CB  HB3  sing N N 166 
GLN CG  CD   sing N N 167 
GLN CG  HG2  sing N N 168 
GLN CG  HG3  sing N N 169 
GLN CD  OE1  doub N N 170 
GLN CD  NE2  sing N N 171 
GLN NE2 HE21 sing N N 172 
GLN NE2 HE22 sing N N 173 
GLN OXT HXT  sing N N 174 
GLU N   CA   sing N N 175 
GLU N   H    sing N N 176 
GLU N   H2   sing N N 177 
GLU CA  C    sing N N 178 
GLU CA  CB   sing N N 179 
GLU CA  HA   sing N N 180 
GLU C   O    doub N N 181 
GLU C   OXT  sing N N 182 
GLU CB  CG   sing N N 183 
GLU CB  HB2  sing N N 184 
GLU CB  HB3  sing N N 185 
GLU CG  CD   sing N N 186 
GLU CG  HG2  sing N N 187 
GLU CG  HG3  sing N N 188 
GLU CD  OE1  doub N N 189 
GLU CD  OE2  sing N N 190 
GLU OE2 HE2  sing N N 191 
GLU OXT HXT  sing N N 192 
GLY N   CA   sing N N 193 
GLY N   H    sing N N 194 
GLY N   H2   sing N N 195 
GLY CA  C    sing N N 196 
GLY CA  HA2  sing N N 197 
GLY CA  HA3  sing N N 198 
GLY C   O    doub N N 199 
GLY C   OXT  sing N N 200 
GLY OXT HXT  sing N N 201 
HIS N   CA   sing N N 202 
HIS N   H    sing N N 203 
HIS N   H2   sing N N 204 
HIS CA  C    sing N N 205 
HIS CA  CB   sing N N 206 
HIS CA  HA   sing N N 207 
HIS C   O    doub N N 208 
HIS C   OXT  sing N N 209 
HIS CB  CG   sing N N 210 
HIS CB  HB2  sing N N 211 
HIS CB  HB3  sing N N 212 
HIS CG  ND1  sing Y N 213 
HIS CG  CD2  doub Y N 214 
HIS ND1 CE1  doub Y N 215 
HIS ND1 HD1  sing N N 216 
HIS CD2 NE2  sing Y N 217 
HIS CD2 HD2  sing N N 218 
HIS CE1 NE2  sing Y N 219 
HIS CE1 HE1  sing N N 220 
HIS NE2 HE2  sing N N 221 
HIS OXT HXT  sing N N 222 
HOH O   H1   sing N N 223 
HOH O   H2   sing N N 224 
ILE N   CA   sing N N 225 
ILE N   H    sing N N 226 
ILE N   H2   sing N N 227 
ILE CA  C    sing N N 228 
ILE CA  CB   sing N N 229 
ILE CA  HA   sing N N 230 
ILE C   O    doub N N 231 
ILE C   OXT  sing N N 232 
ILE CB  CG1  sing N N 233 
ILE CB  CG2  sing N N 234 
ILE CB  HB   sing N N 235 
ILE CG1 CD1  sing N N 236 
ILE CG1 HG12 sing N N 237 
ILE CG1 HG13 sing N N 238 
ILE CG2 HG21 sing N N 239 
ILE CG2 HG22 sing N N 240 
ILE CG2 HG23 sing N N 241 
ILE CD1 HD11 sing N N 242 
ILE CD1 HD12 sing N N 243 
ILE CD1 HD13 sing N N 244 
ILE OXT HXT  sing N N 245 
LEU N   CA   sing N N 246 
LEU N   H    sing N N 247 
LEU N   H2   sing N N 248 
LEU CA  C    sing N N 249 
LEU CA  CB   sing N N 250 
LEU CA  HA   sing N N 251 
LEU C   O    doub N N 252 
LEU C   OXT  sing N N 253 
LEU CB  CG   sing N N 254 
LEU CB  HB2  sing N N 255 
LEU CB  HB3  sing N N 256 
LEU CG  CD1  sing N N 257 
LEU CG  CD2  sing N N 258 
LEU CG  HG   sing N N 259 
LEU CD1 HD11 sing N N 260 
LEU CD1 HD12 sing N N 261 
LEU CD1 HD13 sing N N 262 
LEU CD2 HD21 sing N N 263 
LEU CD2 HD22 sing N N 264 
LEU CD2 HD23 sing N N 265 
LEU OXT HXT  sing N N 266 
LYS N   CA   sing N N 267 
LYS N   H    sing N N 268 
LYS N   H2   sing N N 269 
LYS CA  C    sing N N 270 
LYS CA  CB   sing N N 271 
LYS CA  HA   sing N N 272 
LYS C   O    doub N N 273 
LYS C   OXT  sing N N 274 
LYS CB  CG   sing N N 275 
LYS CB  HB2  sing N N 276 
LYS CB  HB3  sing N N 277 
LYS CG  CD   sing N N 278 
LYS CG  HG2  sing N N 279 
LYS CG  HG3  sing N N 280 
LYS CD  CE   sing N N 281 
LYS CD  HD2  sing N N 282 
LYS CD  HD3  sing N N 283 
LYS CE  NZ   sing N N 284 
LYS CE  HE2  sing N N 285 
LYS CE  HE3  sing N N 286 
LYS NZ  HZ1  sing N N 287 
LYS NZ  HZ2  sing N N 288 
LYS NZ  HZ3  sing N N 289 
LYS OXT HXT  sing N N 290 
MET N   CA   sing N N 291 
MET N   H    sing N N 292 
MET N   H2   sing N N 293 
MET CA  C    sing N N 294 
MET CA  CB   sing N N 295 
MET CA  HA   sing N N 296 
MET C   O    doub N N 297 
MET C   OXT  sing N N 298 
MET CB  CG   sing N N 299 
MET CB  HB2  sing N N 300 
MET CB  HB3  sing N N 301 
MET CG  SD   sing N N 302 
MET CG  HG2  sing N N 303 
MET CG  HG3  sing N N 304 
MET SD  CE   sing N N 305 
MET CE  HE1  sing N N 306 
MET CE  HE2  sing N N 307 
MET CE  HE3  sing N N 308 
MET OXT HXT  sing N N 309 
PHE N   CA   sing N N 310 
PHE N   H    sing N N 311 
PHE N   H2   sing N N 312 
PHE CA  C    sing N N 313 
PHE CA  CB   sing N N 314 
PHE CA  HA   sing N N 315 
PHE C   O    doub N N 316 
PHE C   OXT  sing N N 317 
PHE CB  CG   sing N N 318 
PHE CB  HB2  sing N N 319 
PHE CB  HB3  sing N N 320 
PHE CG  CD1  doub Y N 321 
PHE CG  CD2  sing Y N 322 
PHE CD1 CE1  sing Y N 323 
PHE CD1 HD1  sing N N 324 
PHE CD2 CE2  doub Y N 325 
PHE CD2 HD2  sing N N 326 
PHE CE1 CZ   doub Y N 327 
PHE CE1 HE1  sing N N 328 
PHE CE2 CZ   sing Y N 329 
PHE CE2 HE2  sing N N 330 
PHE CZ  HZ   sing N N 331 
PHE OXT HXT  sing N N 332 
PRO N   CA   sing N N 333 
PRO N   CD   sing N N 334 
PRO N   H    sing N N 335 
PRO CA  C    sing N N 336 
PRO CA  CB   sing N N 337 
PRO CA  HA   sing N N 338 
PRO C   O    doub N N 339 
PRO C   OXT  sing N N 340 
PRO CB  CG   sing N N 341 
PRO CB  HB2  sing N N 342 
PRO CB  HB3  sing N N 343 
PRO CG  CD   sing N N 344 
PRO CG  HG2  sing N N 345 
PRO CG  HG3  sing N N 346 
PRO CD  HD2  sing N N 347 
PRO CD  HD3  sing N N 348 
PRO OXT HXT  sing N N 349 
SER N   CA   sing N N 350 
SER N   H    sing N N 351 
SER N   H2   sing N N 352 
SER CA  C    sing N N 353 
SER CA  CB   sing N N 354 
SER CA  HA   sing N N 355 
SER C   O    doub N N 356 
SER C   OXT  sing N N 357 
SER CB  OG   sing N N 358 
SER CB  HB2  sing N N 359 
SER CB  HB3  sing N N 360 
SER OG  HG   sing N N 361 
SER OXT HXT  sing N N 362 
SO4 S   O1   doub N N 363 
SO4 S   O2   doub N N 364 
SO4 S   O3   sing N N 365 
SO4 S   O4   sing N N 366 
THR N   CA   sing N N 367 
THR N   H    sing N N 368 
THR N   H2   sing N N 369 
THR CA  C    sing N N 370 
THR CA  CB   sing N N 371 
THR CA  HA   sing N N 372 
THR C   O    doub N N 373 
THR C   OXT  sing N N 374 
THR CB  OG1  sing N N 375 
THR CB  CG2  sing N N 376 
THR CB  HB   sing N N 377 
THR OG1 HG1  sing N N 378 
THR CG2 HG21 sing N N 379 
THR CG2 HG22 sing N N 380 
THR CG2 HG23 sing N N 381 
THR OXT HXT  sing N N 382 
TRP N   CA   sing N N 383 
TRP N   H    sing N N 384 
TRP N   H2   sing N N 385 
TRP CA  C    sing N N 386 
TRP CA  CB   sing N N 387 
TRP CA  HA   sing N N 388 
TRP C   O    doub N N 389 
TRP C   OXT  sing N N 390 
TRP CB  CG   sing N N 391 
TRP CB  HB2  sing N N 392 
TRP CB  HB3  sing N N 393 
TRP CG  CD1  doub Y N 394 
TRP CG  CD2  sing Y N 395 
TRP CD1 NE1  sing Y N 396 
TRP CD1 HD1  sing N N 397 
TRP CD2 CE2  doub Y N 398 
TRP CD2 CE3  sing Y N 399 
TRP NE1 CE2  sing Y N 400 
TRP NE1 HE1  sing N N 401 
TRP CE2 CZ2  sing Y N 402 
TRP CE3 CZ3  doub Y N 403 
TRP CE3 HE3  sing N N 404 
TRP CZ2 CH2  doub Y N 405 
TRP CZ2 HZ2  sing N N 406 
TRP CZ3 CH2  sing Y N 407 
TRP CZ3 HZ3  sing N N 408 
TRP CH2 HH2  sing N N 409 
TRP OXT HXT  sing N N 410 
TYR N   CA   sing N N 411 
TYR N   H    sing N N 412 
TYR N   H2   sing N N 413 
TYR CA  C    sing N N 414 
TYR CA  CB   sing N N 415 
TYR CA  HA   sing N N 416 
TYR C   O    doub N N 417 
TYR C   OXT  sing N N 418 
TYR CB  CG   sing N N 419 
TYR CB  HB2  sing N N 420 
TYR CB  HB3  sing N N 421 
TYR CG  CD1  doub Y N 422 
TYR CG  CD2  sing Y N 423 
TYR CD1 CE1  sing Y N 424 
TYR CD1 HD1  sing N N 425 
TYR CD2 CE2  doub Y N 426 
TYR CD2 HD2  sing N N 427 
TYR CE1 CZ   doub Y N 428 
TYR CE1 HE1  sing N N 429 
TYR CE2 CZ   sing Y N 430 
TYR CE2 HE2  sing N N 431 
TYR CZ  OH   sing N N 432 
TYR OH  HH   sing N N 433 
TYR OXT HXT  sing N N 434 
VAL N   CA   sing N N 435 
VAL N   H    sing N N 436 
VAL N   H2   sing N N 437 
VAL CA  C    sing N N 438 
VAL CA  CB   sing N N 439 
VAL CA  HA   sing N N 440 
VAL C   O    doub N N 441 
VAL C   OXT  sing N N 442 
VAL CB  CG1  sing N N 443 
VAL CB  CG2  sing N N 444 
VAL CB  HB   sing N N 445 
VAL CG1 HG11 sing N N 446 
VAL CG1 HG12 sing N N 447 
VAL CG1 HG13 sing N N 448 
VAL CG2 HG21 sing N N 449 
VAL CG2 HG22 sing N N 450 
VAL CG2 HG23 sing N N 451 
VAL OXT HXT  sing N N 452 
# 
_pdbx_audit_support.funding_organization   'Japan Agency for Medical Research and Development' 
_pdbx_audit_support.country                Japan 
_pdbx_audit_support.grant_number           ? 
_pdbx_audit_support.ordinal                1 
# 
_atom_sites.entry_id                    5XL0 
_atom_sites.fract_transf_matrix[1][1]   0.00908430 
_atom_sites.fract_transf_matrix[1][2]   0.00341750 
_atom_sites.fract_transf_matrix[1][3]   0.02867068 
_atom_sites.fract_transf_matrix[2][1]   -0.02344220 
_atom_sites.fract_transf_matrix[2][2]   -0.02010997 
_atom_sites.fract_transf_matrix[2][3]   0.00982473 
_atom_sites.fract_transf_matrix[3][1]   0.01098346 
_atom_sites.fract_transf_matrix[3][2]   -0.01161795 
_atom_sites.fract_transf_matrix[3][3]   0.00242653 
_atom_sites.fract_transf_vector[1]      1.009251 
_atom_sites.fract_transf_vector[2]      0.182797 
_atom_sites.fract_transf_vector[3]      0.246973 
# 
loop_
_atom_type.symbol 
C  
F  
FE 
N  
O  
S  
# 
loop_
_atom_site.group_PDB 
_atom_site.id 
_atom_site.type_symbol 
_atom_site.label_atom_id 
_atom_site.label_alt_id 
_atom_site.label_comp_id 
_atom_site.label_asym_id 
_atom_site.label_entity_id 
_atom_site.label_seq_id 
_atom_site.pdbx_PDB_ins_code 
_atom_site.Cartn_x 
_atom_site.Cartn_y 
_atom_site.Cartn_z 
_atom_site.occupancy 
_atom_site.B_iso_or_equiv 
_atom_site.pdbx_formal_charge 
_atom_site.auth_seq_id 
_atom_site.auth_comp_id 
_atom_site.auth_asym_id 
_atom_site.auth_atom_id 
_atom_site.pdbx_PDB_model_num 
ATOM   1    N  N   . VAL A 1 1   ? 15.264  -4.951  9.630   1.00 24.30 ? 1   VAL A N   1 
ATOM   2    C  CA  . VAL A 1 1   ? 14.741  -4.296  10.823  1.00 18.66 ? 1   VAL A CA  1 
ATOM   3    C  C   . VAL A 1 1   ? 14.978  -2.789  10.771  1.00 21.08 ? 1   VAL A C   1 
ATOM   4    O  O   . VAL A 1 1   ? 16.105  -2.338  10.552  1.00 23.33 ? 1   VAL A O   1 
ATOM   5    C  CB  . VAL A 1 1   ? 15.341  -4.903  12.103  1.00 24.93 ? 1   VAL A CB  1 
ATOM   6    N  N   . LEU A 1 2   ? 13.920  -2.010  10.980  1.00 11.60 ? 2   LEU A N   1 
ATOM   7    C  CA  . LEU A 1 2   ? 14.032  -0.560  10.985  1.00 11.16 ? 2   LEU A CA  1 
ATOM   8    C  C   . LEU A 1 2   ? 14.446  -0.073  12.363  1.00 10.95 ? 2   LEU A C   1 
ATOM   9    O  O   . LEU A 1 2   ? 14.026  -0.632  13.381  1.00 12.95 ? 2   LEU A O   1 
ATOM   10   C  CB  . LEU A 1 2   ? 12.695  0.098   10.636  1.00 9.13  ? 2   LEU A CB  1 
ATOM   11   C  CG  . LEU A 1 2   ? 12.344  0.181   9.145   1.00 9.05  ? 2   LEU A CG  1 
ATOM   12   C  CD1 . LEU A 1 2   ? 11.963  -1.164  8.579   1.00 11.67 ? 2   LEU A CD1 1 
ATOM   13   C  CD2 . LEU A 1 2   ? 11.218  1.168   8.945   1.00 9.81  ? 2   LEU A CD2 1 
ATOM   14   N  N   . SER A 1 3   ? 15.252  0.982   12.384  1.00 8.83  ? 3   SER A N   1 
ATOM   15   C  CA  . SER A 1 3   ? 15.577  1.636   13.640  1.00 10.37 ? 3   SER A CA  1 
ATOM   16   C  C   . SER A 1 3   ? 14.378  2.444   14.127  1.00 10.54 ? 3   SER A C   1 
ATOM   17   O  O   . SER A 1 3   ? 13.428  2.716   13.385  1.00 8.47  ? 3   SER A O   1 
ATOM   18   C  CB  . SER A 1 3   ? 16.745  2.597   13.441  1.00 10.58 ? 3   SER A CB  1 
ATOM   19   O  OG  . SER A 1 3   ? 16.337  3.663   12.605  1.00 12.83 ? 3   SER A OG  1 
ATOM   20   N  N   . GLU A 1 4   ? 14.421  2.839   15.402  1.00 10.27 ? 4   GLU A N   1 
ATOM   21   C  CA  A GLU A 1 4   ? 13.383  3.708   15.936  0.50 9.32  ? 4   GLU A CA  1 
ATOM   22   C  CA  B GLU A 1 4   ? 13.376  3.706   15.930  0.50 9.32  ? 4   GLU A CA  1 
ATOM   23   C  C   . GLU A 1 4   ? 13.298  5.007   15.137  1.00 9.24  ? 4   GLU A C   1 
ATOM   24   O  O   . GLU A 1 4   ? 12.203  5.513   14.857  1.00 9.06  ? 4   GLU A O   1 
ATOM   25   C  CB  A GLU A 1 4   ? 13.663  3.979   17.414  0.50 11.64 ? 4   GLU A CB  1 
ATOM   26   C  CB  B GLU A 1 4   ? 13.610  3.977   17.419  0.50 11.67 ? 4   GLU A CB  1 
ATOM   27   C  CG  A GLU A 1 4   ? 12.796  5.054   18.033  0.50 13.99 ? 4   GLU A CG  1 
ATOM   28   C  CG  B GLU A 1 4   ? 13.256  2.810   18.342  0.50 13.84 ? 4   GLU A CG  1 
ATOM   29   C  CD  A GLU A 1 4   ? 11.313  4.830   17.812  0.50 14.11 ? 4   GLU A CD  1 
ATOM   30   C  CD  B GLU A 1 4   ? 11.759  2.572   18.487  0.50 12.76 ? 4   GLU A CD  1 
ATOM   31   O  OE1 A GLU A 1 4   ? 10.848  3.670   17.871  0.50 13.82 ? 4   GLU A OE1 1 
ATOM   32   O  OE1 B GLU A 1 4   ? 10.958  3.442   18.087  0.50 14.52 ? 4   GLU A OE1 1 
ATOM   33   O  OE2 A GLU A 1 4   ? 10.612  5.830   17.579  0.50 10.67 ? 4   GLU A OE2 1 
ATOM   34   O  OE2 B GLU A 1 4   ? 11.390  1.505   19.018  0.50 12.55 ? 4   GLU A OE2 1 
ATOM   35   N  N   . GLY A 1 5   ? 14.448  5.562   14.749  1.00 10.48 ? 5   GLY A N   1 
ATOM   36   C  CA  . GLY A 1 5   ? 14.431  6.773   13.946  1.00 11.55 ? 5   GLY A CA  1 
ATOM   37   C  C   . GLY A 1 5   ? 13.747  6.580   12.604  1.00 7.72  ? 5   GLY A C   1 
ATOM   38   O  O   . GLY A 1 5   ? 12.991  7.445   12.149  1.00 10.31 ? 5   GLY A O   1 
ATOM   39   N  N   . GLU A 1 6   ? 13.984  5.434   11.971  1.00 8.17  ? 6   GLU A N   1 
ATOM   40   C  CA  . GLU A 1 6   ? 13.319  5.132   10.707  1.00 7.89  ? 6   GLU A CA  1 
ATOM   41   C  C   . GLU A 1 6   ? 11.811  4.985   10.888  1.00 6.65  ? 6   GLU A C   1 
ATOM   42   O  O   . GLU A 1 6   ? 11.028  5.546   10.112  1.00 6.39  ? 6   GLU A O   1 
ATOM   43   C  CB  . GLU A 1 6   ? 13.946  3.891   10.085  1.00 9.01  ? 6   GLU A CB  1 
ATOM   44   C  CG  . GLU A 1 6   ? 15.329  4.163   9.484   1.00 10.66 ? 6   GLU A CG  1 
ATOM   45   C  CD  . GLU A 1 6   ? 16.122  2.914   9.167   1.00 11.58 ? 6   GLU A CD  1 
ATOM   46   O  OE1 . GLU A 1 6   ? 15.855  1.836   9.741   1.00 12.59 ? 6   GLU A OE1 1 
ATOM   47   O  OE2 . GLU A 1 6   ? 17.041  3.012   8.322   1.00 15.03 ? 6   GLU A OE2 1 
ATOM   48   N  N   . TRP A 1 7   ? 11.377  4.275   11.934  1.00 6.03  ? 7   TRP A N   1 
ATOM   49   C  CA  . TRP A 1 7   ? 9.943   4.181   12.194  1.00 6.08  ? 7   TRP A CA  1 
ATOM   50   C  C   . TRP A 1 7   ? 9.336   5.551   12.419  1.00 5.75  ? 7   TRP A C   1 
ATOM   51   O  O   . TRP A 1 7   ? 8.211   5.804   11.984  1.00 6.14  ? 7   TRP A O   1 
ATOM   52   C  CB  . TRP A 1 7   ? 9.630   3.272   13.391  1.00 6.98  ? 7   TRP A CB  1 
ATOM   53   C  CG  . TRP A 1 7   ? 9.742   1.796   13.073  1.00 6.42  ? 7   TRP A CG  1 
ATOM   54   C  CD1 . TRP A 1 7   ? 10.598  0.893   13.654  1.00 7.99  ? 7   TRP A CD1 1 
ATOM   55   C  CD2 . TRP A 1 7   ? 8.973   1.052   12.106  1.00 7.24  ? 7   TRP A CD2 1 
ATOM   56   N  NE1 . TRP A 1 7   ? 10.408  -0.351  13.115  1.00 7.88  ? 7   TRP A NE1 1 
ATOM   57   C  CE2 . TRP A 1 7   ? 9.425   -0.280  12.159  1.00 6.59  ? 7   TRP A CE2 1 
ATOM   58   C  CE3 . TRP A 1 7   ? 7.952   1.381   11.201  1.00 6.71  ? 7   TRP A CE3 1 
ATOM   59   C  CZ2 . TRP A 1 7   ? 8.913   -1.273  11.335  1.00 8.39  ? 7   TRP A CZ2 1 
ATOM   60   C  CZ3 . TRP A 1 7   ? 7.434   0.380   10.390  1.00 7.38  ? 7   TRP A CZ3 1 
ATOM   61   C  CH2 . TRP A 1 7   ? 7.917   -0.928  10.466  1.00 7.61  ? 7   TRP A CH2 1 
ATOM   62   N  N   . GLN A 1 8   ? 10.041  6.448   13.120  1.00 6.20  ? 8   GLN A N   1 
ATOM   63   C  CA  A GLN A 1 8   ? 9.490   7.779   13.356  0.50 7.58  ? 8   GLN A CA  1 
ATOM   64   C  CA  B GLN A 1 8   ? 9.483   7.774   13.356  0.50 7.58  ? 8   GLN A CA  1 
ATOM   65   C  C   . GLN A 1 8   ? 9.225   8.505   12.044  1.00 6.03  ? 8   GLN A C   1 
ATOM   66   O  O   . GLN A 1 8   ? 8.188   9.161   11.884  1.00 6.61  ? 8   GLN A O   1 
ATOM   67   C  CB  A GLN A 1 8   ? 10.445  8.592   14.226  0.50 9.95  ? 8   GLN A CB  1 
ATOM   68   C  CB  B GLN A 1 8   ? 10.409  8.588   14.258  0.50 9.93  ? 8   GLN A CB  1 
ATOM   69   C  CG  A GLN A 1 8   ? 10.481  8.187   15.683  0.50 13.79 ? 8   GLN A CG  1 
ATOM   70   C  CG  B GLN A 1 8   ? 9.826   9.924   14.717  0.50 11.01 ? 8   GLN A CG  1 
ATOM   71   C  CD  A GLN A 1 8   ? 11.388  9.081   16.512  0.50 15.78 ? 8   GLN A CD  1 
ATOM   72   C  CD  B GLN A 1 8   ? 9.977   11.041  13.684  0.50 14.97 ? 8   GLN A CD  1 
ATOM   73   O  OE1 A GLN A 1 8   ? 11.635  10.236  16.153  0.50 16.57 ? 8   GLN A OE1 1 
ATOM   74   O  OE1 B GLN A 1 8   ? 10.896  11.029  12.863  0.50 19.40 ? 8   GLN A OE1 1 
ATOM   75   N  NE2 A GLN A 1 8   ? 11.882  8.554   17.631  0.50 16.69 ? 8   GLN A NE2 1 
ATOM   76   N  NE2 B GLN A 1 8   ? 9.065   12.010  13.723  0.50 17.25 ? 8   GLN A NE2 1 
ATOM   77   N  N   . LEU A 1 9   ? 10.163  8.406   11.095  1.00 7.00  ? 9   LEU A N   1 
ATOM   78   C  CA  . LEU A 1 9   ? 9.971   9.035   9.784   1.00 6.32  ? 9   LEU A CA  1 
ATOM   79   C  C   . LEU A 1 9   ? 8.767   8.444   9.060   1.00 5.46  ? 9   LEU A C   1 
ATOM   80   O  O   . LEU A 1 9   ? 7.994   9.175   8.431   1.00 6.97  ? 9   LEU A O   1 
ATOM   81   C  CB  . LEU A 1 9   ? 11.227  8.851   8.929   1.00 8.08  ? 9   LEU A CB  1 
ATOM   82   C  CG  . LEU A 1 9   ? 12.466  9.604   9.424   1.00 9.19  ? 9   LEU A CG  1 
ATOM   83   C  CD1 . LEU A 1 9   ? 13.699  9.134   8.668   1.00 10.98 ? 9   LEU A CD1 1 
ATOM   84   C  CD2 . LEU A 1 9   ? 12.279  11.111  9.281   1.00 15.48 ? 9   LEU A CD2 1 
ATOM   85   N  N   . VAL A 1 10  ? 8.605   7.121   9.133   1.00 5.40  ? 10  VAL A N   1 
ATOM   86   C  CA  . VAL A 1 10  ? 7.481   6.443   8.484   1.00 5.15  ? 10  VAL A CA  1 
ATOM   87   C  C   . VAL A 1 10  ? 6.164   6.920   9.074   1.00 5.45  ? 10  VAL A C   1 
ATOM   88   O  O   . VAL A 1 10  ? 5.219   7.264   8.353   1.00 5.23  ? 10  VAL A O   1 
ATOM   89   C  CB  . VAL A 1 10  ? 7.640   4.917   8.650   1.00 4.70  ? 10  VAL A CB  1 
ATOM   90   C  CG1 . VAL A 1 10  ? 6.352   4.168   8.279   1.00 6.91  ? 10  VAL A CG1 1 
ATOM   91   C  CG2 . VAL A 1 10  ? 8.826   4.420   7.841   1.00 7.44  ? 10  VAL A CG2 1 
ATOM   92   N  N   . LEU A 1 11  ? 6.072   6.922   10.405  1.00 5.66  ? 11  LEU A N   1 
ATOM   93   C  CA  . LEU A 1 11  ? 4.797   7.230   11.030  1.00 6.27  ? 11  LEU A CA  1 
ATOM   94   C  C   . LEU A 1 11  ? 4.496   8.714   11.032  1.00 5.95  ? 11  LEU A C   1 
ATOM   95   O  O   . LEU A 1 11  ? 3.324   9.091   11.093  1.00 6.54  ? 11  LEU A O   1 
ATOM   96   C  CB  . LEU A 1 11  ? 4.734   6.643   12.440  1.00 6.64  ? 11  LEU A CB  1 
ATOM   97   C  CG  . LEU A 1 11  ? 4.845   5.115   12.441  1.00 6.94  ? 11  LEU A CG  1 
ATOM   98   C  CD1 . LEU A 1 11  ? 4.841   4.592   13.878  1.00 10.05 ? 11  LEU A CD1 1 
ATOM   99   C  CD2 . LEU A 1 11  ? 3.698   4.523   11.637  1.00 9.34  ? 11  LEU A CD2 1 
ATOM   100  N  N   . HIS A 1 12  ? 5.522   9.553   10.896  1.00 6.44  ? 12  HIS A N   1 
ATOM   101  C  CA  . HIS A 1 12  ? 5.281   10.983  10.788  1.00 6.88  ? 12  HIS A CA  1 
ATOM   102  C  C   . HIS A 1 12  ? 4.576   11.321  9.481   1.00 8.04  ? 12  HIS A C   1 
ATOM   103  O  O   . HIS A 1 12  ? 3.590   12.072  9.473   1.00 8.68  ? 12  HIS A O   1 
ATOM   104  C  CB  . HIS A 1 12  ? 6.605   11.722  10.909  1.00 8.20  ? 12  HIS A CB  1 
ATOM   105  C  CG  . HIS A 1 12  ? 6.448   13.201  10.879  1.00 8.14  ? 12  HIS A CG  1 
ATOM   106  N  ND1 . HIS A 1 12  ? 5.899   13.908  11.928  1.00 11.21 ? 12  HIS A ND1 1 
ATOM   107  C  CD2 . HIS A 1 12  ? 6.732   14.108  9.916   1.00 11.32 ? 12  HIS A CD2 1 
ATOM   108  C  CE1 . HIS A 1 12  ? 5.858   15.193  11.614  1.00 13.77 ? 12  HIS A CE1 1 
ATOM   109  N  NE2 . HIS A 1 12  ? 6.350   15.338  10.396  1.00 13.46 ? 12  HIS A NE2 1 
ATOM   110  N  N   . VAL A 1 13  ? 5.059   10.771  8.361   1.00 6.27  ? 13  VAL A N   1 
ATOM   111  C  CA  . VAL A 1 13  ? 4.357   10.991  7.101   1.00 7.06  ? 13  VAL A CA  1 
ATOM   112  C  C   . VAL A 1 13  ? 3.022   10.260  7.083   1.00 5.67  ? 13  VAL A C   1 
ATOM   113  O  O   . VAL A 1 13  ? 2.032   10.777  6.547   1.00 7.02  ? 13  VAL A O   1 
ATOM   114  C  CB  . VAL A 1 13  ? 5.242   10.689  5.873   1.00 5.97  ? 13  VAL A CB  1 
ATOM   115  C  CG1 . VAL A 1 13  ? 5.523   9.207   5.708   1.00 7.45  ? 13  VAL A CG1 1 
ATOM   116  C  CG2 . VAL A 1 13  ? 4.595   11.267  4.605   1.00 8.42  ? 13  VAL A CG2 1 
ATOM   117  N  N   . TRP A 1 14  ? 2.942   9.080   7.699   1.00 5.39  ? 14  TRP A N   1 
ATOM   118  C  CA  . TRP A 1 14  ? 1.670   8.372   7.694   1.00 5.61  ? 14  TRP A CA  1 
ATOM   119  C  C   . TRP A 1 14  ? 0.579   9.148   8.419   1.00 7.27  ? 14  TRP A C   1 
ATOM   120  O  O   . TRP A 1 14  ? -0.590  9.104   8.010   1.00 7.98  ? 14  TRP A O   1 
ATOM   121  C  CB  . TRP A 1 14  ? 1.784   6.945   8.246   1.00 7.29  ? 14  TRP A CB  1 
ATOM   122  C  CG  . TRP A 1 14  ? 0.643   6.136   7.721   1.00 9.23  ? 14  TRP A CG  1 
ATOM   123  C  CD1 . TRP A 1 14  ? -0.521  5.833   8.368   1.00 13.27 ? 14  TRP A CD1 1 
ATOM   124  C  CD2 . TRP A 1 14  ? 0.524   5.621   6.397   1.00 9.50  ? 14  TRP A CD2 1 
ATOM   125  N  NE1 . TRP A 1 14  ? -1.345  5.121   7.520   1.00 12.97 ? 14  TRP A NE1 1 
ATOM   126  C  CE2 . TRP A 1 14  ? -0.725  4.981   6.306   1.00 11.85 ? 14  TRP A CE2 1 
ATOM   127  C  CE3 . TRP A 1 14  ? 1.365   5.616   5.281   1.00 10.98 ? 14  TRP A CE3 1 
ATOM   128  C  CZ2 . TRP A 1 14  ? -1.149  4.336   5.135   1.00 11.26 ? 14  TRP A CZ2 1 
ATOM   129  C  CZ3 . TRP A 1 14  ? 0.933   4.988   4.121   1.00 15.38 ? 14  TRP A CZ3 1 
ATOM   130  C  CH2 . TRP A 1 14  ? -0.304  4.350   4.068   1.00 14.63 ? 14  TRP A CH2 1 
ATOM   131  N  N   . ALA A 1 15  ? 0.938   9.883   9.473   1.00 7.38  ? 15  ALA A N   1 
ATOM   132  C  CA  . ALA A 1 15  ? -0.069  10.700  10.151  1.00 9.32  ? 15  ALA A CA  1 
ATOM   133  C  C   . ALA A 1 15  ? -0.618  11.786  9.236   1.00 8.66  ? 15  ALA A C   1 
ATOM   134  O  O   . ALA A 1 15  ? -1.772  12.213  9.403   1.00 10.37 ? 15  ALA A O   1 
ATOM   135  C  CB  . ALA A 1 15  ? 0.498   11.283  11.447  1.00 11.64 ? 15  ALA A CB  1 
ATOM   136  N  N   . LYS A 1 16  ? 0.183   12.250  8.275   1.00 8.00  ? 16  LYS A N   1 
ATOM   137  C  CA  . LYS A 1 16  ? -0.327  13.179  7.259   1.00 9.16  ? 16  LYS A CA  1 
ATOM   138  C  C   . LYS A 1 16  ? -1.299  12.479  6.316   1.00 10.09 ? 16  LYS A C   1 
ATOM   139  O  O   . LYS A 1 16  ? -2.323  13.056  5.926   1.00 12.06 ? 16  LYS A O   1 
ATOM   140  C  CB  . LYS A 1 16  ? 0.814   13.813  6.461   1.00 11.37 ? 16  LYS A CB  1 
ATOM   141  C  CG  . LYS A 1 16  ? 1.972   14.359  7.286   1.00 12.39 ? 16  LYS A CG  1 
ATOM   142  C  CD  . LYS A 1 16  ? 1.620   15.672  7.921   1.00 14.03 ? 16  LYS A CD  1 
ATOM   143  C  CE  . LYS A 1 16  ? 2.827   16.295  8.621   1.00 14.17 ? 16  LYS A CE  1 
ATOM   144  N  NZ  . LYS A 1 16  ? 2.405   17.522  9.351   1.00 15.91 ? 16  LYS A NZ  1 
ATOM   145  N  N   . VAL A 1 17  ? -0.996  11.239  5.934   1.00 9.00  ? 17  VAL A N   1 
ATOM   146  C  CA  . VAL A 1 17  ? -1.894  10.460  5.083   1.00 10.25 ? 17  VAL A CA  1 
ATOM   147  C  C   . VAL A 1 17  ? -3.257  10.320  5.740   1.00 12.02 ? 17  VAL A C   1 
ATOM   148  O  O   . VAL A 1 17  ? -4.301  10.445  5.084   1.00 11.69 ? 17  VAL A O   1 
ATOM   149  C  CB  . VAL A 1 17  ? -1.264  9.081   4.787   1.00 10.29 ? 17  VAL A CB  1 
ATOM   150  C  CG1 . VAL A 1 17  ? -2.249  8.160   4.054   1.00 10.38 ? 17  VAL A CG1 1 
ATOM   151  C  CG2 . VAL A 1 17  ? 0.023   9.227   3.992   1.00 12.32 ? 17  VAL A CG2 1 
ATOM   152  N  N   . GLU A 1 18  ? -3.274  10.079  7.047   1.00 10.46 ? 18  GLU A N   1 
ATOM   153  C  CA  . GLU A 1 18  ? -4.530  9.791   7.714   1.00 16.26 ? 18  GLU A CA  1 
ATOM   154  C  C   . GLU A 1 18  ? -5.418  11.017  7.865   1.00 13.25 ? 18  GLU A C   1 
ATOM   155  O  O   . GLU A 1 18  ? -6.574  10.877  8.282   1.00 17.18 ? 18  GLU A O   1 
ATOM   156  C  CB  . GLU A 1 18  ? -4.262  9.086   9.037   1.00 14.86 ? 18  GLU A CB  1 
ATOM   157  C  CG  . GLU A 1 18  ? -3.753  7.677   8.801   1.00 19.47 ? 18  GLU A CG  1 
ATOM   158  C  CD  . GLU A 1 18  ? -3.616  6.874   10.065  1.00 22.46 ? 18  GLU A CD  1 
ATOM   159  O  OE1 . GLU A 1 18  ? -3.424  7.491   11.130  1.00 23.91 ? 18  GLU A OE1 1 
ATOM   160  O  OE2 . GLU A 1 18  ? -3.691  5.630   9.981   1.00 27.46 ? 18  GLU A OE2 1 
ATOM   161  N  N   . ALA A 1 19  ? -4.930  12.199  7.498   1.00 14.43 ? 19  ALA A N   1 
ATOM   162  C  CA  . ALA A 1 19  ? -5.796  13.367  7.416   1.00 13.36 ? 19  ALA A CA  1 
ATOM   163  C  C   . ALA A 1 19  ? -6.713  13.335  6.197   1.00 15.20 ? 19  ALA A C   1 
ATOM   164  O  O   . ALA A 1 19  ? -7.712  14.067  6.161   1.00 16.02 ? 19  ALA A O   1 
ATOM   165  C  CB  . ALA A 1 19  ? -4.949  14.643  7.393   1.00 17.00 ? 19  ALA A CB  1 
ATOM   166  N  N   . ASP A 1 20  ? -6.408  12.512  5.195   1.00 12.44 ? 20  ASP A N   1 
ATOM   167  C  CA  . ASP A 1 20  ? -7.212  12.411  3.986   1.00 10.96 ? 20  ASP A CA  1 
ATOM   168  C  C   . ASP A 1 20  ? -7.010  11.004  3.434   1.00 7.21  ? 20  ASP A C   1 
ATOM   169  O  O   . ASP A 1 20  ? -6.459  10.798  2.350   1.00 9.39  ? 20  ASP A O   1 
ATOM   170  C  CB  . ASP A 1 20  ? -6.845  13.474  2.950   1.00 12.12 ? 20  ASP A CB  1 
ATOM   171  C  CG  . ASP A 1 20  ? -7.614  13.314  1.641   1.00 16.71 ? 20  ASP A CG  1 
ATOM   172  O  OD1 . ASP A 1 20  ? -8.708  12.704  1.637   1.00 13.61 ? 20  ASP A OD1 1 
ATOM   173  O  OD2 . ASP A 1 20  ? -7.109  13.797  0.606   1.00 24.30 ? 20  ASP A OD2 1 
ATOM   174  N  N   . VAL A 1 21  ? -7.476  10.017  4.193   1.00 8.77  ? 21  VAL A N   1 
ATOM   175  C  CA  . VAL A 1 21  ? -7.285  8.626   3.781   1.00 8.64  ? 21  VAL A CA  1 
ATOM   176  C  C   . VAL A 1 21  ? -7.884  8.388   2.396   1.00 9.48  ? 21  VAL A C   1 
ATOM   177  O  O   . VAL A 1 21  ? -7.236  7.824   1.506   1.00 8.68  ? 21  VAL A O   1 
ATOM   178  C  CB  . VAL A 1 21  ? -7.860  7.659   4.829   1.00 10.35 ? 21  VAL A CB  1 
ATOM   179  C  CG1 . VAL A 1 21  ? -7.635  6.214   4.390   1.00 14.74 ? 21  VAL A CG1 1 
ATOM   180  C  CG2 . VAL A 1 21  ? -7.222  7.902   6.187   1.00 12.77 ? 21  VAL A CG2 1 
ATOM   181  N  N   . ALA A 1 22  ? -9.128  8.824   2.186   1.00 8.54  ? 22  ALA A N   1 
ATOM   182  C  CA  . ALA A 1 22  ? -9.810  8.501   0.931   1.00 8.38  ? 22  ALA A CA  1 
ATOM   183  C  C   . ALA A 1 22  ? -9.101  9.110   -0.275  1.00 8.31  ? 22  ALA A C   1 
ATOM   184  O  O   . ALA A 1 22  ? -8.958  8.453   -1.317  1.00 7.63  ? 22  ALA A O   1 
ATOM   185  C  CB  . ALA A 1 22  ? -11.269 8.947   0.995   1.00 9.57  ? 22  ALA A CB  1 
ATOM   186  N  N   . GLY A 1 23  ? -8.638  10.356  -0.165  1.00 9.39  ? 23  GLY A N   1 
ATOM   187  C  CA  . GLY A 1 23  ? -7.968  10.979  -1.298  1.00 9.04  ? 23  GLY A CA  1 
ATOM   188  C  C   . GLY A 1 23  ? -6.640  10.320  -1.620  1.00 8.36  ? 23  GLY A C   1 
ATOM   189  O  O   . GLY A 1 23  ? -6.271  10.162  -2.790  1.00 8.77  ? 23  GLY A O   1 
ATOM   190  N  N   . HIS A 1 24  ? -5.886  9.947   -0.585  1.00 7.01  ? 24  HIS A N   1 
ATOM   191  C  CA  . HIS A 1 24  ? -4.665  9.184   -0.817  1.00 7.01  ? 24  HIS A CA  1 
ATOM   192  C  C   . HIS A 1 24  ? -4.969  7.832   -1.451  1.00 5.72  ? 24  HIS A C   1 
ATOM   193  O  O   . HIS A 1 24  ? -4.231  7.383   -2.340  1.00 6.77  ? 24  HIS A O   1 
ATOM   194  C  CB  . HIS A 1 24  ? -3.903  8.966   0.493   1.00 6.93  ? 24  HIS A CB  1 
ATOM   195  C  CG  . HIS A 1 24  ? -3.183  10.178  0.992   1.00 6.88  ? 24  HIS A CG  1 
ATOM   196  N  ND1 . HIS A 1 24  ? -3.821  11.194  1.673   1.00 8.14  ? 24  HIS A ND1 1 
ATOM   197  C  CD2 . HIS A 1 24  ? -1.878  10.525  0.925   1.00 8.73  ? 24  HIS A CD2 1 
ATOM   198  C  CE1 . HIS A 1 24  ? -2.932  12.116  2.005   1.00 9.43  ? 24  HIS A CE1 1 
ATOM   199  N  NE2 . HIS A 1 24  ? -1.748  11.735  1.560   1.00 9.95  ? 24  HIS A NE2 1 
ATOM   200  N  N   . GLY A 1 25  ? -6.012  7.148   -0.977  1.00 6.29  ? 25  GLY A N   1 
ATOM   201  C  CA  . GLY A 1 25  ? -6.318  5.835   -1.520  1.00 7.11  ? 25  GLY A CA  1 
ATOM   202  C  C   . GLY A 1 25  ? -6.656  5.894   -2.992  1.00 6.95  ? 25  GLY A C   1 
ATOM   203  O  O   . GLY A 1 25  ? -6.247  5.021   -3.761  1.00 7.71  ? 25  GLY A O   1 
ATOM   204  N  N   . GLN A 1 26  ? -7.381  6.943   -3.404  1.00 8.07  ? 26  GLN A N   1 
ATOM   205  C  CA  . GLN A 1 26  ? -7.693  7.176   -4.812  1.00 8.57  ? 26  GLN A CA  1 
ATOM   206  C  C   . GLN A 1 26  ? -6.426  7.405   -5.617  1.00 8.07  ? 26  GLN A C   1 
ATOM   207  O  O   . GLN A 1 26  ? -6.218  6.790   -6.668  1.00 8.63  ? 26  GLN A O   1 
ATOM   208  C  CB  . GLN A 1 26  ? -8.548  8.431   -4.935  1.00 10.06 ? 26  GLN A CB  1 
ATOM   209  C  CG  . GLN A 1 26  ? -10.008 8.265   -4.814  1.00 17.42 ? 26  GLN A CG  1 
ATOM   210  C  CD  . GLN A 1 26  ? -10.684 9.478   -5.395  1.00 24.94 ? 26  GLN A CD  1 
ATOM   211  O  OE1 . GLN A 1 26  ? -10.019 10.400  -5.882  1.00 28.48 ? 26  GLN A OE1 1 
ATOM   212  N  NE2 . GLN A 1 26  ? -11.989 9.491   -5.369  1.00 16.55 ? 26  GLN A NE2 1 
ATOM   213  N  N   . ASP A 1 27  ? -5.576  8.319   -5.154  1.00 7.51  ? 27  ASP A N   1 
ATOM   214  C  CA  . ASP A 1 27  ? -4.370  8.623   -5.912  1.00 7.61  ? 27  ASP A CA  1 
ATOM   215  C  C   . ASP A 1 27  ? -3.504  7.387   -6.068  1.00 7.27  ? 27  ASP A C   1 
ATOM   216  O  O   . ASP A 1 27  ? -2.933  7.151   -7.138  1.00 7.21  ? 27  ASP A O   1 
ATOM   217  C  CB  . ASP A 1 27  ? -3.555  9.725   -5.223  1.00 9.09  ? 27  ASP A CB  1 
ATOM   218  C  CG  . ASP A 1 27  ? -4.202  11.093  -5.291  1.00 16.62 ? 27  ASP A CG  1 
ATOM   219  O  OD1 . ASP A 1 27  ? -5.218  11.252  -5.984  1.00 18.76 ? 27  ASP A OD1 1 
ATOM   220  O  OD2 . ASP A 1 27  ? -3.669  12.020  -4.646  1.00 18.92 ? 27  ASP A OD2 1 
ATOM   221  N  N   . ILE A 1 28  ? -3.405  6.585   -5.014  1.00 4.87  ? 28  ILE A N   1 
ATOM   222  C  CA  . ILE A 1 28  ? -2.524  5.424   -5.028  1.00 5.17  ? 28  ILE A CA  1 
ATOM   223  C  C   . ILE A 1 28  ? -3.069  4.337   -5.946  1.00 5.33  ? 28  ILE A C   1 
ATOM   224  O  O   . ILE A 1 28  ? -2.336  3.794   -6.778  1.00 5.56  ? 28  ILE A O   1 
ATOM   225  C  CB  . ILE A 1 28  ? -2.283  4.928   -3.591  1.00 5.18  ? 28  ILE A CB  1 
ATOM   226  C  CG1 . ILE A 1 28  ? -1.358  5.915   -2.853  1.00 5.77  ? 28  ILE A CG1 1 
ATOM   227  C  CG2 . ILE A 1 28  ? -1.703  3.522   -3.584  1.00 5.53  ? 28  ILE A CG2 1 
ATOM   228  C  CD1 . ILE A 1 28  ? -1.360  5.779   -1.337  1.00 6.19  ? 28  ILE A CD1 1 
ATOM   229  N  N   . LEU A 1 29  ? -4.361  4.000   -5.816  1.00 5.67  ? 29  LEU A N   1 
ATOM   230  C  CA  . LEU A 1 29  ? -4.913  2.952   -6.675  1.00 5.66  ? 29  LEU A CA  1 
ATOM   231  C  C   . LEU A 1 29  ? -4.915  3.373   -8.136  1.00 6.16  ? 29  LEU A C   1 
ATOM   232  O  O   . LEU A 1 29  ? -4.627  2.559   -9.016  1.00 6.76  ? 29  LEU A O   1 
ATOM   233  C  CB  . LEU A 1 29  ? -6.310  2.544   -6.220  1.00 7.20  ? 29  LEU A CB  1 
ATOM   234  C  CG  . LEU A 1 29  ? -6.393  1.774   -4.903  1.00 7.03  ? 29  LEU A CG  1 
ATOM   235  C  CD1 . LEU A 1 29  ? -7.853  1.503   -4.533  1.00 10.20 ? 29  LEU A CD1 1 
ATOM   236  C  CD2 . LEU A 1 29  ? -5.595  0.482   -4.938  1.00 8.93  ? 29  LEU A CD2 1 
ATOM   237  N  N   . ILE A 1 30  ? -5.194  4.642   -8.416  1.00 6.51  ? 30  ILE A N   1 
ATOM   238  C  CA  . ILE A 1 30  ? -5.185  5.088   -9.806  1.00 6.51  ? 30  ILE A CA  1 
ATOM   239  C  C   . ILE A 1 30  ? -3.777  5.046   -10.385 1.00 6.30  ? 30  ILE A C   1 
ATOM   240  O  O   . ILE A 1 30  ? -3.567  4.579   -11.515 1.00 7.13  ? 30  ILE A O   1 
ATOM   241  C  CB  . ILE A 1 30  ? -5.834  6.476   -9.918  1.00 8.52  ? 30  ILE A CB  1 
ATOM   242  C  CG1 . ILE A 1 30  ? -7.326  6.333   -9.607  1.00 9.38  ? 30  ILE A CG1 1 
ATOM   243  C  CG2 . ILE A 1 30  ? -5.581  7.083   -11.309 1.00 11.08 ? 30  ILE A CG2 1 
ATOM   244  C  CD1 . ILE A 1 30  ? -8.091  7.629   -9.539  1.00 11.59 ? 30  ILE A CD1 1 
ATOM   245  N  N   . ARG A 1 31  ? -2.787  5.521   -9.632  1.00 6.47  ? 31  ARG A N   1 
ATOM   246  C  CA  . ARG A 1 31  ? -1.412  5.406   -10.111 1.00 6.81  ? 31  ARG A CA  1 
ATOM   247  C  C   . ARG A 1 31  ? -1.047  3.952   -10.382 1.00 7.24  ? 31  ARG A C   1 
ATOM   248  O  O   . ARG A 1 31  ? -0.436  3.632   -11.414 1.00 8.34  ? 31  ARG A O   1 
ATOM   249  C  CB  . ARG A 1 31  ? -0.440  6.038   -9.109  1.00 8.03  ? 31  ARG A CB  1 
ATOM   250  C  CG  . ARG A 1 31  ? 1.021   5.779   -9.468  1.00 13.65 ? 31  ARG A CG  1 
ATOM   251  C  CD  . ARG A 1 31  ? 1.951   6.904   -9.073  1.00 22.10 ? 31  ARG A CD  1 
ATOM   252  N  NE  . ARG A 1 31  ? 3.285   6.686   -9.627  1.00 25.27 ? 31  ARG A NE  1 
ATOM   253  C  CZ  . ARG A 1 31  ? 3.773   7.321   -10.690 1.00 28.53 ? 31  ARG A CZ  1 
ATOM   254  N  NH1 . ARG A 1 31  ? 3.046   8.232   -11.322 1.00 26.37 ? 31  ARG A NH1 1 
ATOM   255  N  NH2 . ARG A 1 31  ? 5.001   7.047   -11.116 1.00 28.47 ? 31  ARG A NH2 1 
ATOM   256  N  N   . LEU A 1 32  ? -1.419  3.057   -9.470  1.00 6.25  ? 32  LEU A N   1 
ATOM   257  C  CA  . LEU A 1 32  ? -1.143  1.635   -9.637  1.00 6.51  ? 32  LEU A CA  1 
ATOM   258  C  C   . LEU A 1 32  ? -1.800  1.087   -10.902 1.00 5.41  ? 32  LEU A C   1 
ATOM   259  O  O   . LEU A 1 32  ? -1.159  0.384   -11.702 1.00 6.99  ? 32  LEU A O   1 
ATOM   260  C  CB  . LEU A 1 32  ? -1.681  0.888   -8.421  1.00 6.31  ? 32  LEU A CB  1 
ATOM   261  C  CG  . LEU A 1 32  ? -1.605  -0.628  -8.513  1.00 7.69  ? 32  LEU A CG  1 
ATOM   262  C  CD1 . LEU A 1 32  ? -0.152  -1.116  -8.444  1.00 8.34  ? 32  LEU A CD1 1 
ATOM   263  C  CD2 . LEU A 1 32  ? -2.426  -1.259  -7.418  1.00 9.76  ? 32  LEU A CD2 1 
ATOM   264  N  N   . PHE A 1 33  ? -3.096  1.360   -11.073 1.00 5.73  ? 33  PHE A N   1 
ATOM   265  C  CA  . PHE A 1 33  ? -3.830  0.784   -12.192 1.00 6.95  ? 33  PHE A CA  1 
ATOM   266  C  C   . PHE A 1 33  ? -3.347  1.344   -13.522 1.00 7.72  ? 33  PHE A C   1 
ATOM   267  O  O   . PHE A 1 33  ? -3.367  0.630   -14.533 1.00 10.33 ? 33  PHE A O   1 
ATOM   268  C  CB  . PHE A 1 33  ? -5.318  1.092   -12.054 1.00 7.01  ? 33  PHE A CB  1 
ATOM   269  C  CG  . PHE A 1 33  ? -6.004  0.404   -10.891 1.00 6.51  ? 33  PHE A CG  1 
ATOM   270  C  CD1 . PHE A 1 33  ? -5.513  -0.774  -10.341 1.00 6.53  ? 33  PHE A CD1 1 
ATOM   271  C  CD2 . PHE A 1 33  ? -7.170  0.937   -10.357 1.00 9.00  ? 33  PHE A CD2 1 
ATOM   272  C  CE1 . PHE A 1 33  ? -6.164  -1.391  -9.286  1.00 7.44  ? 33  PHE A CE1 1 
ATOM   273  C  CE2 . PHE A 1 33  ? -7.822  0.320   -9.319  1.00 9.15  ? 33  PHE A CE2 1 
ATOM   274  C  CZ  . PHE A 1 33  ? -7.326  -0.841  -8.776  1.00 8.59  ? 33  PHE A CZ  1 
ATOM   275  N  N   . LYS A 1 34  ? -2.914  2.607   -13.553 1.00 8.16  ? 34  LYS A N   1 
ATOM   276  C  CA  . LYS A 1 34  ? -2.396  3.181   -14.790 1.00 8.64  ? 34  LYS A CA  1 
ATOM   277  C  C   . LYS A 1 34  ? -1.001  2.672   -15.100 1.00 9.59  ? 34  LYS A C   1 
ATOM   278  O  O   . LYS A 1 34  ? -0.686  2.388   -16.260 1.00 11.22 ? 34  LYS A O   1 
ATOM   279  C  CB  . LYS A 1 34  ? -2.379  4.705   -14.708 1.00 10.44 ? 34  LYS A CB  1 
ATOM   280  C  CG  . LYS A 1 34  ? -3.743  5.347   -14.778 1.00 12.82 ? 34  LYS A CG  1 
ATOM   281  C  CD  . LYS A 1 34  ? -3.650  6.834   -14.459 1.00 18.86 ? 34  LYS A CD  1 
ATOM   282  C  CE  . LYS A 1 34  ? -2.562  7.517   -15.284 1.00 26.63 ? 34  LYS A CE  1 
ATOM   283  N  NZ  . LYS A 1 34  ? -3.147  8.220   -16.455 1.00 24.90 ? 34  LYS A NZ  1 
ATOM   284  N  N   . SER A 1 35  ? -0.152  2.552   -14.081 1.00 7.85  ? 35  SER A N   1 
ATOM   285  C  CA  . SER A 1 35  ? 1.230   2.127   -14.281 1.00 9.36  ? 35  SER A CA  1 
ATOM   286  C  C   . SER A 1 35  ? 1.352   0.627   -14.517 1.00 8.92  ? 35  SER A C   1 
ATOM   287  O  O   . SER A 1 35  ? 2.311   0.186   -15.166 1.00 10.67 ? 35  SER A O   1 
ATOM   288  C  CB  . SER A 1 35  ? 2.073   2.500   -13.062 1.00 10.54 ? 35  SER A CB  1 
ATOM   289  O  OG  . SER A 1 35  ? 2.134   3.906   -12.889 1.00 17.28 ? 35  SER A OG  1 
ATOM   290  N  N   . HIS A 1 36  ? 0.412   -0.162  -14.001 1.00 8.63  ? 36  HIS A N   1 
ATOM   291  C  CA  . HIS A 1 36  ? 0.486   -1.625  -14.052 1.00 6.73  ? 36  HIS A CA  1 
ATOM   292  C  C   . HIS A 1 36  ? -0.912  -2.173  -14.300 1.00 8.60  ? 36  HIS A C   1 
ATOM   293  O  O   . HIS A 1 36  ? -1.590  -2.648  -13.382 1.00 7.92  ? 36  HIS A O   1 
ATOM   294  C  CB  . HIS A 1 36  ? 1.101   -2.183  -12.765 1.00 8.49  ? 36  HIS A CB  1 
ATOM   295  C  CG  . HIS A 1 36  ? 2.473   -1.661  -12.496 1.00 10.19 ? 36  HIS A CG  1 
ATOM   296  N  ND1 . HIS A 1 36  ? 2.727   -0.610  -11.641 1.00 12.75 ? 36  HIS A ND1 1 
ATOM   297  C  CD2 . HIS A 1 36  ? 3.672   -2.028  -13.006 1.00 9.16  ? 36  HIS A CD2 1 
ATOM   298  C  CE1 . HIS A 1 36  ? 4.027   -0.371  -11.620 1.00 10.26 ? 36  HIS A CE1 1 
ATOM   299  N  NE2 . HIS A 1 36  ? 4.622   -1.214  -12.444 1.00 17.33 ? 36  HIS A NE2 1 
ATOM   300  N  N   . PRO A 1 37  ? -1.378  -2.144  -15.555 1.00 8.43  ? 37  PRO A N   1 
ATOM   301  C  CA  . PRO A 1 37  ? -2.769  -2.538  -15.839 1.00 9.28  ? 37  PRO A CA  1 
ATOM   302  C  C   . PRO A 1 37  ? -3.123  -3.962  -15.453 1.00 8.56  ? 37  PRO A C   1 
ATOM   303  O  O   . PRO A 1 37  ? -4.312  -4.267  -15.282 1.00 9.03  ? 37  PRO A O   1 
ATOM   304  C  CB  . PRO A 1 37  ? -2.905  -2.301  -17.352 1.00 9.92  ? 37  PRO A CB  1 
ATOM   305  C  CG  . PRO A 1 37  ? -1.869  -1.262  -17.652 1.00 11.23 ? 37  PRO A CG  1 
ATOM   306  C  CD  . PRO A 1 37  ? -0.718  -1.555  -16.735 1.00 8.36  ? 37  PRO A CD  1 
ATOM   307  N  N   . GLU A 1 38  ? -2.139  -4.849  -15.327 1.00 8.19  ? 38  GLU A N   1 
ATOM   308  C  CA  . GLU A 1 38  ? -2.424  -6.204  -14.878 1.00 8.67  ? 38  GLU A CA  1 
ATOM   309  C  C   . GLU A 1 38  ? -2.999  -6.229  -13.469 1.00 10.25 ? 38  GLU A C   1 
ATOM   310  O  O   . GLU A 1 38  ? -3.723  -7.171  -13.123 1.00 11.04 ? 38  GLU A O   1 
ATOM   311  C  CB  . GLU A 1 38  ? -1.155  -7.059  -14.956 1.00 9.08  ? 38  GLU A CB  1 
ATOM   312  C  CG  . GLU A 1 38  ? -0.046  -6.686  -13.981 1.00 9.83  ? 38  GLU A CG  1 
ATOM   313  C  CD  . GLU A 1 38  ? 0.951   -5.696  -14.548 1.00 8.27  ? 38  GLU A CD  1 
ATOM   314  O  OE1 . GLU A 1 38  ? 0.540   -4.707  -15.209 1.00 8.34  ? 38  GLU A OE1 1 
ATOM   315  O  OE2 . GLU A 1 38  ? 2.150   -5.889  -14.297 1.00 9.36  ? 38  GLU A OE2 1 
ATOM   316  N  N   . THR A 1 39  ? -2.719  -5.202  -12.659 1.00 7.23  ? 39  THR A N   1 
ATOM   317  C  CA  . THR A 1 39  ? -3.276  -5.151  -11.307 1.00 8.39  ? 39  THR A CA  1 
ATOM   318  C  C   . THR A 1 39  ? -4.769  -4.858  -11.339 1.00 7.91  ? 39  THR A C   1 
ATOM   319  O  O   . THR A 1 39  ? -5.540  -5.428  -10.557 1.00 8.48  ? 39  THR A O   1 
ATOM   320  C  CB  . THR A 1 39  ? -2.526  -4.138  -10.428 1.00 6.67  ? 39  THR A CB  1 
ATOM   321  O  OG1 . THR A 1 39  ? -2.731  -2.808  -10.902 1.00 7.72  ? 39  THR A OG1 1 
ATOM   322  C  CG2 . THR A 1 39  ? -1.041  -4.478  -10.356 1.00 8.94  ? 39  THR A CG2 1 
ATOM   323  N  N   . LEU A 1 40  ? -5.186  -3.956  -12.224 1.00 8.07  ? 40  LEU A N   1 
ATOM   324  C  CA  . LEU A 1 40  ? -6.601  -3.635  -12.340 1.00 6.86  ? 40  LEU A CA  1 
ATOM   325  C  C   . LEU A 1 40  ? -7.410  -4.876  -12.713 1.00 8.59  ? 40  LEU A C   1 
ATOM   326  O  O   . LEU A 1 40  ? -8.520  -5.085  -12.214 1.00 8.88  ? 40  LEU A O   1 
ATOM   327  C  CB  . LEU A 1 40  ? -6.769  -2.542  -13.393 1.00 8.59  ? 40  LEU A CB  1 
ATOM   328  C  CG  . LEU A 1 40  ? -8.197  -2.122  -13.702 1.00 7.94  ? 40  LEU A CG  1 
ATOM   329  C  CD1 . LEU A 1 40  ? -8.871  -1.628  -12.442 1.00 11.30 ? 40  LEU A CD1 1 
ATOM   330  C  CD2 . LEU A 1 40  ? -8.203  -1.051  -14.789 1.00 13.34 ? 40  LEU A CD2 1 
ATOM   331  N  N   . GLU A 1 41  ? -6.858  -5.720  -13.585 1.00 9.98  ? 41  GLU A N   1 
ATOM   332  C  CA  . GLU A 1 41  ? -7.563  -6.915  -14.030 1.00 9.66  ? 41  GLU A CA  1 
ATOM   333  C  C   . GLU A 1 41  ? -7.866  -7.886  -12.889 1.00 11.00 ? 41  GLU A C   1 
ATOM   334  O  O   . GLU A 1 41  ? -8.795  -8.688  -13.011 1.00 12.91 ? 41  GLU A O   1 
ATOM   335  C  CB  . GLU A 1 41  ? -6.759  -7.590  -15.147 1.00 12.40 ? 41  GLU A CB  1 
ATOM   336  C  CG  . GLU A 1 41  ? -7.490  -8.726  -15.877 1.00 19.21 ? 41  GLU A CG  1 
ATOM   337  C  CD  . GLU A 1 41  ? -8.726  -8.264  -16.627 1.00 22.43 ? 41  GLU A CD  1 
ATOM   338  O  OE1 . GLU A 1 41  ? -8.877  -7.051  -16.880 1.00 24.20 ? 41  GLU A OE1 1 
ATOM   339  N  N   . LYS A 1 42  ? -7.119  -7.834  -11.785 1.00 9.59  ? 42  LYS A N   1 
ATOM   340  C  CA  . LYS A 1 42  ? -7.421  -8.697  -10.643 1.00 9.46  ? 42  LYS A CA  1 
ATOM   341  C  C   . LYS A 1 42  ? -8.680  -8.289  -9.886  1.00 9.28  ? 42  LYS A C   1 
ATOM   342  O  O   . LYS A 1 42  ? -9.145  -9.060  -9.044  1.00 9.10  ? 42  LYS A O   1 
ATOM   343  C  CB  . LYS A 1 42  ? -6.254  -8.712  -9.655  1.00 11.69 ? 42  LYS A CB  1 
ATOM   344  C  CG  . LYS A 1 42  ? -4.992  -9.359  -10.190 1.00 13.67 ? 42  LYS A CG  1 
ATOM   345  C  CD  . LYS A 1 42  ? -5.113  -10.875 -10.193 1.00 14.93 ? 42  LYS A CD  1 
ATOM   346  C  CE  . LYS A 1 42  ? -3.887  -11.516 -10.833 1.00 15.60 ? 42  LYS A CE  1 
ATOM   347  N  NZ  . LYS A 1 42  ? -3.932  -13.005 -10.709 1.00 18.84 ? 42  LYS A NZ  1 
ATOM   348  N  N   . PHE A 1 43  ? -9.228  -7.102  -10.128 1.00 7.96  ? 43  PHE A N   1 
ATOM   349  C  CA  . PHE A 1 43  ? -10.410 -6.621  -9.411  1.00 8.43  ? 43  PHE A CA  1 
ATOM   350  C  C   . PHE A 1 43  ? -11.627 -6.730  -10.314 1.00 11.06 ? 43  PHE A C   1 
ATOM   351  O  O   . PHE A 1 43  ? -11.842 -5.883  -11.188 1.00 9.66  ? 43  PHE A O   1 
ATOM   352  C  CB  . PHE A 1 43  ? -10.253 -5.155  -9.026  1.00 9.00  ? 43  PHE A CB  1 
ATOM   353  C  CG  . PHE A 1 43  ? -9.302  -4.897  -7.895  1.00 7.51  ? 43  PHE A CG  1 
ATOM   354  C  CD1 . PHE A 1 43  ? -9.745  -4.954  -6.583  1.00 8.60  ? 43  PHE A CD1 1 
ATOM   355  C  CD2 . PHE A 1 43  ? -7.985  -4.554  -8.136  1.00 9.04  ? 43  PHE A CD2 1 
ATOM   356  C  CE1 . PHE A 1 43  ? -8.878  -4.703  -5.524  1.00 9.22  ? 43  PHE A CE1 1 
ATOM   357  C  CE2 . PHE A 1 43  ? -7.123  -4.286  -7.076  1.00 10.25 ? 43  PHE A CE2 1 
ATOM   358  C  CZ  . PHE A 1 43  ? -7.587  -4.348  -5.767  1.00 8.74  ? 43  PHE A CZ  1 
ATOM   359  N  N   . ASP A 1 44  ? -12.452 -7.751  -10.075 1.00 11.73 ? 44  ASP A N   1 
ATOM   360  C  CA  . ASP A 1 44  ? -13.768 -7.800  -10.705 1.00 12.74 ? 44  ASP A CA  1 
ATOM   361  C  C   . ASP A 1 44  ? -14.551 -6.509  -10.471 1.00 14.01 ? 44  ASP A C   1 
ATOM   362  O  O   . ASP A 1 44  ? -15.288 -6.055  -11.356 1.00 14.37 ? 44  ASP A O   1 
ATOM   363  C  CB  . ASP A 1 44  ? -14.551 -9.005  -10.174 1.00 17.91 ? 44  ASP A CB  1 
ATOM   364  C  CG  . ASP A 1 44  ? -14.007 -10.321 -10.690 1.00 22.95 ? 44  ASP A CG  1 
ATOM   365  O  OD1 . ASP A 1 44  ? -13.443 -10.333 -11.806 1.00 27.00 ? 44  ASP A OD1 1 
ATOM   366  N  N   . ARG A 1 45  ? -14.390 -5.898  -9.289  1.00 11.66 ? 45  ARG A N   1 
ATOM   367  C  CA  . ARG A 1 45  ? -15.113 -4.673  -8.947  1.00 12.96 ? 45  ARG A CA  1 
ATOM   368  C  C   . ARG A 1 45  ? -14.714 -3.501  -9.835  1.00 9.94  ? 45  ARG A C   1 
ATOM   369  O  O   . ARG A 1 45  ? -15.497 -2.560  -10.002 1.00 12.39 ? 45  ARG A O   1 
ATOM   370  C  CB  . ARG A 1 45  ? -14.807 -4.265  -7.501  1.00 16.43 ? 45  ARG A CB  1 
ATOM   371  C  CG  . ARG A 1 45  ? -15.755 -4.786  -6.450  1.00 19.71 ? 45  ARG A CG  1 
ATOM   372  C  CD  . ARG A 1 45  ? -15.119 -4.687  -5.072  1.00 16.79 ? 45  ARG A CD  1 
ATOM   373  N  NE  . ARG A 1 45  ? -15.351 -3.381  -4.452  1.00 11.50 ? 45  ARG A NE  1 
ATOM   374  C  CZ  . ARG A 1 45  ? -14.923 -3.043  -3.240  1.00 12.43 ? 45  ARG A CZ  1 
ATOM   375  N  NH1 . ARG A 1 45  ? -14.214 -3.900  -2.507  1.00 12.67 ? 45  ARG A NH1 1 
ATOM   376  N  NH2 . ARG A 1 45  ? -15.190 -1.843  -2.752  1.00 16.86 ? 45  ARG A NH2 1 
ATOM   377  N  N   . PHE A 1 46  ? -13.497 -3.506  -10.379 1.00 8.16  ? 46  PHE A N   1 
ATOM   378  C  CA  . PHE A 1 46  ? -12.957 -2.295  -10.990 1.00 7.83  ? 46  PHE A CA  1 
ATOM   379  C  C   . PHE A 1 46  ? -12.541 -2.456  -12.437 1.00 8.59  ? 46  PHE A C   1 
ATOM   380  O  O   . PHE A 1 46  ? -12.254 -1.453  -13.097 1.00 9.13  ? 46  PHE A O   1 
ATOM   381  C  CB  . PHE A 1 46  ? -11.776 -1.752  -10.164 1.00 7.64  ? 46  PHE A CB  1 
ATOM   382  C  CG  . PHE A 1 46  ? -12.119 -1.500  -8.729  1.00 7.25  ? 46  PHE A CG  1 
ATOM   383  C  CD1 . PHE A 1 46  ? -13.263 -0.795  -8.389  1.00 7.90  ? 46  PHE A CD1 1 
ATOM   384  C  CD2 . PHE A 1 46  ? -11.311 -1.991  -7.713  1.00 9.49  ? 46  PHE A CD2 1 
ATOM   385  C  CE1 . PHE A 1 46  ? -13.596 -0.581  -7.092  1.00 8.95  ? 46  PHE A CE1 1 
ATOM   386  C  CE2 . PHE A 1 46  ? -11.641 -1.767  -6.394  1.00 9.57  ? 46  PHE A CE2 1 
ATOM   387  C  CZ  . PHE A 1 46  ? -12.787 -1.051  -6.085  1.00 9.45  ? 46  PHE A CZ  1 
ATOM   388  N  N   . LYS A 1 47  ? -12.500 -3.675  -12.959 1.00 9.59  ? 47  LYS A N   1 
ATOM   389  C  CA  . LYS A 1 47  ? -11.909 -3.851  -14.272 1.00 11.64 ? 47  LYS A CA  1 
ATOM   390  C  C   . LYS A 1 47  ? -12.732 -3.218  -15.391 1.00 12.56 ? 47  LYS A C   1 
ATOM   391  O  O   . LYS A 1 47  ? -12.217 -3.118  -16.510 1.00 14.61 ? 47  LYS A O   1 
ATOM   392  C  CB  . LYS A 1 47  ? -11.620 -5.330  -14.545 1.00 17.00 ? 47  LYS A CB  1 
ATOM   393  C  CG  . LYS A 1 47  ? -12.854 -6.218  -14.506 1.00 17.32 ? 47  LYS A CG  1 
ATOM   394  C  CD  . LYS A 1 47  ? -12.460 -7.695  -14.530 1.00 24.43 ? 47  LYS A CD  1 
ATOM   395  N  N   . HIS A 1 48  ? -13.970 -2.774  -15.129 1.00 11.17 ? 48  HIS A N   1 
ATOM   396  C  CA  . HIS A 1 48  ? -14.727 -2.023  -16.129 1.00 12.15 ? 48  HIS A CA  1 
ATOM   397  C  C   . HIS A 1 48  ? -14.205 -0.603  -16.337 1.00 13.43 ? 48  HIS A C   1 
ATOM   398  O  O   . HIS A 1 48  ? -14.577 0.038   -17.324 1.00 13.71 ? 48  HIS A O   1 
ATOM   399  C  CB  . HIS A 1 48  ? -16.212 -1.971  -15.750 1.00 12.73 ? 48  HIS A CB  1 
ATOM   400  C  CG  . HIS A 1 48  ? -16.494 -1.114  -14.555 1.00 10.07 ? 48  HIS A CG  1 
ATOM   401  N  ND1 . HIS A 1 48  ? -16.338 -1.566  -13.262 1.00 13.04 ? 48  HIS A ND1 1 
ATOM   402  C  CD2 . HIS A 1 48  ? -16.895 0.176   -14.458 1.00 12.15 ? 48  HIS A CD2 1 
ATOM   403  C  CE1 . HIS A 1 48  ? -16.645 -0.594  -12.421 1.00 12.57 ? 48  HIS A CE1 1 
ATOM   404  N  NE2 . HIS A 1 48  ? -16.995 0.470   -13.120 1.00 11.97 ? 48  HIS A NE2 1 
ATOM   405  N  N   . LEU A 1 49  ? -13.382 -0.081  -15.433 1.00 9.74  ? 49  LEU A N   1 
ATOM   406  C  CA  . LEU A 1 49  ? -12.876 1.279   -15.568 1.00 9.40  ? 49  LEU A CA  1 
ATOM   407  C  C   . LEU A 1 49  ? -11.792 1.329   -16.641 1.00 11.36 ? 49  LEU A C   1 
ATOM   408  O  O   . LEU A 1 49  ? -10.833 0.555   -16.606 1.00 13.51 ? 49  LEU A O   1 
ATOM   409  C  CB  . LEU A 1 49  ? -12.339 1.746   -14.216 1.00 9.43  ? 49  LEU A CB  1 
ATOM   410  C  CG  . LEU A 1 49  ? -13.370 1.710   -13.084 1.00 7.97  ? 49  LEU A CG  1 
ATOM   411  C  CD1 . LEU A 1 49  ? -12.715 1.808   -11.706 1.00 9.63  ? 49  LEU A CD1 1 
ATOM   412  C  CD2 . LEU A 1 49  ? -14.423 2.791   -13.254 1.00 9.65  ? 49  LEU A CD2 1 
ATOM   413  N  N   . LYS A 1 50  ? -11.947 2.247   -17.598 1.00 9.83  ? 50  LYS A N   1 
ATOM   414  C  CA  . LYS A 1 50  ? -11.060 2.304   -18.755 1.00 13.09 ? 50  LYS A CA  1 
ATOM   415  C  C   . LYS A 1 50  ? -10.322 3.625   -18.916 1.00 11.08 ? 50  LYS A C   1 
ATOM   416  O  O   . LYS A 1 50  ? -9.448  3.714   -19.797 1.00 13.20 ? 50  LYS A O   1 
ATOM   417  C  CB  . LYS A 1 50  ? -11.836 2.003   -20.049 1.00 19.13 ? 50  LYS A CB  1 
ATOM   418  C  CG  . LYS A 1 50  ? -12.317 0.562   -20.155 1.00 22.41 ? 50  LYS A CG  1 
ATOM   419  N  N   . THR A 1 51  ? -10.644 4.645   -18.115 1.00 7.91  ? 51  THR A N   1 
ATOM   420  C  CA  . THR A 1 51  ? -9.972  5.937   -18.170 1.00 7.14  ? 51  THR A CA  1 
ATOM   421  C  C   . THR A 1 51  ? -9.688  6.406   -16.754 1.00 7.06  ? 51  THR A C   1 
ATOM   422  O  O   . THR A 1 51  ? -10.372 6.022   -15.797 1.00 6.66  ? 51  THR A O   1 
ATOM   423  C  CB  . THR A 1 51  ? -10.823 7.031   -18.861 1.00 8.91  ? 51  THR A CB  1 
ATOM   424  O  OG1 . THR A 1 51  ? -11.883 7.428   -17.992 1.00 9.80  ? 51  THR A OG1 1 
ATOM   425  C  CG2 . THR A 1 51  ? -11.407 6.552   -20.194 1.00 11.54 ? 51  THR A CG2 1 
ATOM   426  N  N   . GLU A 1 52  ? -8.718  7.320   -16.637 1.00 7.00  ? 52  GLU A N   1 
ATOM   427  C  CA  . GLU A 1 52  ? -8.426  7.907   -15.334 1.00 6.92  ? 52  GLU A CA  1 
ATOM   428  C  C   . GLU A 1 52  ? -9.634  8.663   -14.775 1.00 7.18  ? 52  GLU A C   1 
ATOM   429  O  O   . GLU A 1 52  ? -9.909  8.608   -13.571 1.00 7.51  ? 52  GLU A O   1 
ATOM   430  C  CB  . GLU A 1 52  ? -7.211  8.836   -15.453 1.00 8.96  ? 52  GLU A CB  1 
ATOM   431  C  CG  . GLU A 1 52  ? -6.846  9.501   -14.144 1.00 8.33  ? 52  GLU A CG  1 
ATOM   432  C  CD  . GLU A 1 52  ? -5.465  10.143  -14.125 1.00 12.61 ? 52  GLU A CD  1 
ATOM   433  O  OE1 . GLU A 1 52  ? -4.808  10.218  -15.181 1.00 14.91 ? 52  GLU A OE1 1 
ATOM   434  O  OE2 . GLU A 1 52  ? -5.041  10.578  -13.033 1.00 18.79 ? 52  GLU A OE2 1 
ATOM   435  N  N   . ALA A 1 53  ? -10.353 9.398   -15.630 1.00 7.06  ? 53  ALA A N   1 
ATOM   436  C  CA  . ALA A 1 53  ? -11.530 10.123  -15.164 1.00 8.10  ? 53  ALA A CA  1 
ATOM   437  C  C   . ALA A 1 53  ? -12.580 9.172   -14.608 1.00 6.69  ? 53  ALA A C   1 
ATOM   438  O  O   . ALA A 1 53  ? -13.194 9.466   -13.578 1.00 7.75  ? 53  ALA A O   1 
ATOM   439  C  CB  . ALA A 1 53  ? -12.115 10.983  -16.290 1.00 11.54 ? 53  ALA A CB  1 
ATOM   440  N  N   . GLU A 1 54  ? -12.792 8.028   -15.274 1.00 6.95  ? 54  GLU A N   1 
ATOM   441  C  CA  . GLU A 1 54  ? -13.736 7.046   -14.744 1.00 7.57  ? 54  GLU A CA  1 
ATOM   442  C  C   . GLU A 1 54  ? -13.271 6.530   -13.390 1.00 5.51  ? 54  GLU A C   1 
ATOM   443  O  O   . GLU A 1 54  ? -14.073 6.372   -12.460 1.00 6.22  ? 54  GLU A O   1 
ATOM   444  C  CB  . GLU A 1 54  ? -13.937 5.893   -15.727 1.00 8.87  ? 54  GLU A CB  1 
ATOM   445  C  CG  . GLU A 1 54  ? -14.702 6.265   -17.004 1.00 10.44 ? 54  GLU A CG  1 
ATOM   446  C  CD  . GLU A 1 54  ? -14.706 5.152   -18.035 1.00 16.06 ? 54  GLU A CD  1 
ATOM   447  O  OE1 . GLU A 1 54  ? -14.141 4.072   -17.781 1.00 15.84 ? 54  GLU A OE1 1 
ATOM   448  O  OE2 . GLU A 1 54  ? -15.294 5.354   -19.120 1.00 19.11 ? 54  GLU A OE2 1 
ATOM   449  N  N   . MET A 1 55  ? -11.966 6.281   -13.247 1.00 5.99  ? 55  MET A N   1 
ATOM   450  C  CA  . MET A 1 55  ? -11.455 5.815   -11.962 1.00 5.57  ? 55  MET A CA  1 
ATOM   451  C  C   . MET A 1 55  ? -11.683 6.856   -10.881 1.00 6.01  ? 55  MET A C   1 
ATOM   452  O  O   . MET A 1 55  ? -12.087 6.526   -9.760  1.00 6.45  ? 55  MET A O   1 
ATOM   453  C  CB  . MET A 1 55  ? -9.965  5.491   -12.084 1.00 5.29  ? 55  MET A CB  1 
ATOM   454  C  CG  . MET A 1 55  ? -9.668  4.342   -13.013 1.00 6.53  ? 55  MET A CG  1 
ATOM   455  S  SD  . MET A 1 55  ? -7.909  4.137   -13.228 1.00 8.34  ? 55  MET A SD  1 
ATOM   456  C  CE  . MET A 1 55  ? -7.906  2.887   -14.503 1.00 13.00 ? 55  MET A CE  1 
ATOM   457  N  N   . LYS A 1 56  ? -11.422 8.129   -11.193 1.00 6.67  ? 56  LYS A N   1 
ATOM   458  C  CA  . LYS A 1 56  ? -11.586 9.191   -10.202 1.00 7.63  ? 56  LYS A CA  1 
ATOM   459  C  C   . LYS A 1 56  ? -13.040 9.404   -9.813  1.00 8.44  ? 56  LYS A C   1 
ATOM   460  O  O   . LYS A 1 56  ? -13.303 9.895   -8.712  1.00 11.90 ? 56  LYS A O   1 
ATOM   461  C  CB  . LYS A 1 56  ? -11.010 10.517  -10.714 1.00 10.08 ? 56  LYS A CB  1 
ATOM   462  C  CG  . LYS A 1 56  ? -9.485  10.577  -10.763 1.00 14.38 ? 56  LYS A CG  1 
ATOM   463  C  CD  . LYS A 1 56  ? -8.984  11.893  -11.340 1.00 19.62 ? 56  LYS A CD  1 
ATOM   464  N  N   . ALA A 1 57  ? -13.975 9.036   -10.682 1.00 7.30  ? 57  ALA A N   1 
ATOM   465  C  CA  . ALA A 1 57  ? -15.392 9.212   -10.414 1.00 7.95  ? 57  ALA A CA  1 
ATOM   466  C  C   . ALA A 1 57  ? -16.011 8.029   -9.691  1.00 7.62  ? 57  ALA A C   1 
ATOM   467  O  O   . ALA A 1 57  ? -17.199 8.101   -9.342  1.00 10.49 ? 57  ALA A O   1 
ATOM   468  C  CB  . ALA A 1 57  ? -16.141 9.406   -11.733 1.00 10.66 ? 57  ALA A CB  1 
ATOM   469  N  N   . SER A 1 58  ? -15.268 6.946   -9.463  1.00 6.22  ? 58  SER A N   1 
ATOM   470  C  CA  . SER A 1 58  ? -15.830 5.721   -8.887  1.00 5.59  ? 58  SER A CA  1 
ATOM   471  C  C   . SER A 1 58  ? -15.841 5.820   -7.362  1.00 5.58  ? 58  SER A C   1 
ATOM   472  O  O   . SER A 1 58  ? -14.786 5.808   -6.722  1.00 6.62  ? 58  SER A O   1 
ATOM   473  C  CB  . SER A 1 58  ? -15.037 4.501   -9.335  1.00 5.95  ? 58  SER A CB  1 
ATOM   474  O  OG  . SER A 1 58  ? -15.491 3.348   -8.628  1.00 6.04  ? 58  SER A OG  1 
ATOM   475  N  N   . GLU A 1 59  ? -17.038 5.857   -6.775  1.00 5.75  ? 59  GLU A N   1 
ATOM   476  C  CA  . GLU A 1 59  ? -17.108 5.869   -5.323  1.00 5.25  ? 59  GLU A CA  1 
ATOM   477  C  C   . GLU A 1 59  ? -16.654 4.540   -4.746  1.00 5.70  ? 59  GLU A C   1 
ATOM   478  O  O   . GLU A 1 59  ? -16.029 4.506   -3.683  1.00 6.46  ? 59  GLU A O   1 
ATOM   479  C  CB  . GLU A 1 59  ? -18.528 6.215   -4.878  1.00 8.04  ? 59  GLU A CB  1 
ATOM   480  C  CG  . GLU A 1 59  ? -18.632 6.500   -3.389  1.00 9.52  ? 59  GLU A CG  1 
ATOM   481  C  CD  . GLU A 1 59  ? -17.873 7.747   -2.955  1.00 10.72 ? 59  GLU A CD  1 
ATOM   482  O  OE1 . GLU A 1 59  ? -17.418 8.528   -3.819  1.00 12.04 ? 59  GLU A OE1 1 
ATOM   483  O  OE2 . GLU A 1 59  ? -17.764 7.963   -1.731  1.00 12.59 ? 59  GLU A OE2 1 
ATOM   484  N  N   . ASP A 1 60  ? -16.954 3.442   -5.427  1.00 5.09  ? 60  ASP A N   1 
ATOM   485  C  CA  . ASP A 1 60  ? -16.528 2.140   -4.935  1.00 5.89  ? 60  ASP A CA  1 
ATOM   486  C  C   . ASP A 1 60  ? -15.011 2.024   -4.891  1.00 5.61  ? 60  ASP A C   1 
ATOM   487  O  O   . ASP A 1 60  ? -14.452 1.402   -3.974  1.00 6.00  ? 60  ASP A O   1 
ATOM   488  C  CB  . ASP A 1 60  ? -17.150 1.034   -5.776  1.00 8.45  ? 60  ASP A CB  1 
ATOM   489  C  CG  . ASP A 1 60  ? -17.134 -0.290  -5.063  1.00 10.03 ? 60  ASP A CG  1 
ATOM   490  O  OD1 . ASP A 1 60  ? -17.506 -0.353  -3.864  1.00 10.90 ? 60  ASP A OD1 1 
ATOM   491  O  OD2 . ASP A 1 60  ? -16.746 -1.276  -5.705  1.00 13.76 ? 60  ASP A OD2 1 
ATOM   492  N  N   . LEU A 1 61  ? -14.320 2.579   -5.893  1.00 5.00  ? 61  LEU A N   1 
ATOM   493  C  CA  A LEU A 1 61  ? -12.859 2.581   -5.869  0.48 4.63  ? 61  LEU A CA  1 
ATOM   494  C  CA  B LEU A 1 61  ? -12.861 2.573   -5.863  0.52 4.63  ? 61  LEU A CA  1 
ATOM   495  C  C   . LEU A 1 61  ? -12.348 3.359   -4.667  1.00 5.30  ? 61  LEU A C   1 
ATOM   496  O  O   . LEU A 1 61  ? -11.428 2.911   -3.970  1.00 5.14  ? 61  LEU A O   1 
ATOM   497  C  CB  A LEU A 1 61  ? -12.308 3.172   -7.172  0.48 5.58  ? 61  LEU A CB  1 
ATOM   498  C  CB  B LEU A 1 61  ? -12.305 3.138   -7.167  0.52 5.58  ? 61  LEU A CB  1 
ATOM   499  C  CG  A LEU A 1 61  ? -10.791 3.122   -7.437  0.48 5.68  ? 61  LEU A CG  1 
ATOM   500  C  CG  B LEU A 1 61  ? -10.778 3.081   -7.269  0.52 5.61  ? 61  LEU A CG  1 
ATOM   501  C  CD1 A LEU A 1 61  ? -10.497 3.023   -8.937  0.48 6.33  ? 61  LEU A CD1 1 
ATOM   502  C  CD1 B LEU A 1 61  ? -10.320 1.655   -7.078  0.52 8.49  ? 61  LEU A CD1 1 
ATOM   503  C  CD2 A LEU A 1 61  ? -10.051 4.317   -6.834  0.48 7.33  ? 61  LEU A CD2 1 
ATOM   504  C  CD2 B LEU A 1 61  ? -10.302 3.618   -8.609  0.52 6.07  ? 61  LEU A CD2 1 
ATOM   505  N  N   . LYS A 1 62  ? -12.945 4.523   -4.402  1.00 5.39  ? 62  LYS A N   1 
ATOM   506  C  CA  . LYS A 1 62  ? -12.562 5.323   -3.246  1.00 5.86  ? 62  LYS A CA  1 
ATOM   507  C  C   . LYS A 1 62  ? -12.784 4.548   -1.954  1.00 6.03  ? 62  LYS A C   1 
ATOM   508  O  O   . LYS A 1 62  ? -11.957 4.600   -1.041  1.00 5.79  ? 62  LYS A O   1 
ATOM   509  C  CB  . LYS A 1 62  ? -13.388 6.615   -3.255  1.00 7.14  ? 62  LYS A CB  1 
ATOM   510  C  CG  . LYS A 1 62  ? -12.998 7.663   -2.245  1.00 8.74  ? 62  LYS A CG  1 
ATOM   511  C  CD  . LYS A 1 62  ? -13.764 8.966   -2.535  1.00 10.69 ? 62  LYS A CD  1 
ATOM   512  C  CE  . LYS A 1 62  ? -13.426 10.050  -1.547  1.00 11.21 ? 62  LYS A CE  1 
ATOM   513  N  NZ  . LYS A 1 62  ? -14.024 11.345  -1.982  1.00 11.91 ? 62  LYS A NZ  1 
ATOM   514  N  N   . LYS A 1 63  ? -13.895 3.815   -1.857  1.00 6.16  ? 63  LYS A N   1 
ATOM   515  C  CA  . LYS A 1 63  ? -14.155 3.001   -0.677  1.00 6.37  ? 63  LYS A CA  1 
ATOM   516  C  C   . LYS A 1 63  ? -13.068 1.948   -0.482  1.00 5.99  ? 63  LYS A C   1 
ATOM   517  O  O   . LYS A 1 63  ? -12.576 1.743   0.635   1.00 6.80  ? 63  LYS A O   1 
ATOM   518  C  CB  . LYS A 1 63  ? -15.518 2.327   -0.817  1.00 8.21  ? 63  LYS A CB  1 
ATOM   519  C  CG  . LYS A 1 63  ? -15.969 1.550   0.399   1.00 17.67 ? 63  LYS A CG  1 
ATOM   520  C  CD  . LYS A 1 63  ? -17.426 1.112   0.251   1.00 24.19 ? 63  LYS A CD  1 
ATOM   521  N  N   . HIS A 1 64  ? -12.688 1.246   -1.549  1.00 5.22  ? 64  HIS A N   1 
ATOM   522  C  CA  . HIS A 1 64  ? -11.652 0.236   -1.386  1.00 6.22  ? 64  HIS A CA  1 
ATOM   523  C  C   . HIS A 1 64  ? -10.304 0.853   -1.034  1.00 4.72  ? 64  HIS A C   1 
ATOM   524  O  O   . HIS A 1 64  ? -9.525  0.259   -0.269  1.00 5.51  ? 64  HIS A O   1 
ATOM   525  C  CB  . HIS A 1 64  ? -11.534 -0.664  -2.608  1.00 6.80  ? 64  HIS A CB  1 
ATOM   526  C  CG  . HIS A 1 64  ? -10.660 -1.848  -2.352  1.00 7.01  ? 64  HIS A CG  1 
ATOM   527  N  ND1 . HIS A 1 64  ? -10.969 -2.787  -1.388  1.00 8.09  ? 64  HIS A ND1 1 
ATOM   528  C  CD2 . HIS A 1 64  ? -9.479  -2.229  -2.889  1.00 6.29  ? 64  HIS A CD2 1 
ATOM   529  C  CE1 . HIS A 1 64  ? -10.014 -3.702  -1.351  1.00 8.51  ? 64  HIS A CE1 1 
ATOM   530  N  NE2 . HIS A 1 64  ? -9.100  -3.388  -2.252  1.00 7.22  ? 64  HIS A NE2 1 
ATOM   531  N  N   . GLY A 1 65  ? -9.993  2.025   -1.585  1.00 4.90  ? 65  GLY A N   1 
ATOM   532  C  CA  . GLY A 1 65  ? -8.752  2.682   -1.214  1.00 5.31  ? 65  GLY A CA  1 
ATOM   533  C  C   . GLY A 1 65  ? -8.669  2.961   0.271   1.00 5.15  ? 65  GLY A C   1 
ATOM   534  O  O   . GLY A 1 65  ? -7.606  2.821   0.887   1.00 5.15  ? 65  GLY A O   1 
ATOM   535  N  N   . VAL A 1 66  ? -9.803  3.318   0.885   1.00 5.91  ? 66  VAL A N   1 
ATOM   536  C  CA  . VAL A 1 66  ? -9.833  3.495   2.334   1.00 6.72  ? 66  VAL A CA  1 
ATOM   537  C  C   . VAL A 1 66  ? -9.569  2.176   3.038   1.00 6.50  ? 66  VAL A C   1 
ATOM   538  O  O   . VAL A 1 66  ? -8.800  2.122   4.008   1.00 6.72  ? 66  VAL A O   1 
ATOM   539  C  CB  . VAL A 1 66  ? -11.176 4.109   2.767   1.00 7.31  ? 66  VAL A CB  1 
ATOM   540  C  CG1 . VAL A 1 66  ? -11.332 4.072   4.293   1.00 9.90  ? 66  VAL A CG1 1 
ATOM   541  C  CG2 . VAL A 1 66  ? -11.301 5.519   2.234   1.00 10.58 ? 66  VAL A CG2 1 
ATOM   542  N  N   . THR A 1 67  ? -10.188 1.094   2.567   1.00 6.21  ? 67  THR A N   1 
ATOM   543  C  CA  . THR A 1 67  ? -9.942  -0.213  3.167   1.00 6.68  ? 67  THR A CA  1 
ATOM   544  C  C   . THR A 1 67  ? -8.462  -0.581  3.110   1.00 6.33  ? 67  THR A C   1 
ATOM   545  O  O   . THR A 1 67  ? -7.892  -1.063  4.096   1.00 6.92  ? 67  THR A O   1 
ATOM   546  C  CB  . THR A 1 67  ? -10.787 -1.248  2.433   1.00 6.98  ? 67  THR A CB  1 
ATOM   547  O  OG1 . THR A 1 67  ? -12.156 -0.964  2.725   1.00 9.67  ? 67  THR A OG1 1 
ATOM   548  C  CG2 . THR A 1 67  ? -10.463 -2.671  2.879   1.00 10.57 ? 67  THR A CG2 1 
ATOM   549  N  N   . VAL A 1 68  ? -7.827  -0.378  1.957   1.00 4.98  ? 68  VAL A N   1 
ATOM   550  C  CA  . VAL A 1 68  ? -6.422  -0.740  1.803   1.00 4.97  ? 68  VAL A CA  1 
ATOM   551  C  C   . VAL A 1 68  ? -5.545  0.083   2.738   1.00 4.39  ? 68  VAL A C   1 
ATOM   552  O  O   . VAL A 1 68  ? -4.699  -0.461  3.462   1.00 5.19  ? 68  VAL A O   1 
ATOM   553  C  CB  . VAL A 1 68  ? -6.000  -0.566  0.337   1.00 5.61  ? 68  VAL A CB  1 
ATOM   554  C  CG1 . VAL A 1 68  ? -4.477  -0.722  0.185   1.00 5.69  ? 68  VAL A CG1 1 
ATOM   555  C  CG2 . VAL A 1 68  ? -6.747  -1.550  -0.557  1.00 7.01  ? 68  VAL A CG2 1 
ATOM   556  N  N   . LEU A 1 69  ? -5.703  1.409   2.714   1.00 4.48  ? 69  LEU A N   1 
ATOM   557  C  CA  . LEU A 1 69  ? -4.807  2.247   3.502   1.00 5.02  ? 69  LEU A CA  1 
ATOM   558  C  C   . LEU A 1 69  ? -5.065  2.105   4.994   1.00 5.69  ? 69  LEU A C   1 
ATOM   559  O  O   . LEU A 1 69  ? -4.138  2.256   5.800   1.00 6.47  ? 69  LEU A O   1 
ATOM   560  C  CB  . LEU A 1 69  ? -4.888  3.700   3.057   1.00 6.16  ? 69  LEU A CB  1 
ATOM   561  C  CG  . LEU A 1 69  ? -4.416  4.002   1.631   1.00 5.54  ? 69  LEU A CG  1 
ATOM   562  C  CD1 . LEU A 1 69  ? -4.333  5.510   1.405   1.00 7.70  ? 69  LEU A CD1 1 
ATOM   563  C  CD2 . LEU A 1 69  ? -3.074  3.349   1.318   1.00 9.86  ? 69  LEU A CD2 1 
ATOM   564  N  N   . THR A 1 70  ? -6.303  1.810   5.392   1.00 6.15  ? 70  THR A N   1 
ATOM   565  C  CA  . THR A 1 70  ? -6.571  1.559   6.808   1.00 7.77  ? 70  THR A CA  1 
ATOM   566  C  C   . THR A 1 70  ? -5.858  0.298   7.279   1.00 6.20  ? 70  THR A C   1 
ATOM   567  O  O   . THR A 1 70  ? -5.244  0.288   8.357   1.00 7.69  ? 70  THR A O   1 
ATOM   568  C  CB  . THR A 1 70  ? -8.081  1.498   7.045   1.00 9.67  ? 70  THR A CB  1 
ATOM   569  O  OG1 . THR A 1 70  ? -8.675  2.742   6.657   1.00 13.10 ? 70  THR A OG1 1 
ATOM   570  C  CG2 . THR A 1 70  ? -8.413  1.238   8.515   1.00 14.93 ? 70  THR A CG2 1 
ATOM   571  N  N   . ALA A 1 71  ? -5.903  -0.765  6.484   1.00 6.37  ? 71  ALA A N   1 
ATOM   572  C  CA  . ALA A 1 71  ? -5.180  -1.974  6.848   1.00 6.18  ? 71  ALA A CA  1 
ATOM   573  C  C   . ALA A 1 71  ? -3.679  -1.726  6.875   1.00 5.11  ? 71  ALA A C   1 
ATOM   574  O  O   . ALA A 1 71  ? -2.974  -2.221  7.768   1.00 5.60  ? 71  ALA A O   1 
ATOM   575  C  CB  . ALA A 1 71  ? -5.541  -3.093  5.879   1.00 6.86  ? 71  ALA A CB  1 
ATOM   576  N  N   . LEU A 1 72  ? -3.164  -0.988  5.887   1.00 4.65  ? 72  LEU A N   1 
ATOM   577  C  CA  . LEU A 1 72  ? -1.730  -0.738  5.853   1.00 5.14  ? 72  LEU A CA  1 
ATOM   578  C  C   . LEU A 1 72  ? -1.284  0.121   7.027   1.00 5.30  ? 72  LEU A C   1 
ATOM   579  O  O   . LEU A 1 72  ? -0.230  -0.142  7.616   1.00 5.54  ? 72  LEU A O   1 
ATOM   580  C  CB  . LEU A 1 72  ? -1.341  -0.131  4.509   1.00 6.76  ? 72  LEU A CB  1 
ATOM   581  C  CG  . LEU A 1 72  ? 0.154   0.131   4.347   1.00 6.96  ? 72  LEU A CG  1 
ATOM   582  C  CD1 . LEU A 1 72  ? 0.963   -1.141  4.479   1.00 9.75  ? 72  LEU A CD1 1 
ATOM   583  C  CD2 . LEU A 1 72  ? 0.391   0.775   2.977   1.00 8.59  ? 72  LEU A CD2 1 
ATOM   584  N  N   . GLY A 1 73  ? -2.064  1.141   7.385   1.00 5.77  ? 73  GLY A N   1 
ATOM   585  C  CA  . GLY A 1 73  ? -1.700  1.966   8.528   1.00 6.51  ? 73  GLY A CA  1 
ATOM   586  C  C   . GLY A 1 73  ? -1.646  1.173   9.819   1.00 6.15  ? 73  GLY A C   1 
ATOM   587  O  O   . GLY A 1 73  ? -0.748  1.370   10.642  1.00 6.85  ? 73  GLY A O   1 
ATOM   588  N  N   . ALA A 1 74  ? -2.590  0.250   10.003  1.00 6.07  ? 74  ALA A N   1 
ATOM   589  C  CA  . ALA A 1 74  ? -2.564  -0.601  11.190  1.00 6.03  ? 74  ALA A CA  1 
ATOM   590  C  C   . ALA A 1 74  ? -1.301  -1.460  11.212  1.00 6.30  ? 74  ALA A C   1 
ATOM   591  O  O   . ALA A 1 74  ? -0.704  -1.671  12.273  1.00 8.28  ? 74  ALA A O   1 
ATOM   592  C  CB  . ALA A 1 74  ? -3.832  -1.461  11.268  1.00 7.69  ? 74  ALA A CB  1 
ATOM   593  N  N   . ILE A 1 75  ? -0.858  -1.938  10.048  1.00 5.24  ? 75  ILE A N   1 
ATOM   594  C  CA  . ILE A 1 75  ? 0.392   -2.696  9.975   1.00 6.22  ? 75  ILE A CA  1 
ATOM   595  C  C   . ILE A 1 75  ? 1.581   -1.813  10.349  1.00 4.89  ? 75  ILE A C   1 
ATOM   596  O  O   . ILE A 1 75  ? 2.424   -2.182  11.181  1.00 5.78  ? 75  ILE A O   1 
ATOM   597  C  CB  . ILE A 1 75  ? 0.551   -3.320  8.573   1.00 5.63  ? 75  ILE A CB  1 
ATOM   598  C  CG1 . ILE A 1 75  ? -0.424  -4.488  8.376   1.00 6.21  ? 75  ILE A CG1 1 
ATOM   599  C  CG2 . ILE A 1 75  ? 1.977   -3.757  8.313   1.00 5.97  ? 75  ILE A CG2 1 
ATOM   600  C  CD1 . ILE A 1 75  ? -0.651  -4.816  6.907   1.00 7.55  ? 75  ILE A CD1 1 
ATOM   601  N  N   . LEU A 1 76  ? 1.674   -0.633  9.740   1.00 4.96  ? 76  LEU A N   1 
ATOM   602  C  CA  . LEU A 1 76  ? 2.840   0.219   9.972   1.00 5.17  ? 76  LEU A CA  1 
ATOM   603  C  C   . LEU A 1 76  ? 2.964   0.630   11.433  1.00 5.44  ? 76  LEU A C   1 
ATOM   604  O  O   . LEU A 1 76  ? 4.074   0.716   11.967  1.00 6.39  ? 76  LEU A O   1 
ATOM   605  C  CB  . LEU A 1 76  ? 2.768   1.456   9.079   1.00 6.38  ? 76  LEU A CB  1 
ATOM   606  C  CG  . LEU A 1 76  ? 2.883   1.190   7.578   1.00 5.10  ? 76  LEU A CG  1 
ATOM   607  C  CD1 . LEU A 1 76  ? 2.652   2.504   6.841   1.00 7.94  ? 76  LEU A CD1 1 
ATOM   608  C  CD2 . LEU A 1 76  ? 4.223   0.574   7.192   1.00 7.67  ? 76  LEU A CD2 1 
ATOM   609  N  N   . LYS A 1 77  ? 1.834   0.876   12.096  1.00 7.01  ? 77  LYS A N   1 
ATOM   610  C  CA  . LYS A 1 77  ? 1.872   1.309   13.480  1.00 6.92  ? 77  LYS A CA  1 
ATOM   611  C  C   . LYS A 1 77  ? 2.327   0.210   14.422  1.00 7.26  ? 77  LYS A C   1 
ATOM   612  O  O   . LYS A 1 77  ? 2.668   0.520   15.569  1.00 9.54  ? 77  LYS A O   1 
ATOM   613  C  CB  . LYS A 1 77  ? 0.508   1.870   13.887  1.00 9.47  ? 77  LYS A CB  1 
ATOM   614  C  CG  . LYS A 1 77  ? 0.193   3.182   13.191  1.00 11.09 ? 77  LYS A CG  1 
ATOM   615  C  CD  . LYS A 1 77  ? -1.218  3.643   13.450  1.00 10.44 ? 77  LYS A CD  1 
ATOM   616  C  CE  . LYS A 1 77  ? -1.619  4.698   12.446  1.00 12.13 ? 77  LYS A CE  1 
ATOM   617  N  NZ  . LYS A 1 77  ? -3.012  5.141   12.695  1.00 19.55 ? 77  LYS A NZ  1 
ATOM   618  N  N   . LYS A 1 78  ? 2.349   -1.052  13.984  1.00 6.13  ? 78  LYS A N   1 
ATOM   619  C  CA  . LYS A 1 78  ? 2.937   -2.112  14.781  1.00 7.73  ? 78  LYS A CA  1 
ATOM   620  C  C   . LYS A 1 78  ? 4.455   -2.111  14.735  1.00 7.25  ? 78  LYS A C   1 
ATOM   621  O  O   . LYS A 1 78  ? 5.069   -2.883  15.474  1.00 8.10  ? 78  LYS A O   1 
ATOM   622  C  CB  . LYS A 1 78  ? 2.486   -3.490  14.291  1.00 8.71  ? 78  LYS A CB  1 
ATOM   623  C  CG  . LYS A 1 78  ? 0.997   -3.718  14.278  1.00 12.43 ? 78  LYS A CG  1 
ATOM   624  C  CD  . LYS A 1 78  ? 0.428   -3.624  15.670  1.00 15.49 ? 78  LYS A CD  1 
ATOM   625  N  N   . LYS A 1 79  ? 5.073   -1.309  13.866  1.00 6.62  ? 79  LYS A N   1 
ATOM   626  C  CA  . LYS A 1 79  ? 6.525   -1.187  13.814  1.00 7.06  ? 79  LYS A CA  1 
ATOM   627  C  C   . LYS A 1 79  ? 7.194   -2.557  13.713  1.00 7.23  ? 79  LYS A C   1 
ATOM   628  O  O   . LYS A 1 79  ? 8.153   -2.876  14.426  1.00 8.07  ? 79  LYS A O   1 
ATOM   629  C  CB  . LYS A 1 79  ? 7.060   -0.348  14.983  1.00 7.81  ? 79  LYS A CB  1 
ATOM   630  C  CG  . LYS A 1 79  ? 6.473   1.065   14.988  1.00 8.54  ? 79  LYS A CG  1 
ATOM   631  C  CD  . LYS A 1 79  ? 6.643   1.823   16.309  1.00 14.47 ? 79  LYS A CD  1 
ATOM   632  C  CE  . LYS A 1 79  ? 8.086   2.060   16.666  1.00 16.22 ? 79  LYS A CE  1 
ATOM   633  N  NZ  . LYS A 1 79  ? 8.201   2.735   18.004  1.00 12.15 ? 79  LYS A NZ  1 
ATOM   634  N  N   . GLY A 1 80  ? 6.672   -3.390  12.808  1.00 6.38  ? 80  GLY A N   1 
ATOM   635  C  CA  . GLY A 1 80  ? 7.240   -4.687  12.539  1.00 8.48  ? 80  GLY A CA  1 
ATOM   636  C  C   . GLY A 1 80  ? 6.591   -5.832  13.288  1.00 9.12  ? 80  GLY A C   1 
ATOM   637  O  O   . GLY A 1 80  ? 6.751   -6.991  12.881  1.00 9.84  ? 80  GLY A O   1 
ATOM   638  N  N   . HIS A 1 81  ? 5.852   -5.543  14.354  1.00 8.22  ? 81  HIS A N   1 
ATOM   639  C  CA  . HIS A 1 81  ? 5.193   -6.585  15.149  1.00 8.29  ? 81  HIS A CA  1 
ATOM   640  C  C   . HIS A 1 81  ? 3.787   -6.858  14.616  1.00 9.72  ? 81  HIS A C   1 
ATOM   641  O  O   . HIS A 1 81  ? 2.781   -6.701  15.310  1.00 9.53  ? 81  HIS A O   1 
ATOM   642  C  CB  . HIS A 1 81  ? 5.145   -6.166  16.614  1.00 12.69 ? 81  HIS A CB  1 
ATOM   643  C  CG  . HIS A 1 81  ? 6.492   -5.926  17.211  1.00 14.74 ? 81  HIS A CG  1 
ATOM   644  N  ND1 . HIS A 1 81  ? 7.263   -6.944  17.727  1.00 22.61 ? 81  HIS A ND1 1 
ATOM   645  C  CD2 . HIS A 1 81  ? 7.210   -4.790  17.367  1.00 17.05 ? 81  HIS A CD2 1 
ATOM   646  C  CE1 . HIS A 1 81  ? 8.400   -6.445  18.180  1.00 21.56 ? 81  HIS A CE1 1 
ATOM   647  N  NE2 . HIS A 1 81  ? 8.392   -5.140  17.978  1.00 23.62 ? 81  HIS A NE2 1 
ATOM   648  N  N   . HIS A 1 82  ? 3.735   -7.281  13.351  1.00 8.55  ? 82  HIS A N   1 
ATOM   649  C  CA  . HIS A 1 82  ? 2.504   -7.290  12.569  1.00 8.10  ? 82  HIS A CA  1 
ATOM   650  C  C   . HIS A 1 82  ? 2.054   -8.698  12.180  1.00 7.45  ? 82  HIS A C   1 
ATOM   651  O  O   . HIS A 1 82  ? 1.248   -8.848  11.257  1.00 7.32  ? 82  HIS A O   1 
ATOM   652  C  CB  . HIS A 1 82  ? 2.653   -6.401  11.328  1.00 8.70  ? 82  HIS A CB  1 
ATOM   653  C  CG  . HIS A 1 82  ? 3.878   -6.687  10.509  1.00 7.59  ? 82  HIS A CG  1 
ATOM   654  N  ND1 . HIS A 1 82  ? 4.641   -5.688  9.940   1.00 8.80  ? 82  HIS A ND1 1 
ATOM   655  C  CD2 . HIS A 1 82  ? 4.482   -7.856  10.183  1.00 9.30  ? 82  HIS A CD2 1 
ATOM   656  C  CE1 . HIS A 1 82  ? 5.650   -6.232  9.280   1.00 7.61  ? 82  HIS A CE1 1 
ATOM   657  N  NE2 . HIS A 1 82  ? 5.579   -7.546  9.415   1.00 8.42  ? 82  HIS A NE2 1 
ATOM   658  N  N   . GLU A 1 83  ? 2.545   -9.734  12.865  1.00 9.79  ? 83  GLU A N   1 
ATOM   659  C  CA  . GLU A 1 83  ? 2.227   -11.105 12.474  1.00 10.18 ? 83  GLU A CA  1 
ATOM   660  C  C   . GLU A 1 83  ? 0.717   -11.347 12.405  1.00 9.98  ? 83  GLU A C   1 
ATOM   661  O  O   . GLU A 1 83  ? 0.227   -11.973 11.459  1.00 10.70 ? 83  GLU A O   1 
ATOM   662  C  CB  . GLU A 1 83  ? 2.873   -12.081 13.457  1.00 12.22 ? 83  GLU A CB  1 
ATOM   663  N  N   . ALA A 1 84  ? -0.034  -10.872 13.400  1.00 10.17 ? 84  ALA A N   1 
ATOM   664  C  CA  . ALA A 1 84  ? -1.473  -11.114 13.409  1.00 11.24 ? 84  ALA A CA  1 
ATOM   665  C  C   . ALA A 1 84  ? -2.169  -10.386 12.273  1.00 9.91  ? 84  ALA A C   1 
ATOM   666  O  O   . ALA A 1 84  ? -3.166  -10.886 11.736  1.00 12.88 ? 84  ALA A O   1 
ATOM   667  C  CB  . ALA A 1 84  ? -2.076  -10.676 14.741  1.00 16.06 ? 84  ALA A CB  1 
ATOM   668  N  N   . GLU A 1 85  ? -1.667  -9.212  11.892  1.00 8.41  ? 85  GLU A N   1 
ATOM   669  C  CA  . GLU A 1 85  ? -2.279  -8.465  10.806  1.00 11.12 ? 85  GLU A CA  1 
ATOM   670  C  C   . GLU A 1 85  ? -2.029  -9.141  9.473   1.00 7.67  ? 85  GLU A C   1 
ATOM   671  O  O   . GLU A 1 85  ? -2.892  -9.109  8.585   1.00 7.95  ? 85  GLU A O   1 
ATOM   672  C  CB  . GLU A 1 85  ? -1.700  -7.053  10.774  1.00 12.20 ? 85  GLU A CB  1 
ATOM   673  C  CG  . GLU A 1 85  ? -2.283  -6.108  11.819  1.00 14.95 ? 85  GLU A CG  1 
ATOM   674  C  CD  . GLU A 1 85  ? -1.959  -6.491  13.250  1.00 22.03 ? 85  GLU A CD  1 
ATOM   675  O  OE1 . GLU A 1 85  ? -0.847  -7.013  13.520  1.00 17.90 ? 85  GLU A OE1 1 
ATOM   676  O  OE2 . GLU A 1 85  ? -2.838  -6.269  14.112  1.00 26.16 ? 85  GLU A OE2 1 
ATOM   677  N  N   . LEU A 1 86  ? -0.869  -9.782  9.309   1.00 7.63  ? 86  LEU A N   1 
ATOM   678  C  CA  . LEU A 1 86  ? -0.541  -10.326 7.999   1.00 8.13  ? 86  LEU A CA  1 
ATOM   679  C  C   . LEU A 1 86  ? -1.214  -11.652 7.727   1.00 9.48  ? 86  LEU A C   1 
ATOM   680  O  O   . LEU A 1 86  ? -1.348  -12.020 6.562   1.00 8.97  ? 86  LEU A O   1 
ATOM   681  C  CB  . LEU A 1 86  ? 0.973   -10.477 7.842   1.00 8.65  ? 86  LEU A CB  1 
ATOM   682  C  CG  . LEU A 1 86  ? 1.793   -9.192  7.946   1.00 13.87 ? 86  LEU A CG  1 
ATOM   683  C  CD1 . LEU A 1 86  ? 3.192   -9.438  7.366   1.00 11.07 ? 86  LEU A CD1 1 
ATOM   684  C  CD2 . LEU A 1 86  ? 1.119   -7.975  7.309   1.00 15.53 ? 86  LEU A CD2 1 
ATOM   685  N  N   . LYS A 1 87  ? -1.627  -12.392 8.767   1.00 10.42 ? 87  LYS A N   1 
ATOM   686  C  CA  . LYS A 1 87  ? -2.168  -13.733 8.544   1.00 10.68 ? 87  LYS A CA  1 
ATOM   687  C  C   . LYS A 1 87  ? -3.392  -13.749 7.634   1.00 9.18  ? 87  LYS A C   1 
ATOM   688  O  O   . LYS A 1 87  ? -3.369  -14.456 6.611   1.00 9.42  ? 87  LYS A O   1 
ATOM   689  C  CB  . LYS A 1 87  ? -2.383  -14.452 9.878   1.00 13.57 ? 87  LYS A CB  1 
ATOM   690  C  CG  . LYS A 1 87  ? -1.114  -14.985 10.493  1.00 19.99 ? 87  LYS A CG  1 
ATOM   691  N  N   . PRO A 1 88  ? -4.475  -13.013 7.921   1.00 7.84  ? 88  PRO A N   1 
ATOM   692  C  CA  . PRO A 1 88  ? -5.626  -13.102 7.020   1.00 8.03  ? 88  PRO A CA  1 
ATOM   693  C  C   . PRO A 1 88  ? -5.340  -12.483 5.676   1.00 6.61  ? 88  PRO A C   1 
ATOM   694  O  O   . PRO A 1 88  ? -5.908  -12.916 4.670   1.00 7.97  ? 88  PRO A O   1 
ATOM   695  C  CB  . PRO A 1 88  ? -6.735  -12.343 7.765   1.00 10.48 ? 88  PRO A CB  1 
ATOM   696  C  CG  . PRO A 1 88  ? -6.001  -11.426 8.681   1.00 11.94 ? 88  PRO A CG  1 
ATOM   697  C  CD  . PRO A 1 88  ? -4.773  -12.179 9.105   1.00 11.15 ? 88  PRO A CD  1 
ATOM   698  N  N   . LEU A 1 89  ? -4.467  -11.472 5.643   1.00 7.34  ? 89  LEU A N   1 
ATOM   699  C  CA  . LEU A 1 89  ? -4.154  -10.776 4.402   1.00 6.38  ? 89  LEU A CA  1 
ATOM   700  C  C   . LEU A 1 89  ? -3.405  -11.694 3.445   1.00 5.95  ? 89  LEU A C   1 
ATOM   701  O  O   . LEU A 1 89  ? -3.768  -11.815 2.266   1.00 6.39  ? 89  LEU A O   1 
ATOM   702  C  CB  . LEU A 1 89  ? -3.313  -9.542  4.733   1.00 7.83  ? 89  LEU A CB  1 
ATOM   703  C  CG  . LEU A 1 89  ? -3.037  -8.645  3.535   1.00 7.13  ? 89  LEU A CG  1 
ATOM   704  C  CD1 . LEU A 1 89  ? -4.279  -7.876  3.138   1.00 9.79  ? 89  LEU A CD1 1 
ATOM   705  C  CD2 . LEU A 1 89  ? -1.909  -7.678  3.850   1.00 9.72  ? 89  LEU A CD2 1 
ATOM   706  N  N   . ALA A 1 90  ? -2.356  -12.357 3.937   1.00 6.97  ? 90  ALA A N   1 
ATOM   707  C  CA  . ALA A 1 90  ? -1.635  -13.305 3.095   1.00 7.27  ? 90  ALA A CA  1 
ATOM   708  C  C   . ALA A 1 90  ? -2.546  -14.427 2.632   1.00 8.14  ? 90  ALA A C   1 
ATOM   709  O  O   . ALA A 1 90  ? -2.488  -14.843 1.469   1.00 8.14  ? 90  ALA A O   1 
ATOM   710  C  CB  . ALA A 1 90  ? -0.428  -13.874 3.839   1.00 9.12  ? 90  ALA A CB  1 
ATOM   711  N  N   . GLN A 1 91  ? -3.399  -14.933 3.529   1.00 7.50  ? 91  GLN A N   1 
ATOM   712  C  CA  . GLN A 1 91  ? -4.294  -16.020 3.150   1.00 8.67  ? 91  GLN A CA  1 
ATOM   713  C  C   . GLN A 1 91  ? -5.198  -15.610 1.994   1.00 8.67  ? 91  GLN A C   1 
ATOM   714  O  O   . GLN A 1 91  ? -5.297  -16.323 0.987   1.00 9.25  ? 91  GLN A O   1 
ATOM   715  C  CB  . GLN A 1 91  ? -5.123  -16.472 4.349   1.00 11.45 ? 91  GLN A CB  1 
ATOM   716  C  CG  . GLN A 1 91  ? -6.216  -17.490 3.995   1.00 17.96 ? 91  GLN A CG  1 
ATOM   717  C  CD  . GLN A 1 91  ? -5.670  -18.817 3.483   1.00 23.07 ? 91  GLN A CD  1 
ATOM   718  O  OE1 . GLN A 1 91  ? -4.579  -19.247 3.859   1.00 20.37 ? 91  GLN A OE1 1 
ATOM   719  N  NE2 . GLN A 1 91  ? -6.438  -19.474 2.619   1.00 27.86 ? 91  GLN A NE2 1 
ATOM   720  N  N   . SER A 1 92  ? -5.868  -14.452 2.110   1.00 6.91  ? 92  SER A N   1 
ATOM   721  C  CA  . SER A 1 92  ? -6.799  -14.069 1.056   1.00 8.42  ? 92  SER A CA  1 
ATOM   722  C  C   . SER A 1 92  ? -6.066  -13.697 -0.222  1.00 7.35  ? 92  SER A C   1 
ATOM   723  O  O   . SER A 1 92  ? -6.502  -14.050 -1.323  1.00 8.30  ? 92  SER A O   1 
ATOM   724  C  CB  . SER A 1 92  ? -7.711  -12.934 1.515   1.00 9.55  ? 92  SER A CB  1 
ATOM   725  O  OG  . SER A 1 92  ? -6.961  -11.753 1.743   1.00 8.31  ? 92  SER A OG  1 
ATOM   726  N  N   . HIS A 1 93  ? -4.937  -13.008 -0.102  1.00 6.59  ? 93  HIS A N   1 
ATOM   727  C  CA  . HIS A 1 93  ? -4.271  -12.531 -1.302  1.00 7.31  ? 93  HIS A CA  1 
ATOM   728  C  C   . HIS A 1 93  ? -3.541  -13.638 -2.044  1.00 7.56  ? 93  HIS A C   1 
ATOM   729  O  O   . HIS A 1 93  ? -3.520  -13.633 -3.272  1.00 8.28  ? 93  HIS A O   1 
ATOM   730  C  CB  . HIS A 1 93  ? -3.397  -11.324 -0.959  1.00 6.27  ? 93  HIS A CB  1 
ATOM   731  C  CG  . HIS A 1 93  ? -4.204  -10.083 -0.752  1.00 5.84  ? 93  HIS A CG  1 
ATOM   732  N  ND1 . HIS A 1 93  ? -5.178  -9.991  0.224   1.00 7.14  ? 93  HIS A ND1 1 
ATOM   733  C  CD2 . HIS A 1 93  ? -4.240  -8.916  -1.433  1.00 5.78  ? 93  HIS A CD2 1 
ATOM   734  C  CE1 . HIS A 1 93  ? -5.772  -8.813  0.138   1.00 7.45  ? 93  HIS A CE1 1 
ATOM   735  N  NE2 . HIS A 1 93  ? -5.210  -8.145  -0.849  1.00 6.70  ? 93  HIS A NE2 1 
ATOM   736  N  N   . ALA A 1 94  ? -2.993  -14.620 -1.332  1.00 7.09  ? 94  ALA A N   1 
ATOM   737  C  CA  . ALA A 1 94  ? -2.397  -15.762 -2.018  1.00 7.58  ? 94  ALA A CA  1 
ATOM   738  C  C   . ALA A 1 94  ? -3.456  -16.700 -2.587  1.00 11.38 ? 94  ALA A C   1 
ATOM   739  O  O   . ALA A 1 94  ? -3.332  -17.161 -3.728  1.00 12.92 ? 94  ALA A O   1 
ATOM   740  C  CB  . ALA A 1 94  ? -1.496  -16.540 -1.063  1.00 9.51  ? 94  ALA A CB  1 
ATOM   741  N  N   . THR A 1 95  ? -4.487  -17.030 -1.806  1.00 10.33 ? 95  THR A N   1 
ATOM   742  C  CA  . THR A 1 95  ? -5.311  -18.174 -2.180  1.00 12.34 ? 95  THR A CA  1 
ATOM   743  C  C   . THR A 1 95  ? -6.615  -17.805 -2.859  1.00 14.72 ? 95  THR A C   1 
ATOM   744  O  O   . THR A 1 95  ? -7.139  -18.611 -3.637  1.00 18.73 ? 95  THR A O   1 
ATOM   745  C  CB  . THR A 1 95  ? -5.585  -19.082 -0.971  1.00 12.44 ? 95  THR A CB  1 
ATOM   746  O  OG1 . THR A 1 95  ? -6.623  -18.524 -0.152  1.00 15.00 ? 95  THR A OG1 1 
ATOM   747  C  CG2 . THR A 1 95  ? -4.319  -19.288 -0.144  1.00 14.56 ? 95  THR A CG2 1 
ATOM   748  N  N   . LYS A 1 96  ? -7.161  -16.619 -2.589  1.00 12.37 ? 96  LYS A N   1 
ATOM   749  C  CA  . LYS A 1 96  ? -8.428  -16.193 -3.178  1.00 12.81 ? 96  LYS A CA  1 
ATOM   750  C  C   . LYS A 1 96  ? -8.224  -15.175 -4.293  1.00 13.18 ? 96  LYS A C   1 
ATOM   751  O  O   . LYS A 1 96  ? -8.667  -15.378 -5.428  1.00 15.62 ? 96  LYS A O   1 
ATOM   752  C  CB  . LYS A 1 96  ? -9.341  -15.621 -2.085  1.00 16.46 ? 96  LYS A CB  1 
ATOM   753  N  N   . HIS A 1 97  ? -7.539  -14.071 -4.000  1.00 10.56 ? 97  HIS A N   1 
ATOM   754  C  CA  . HIS A 1 97  ? -7.380  -13.032 -5.002  1.00 9.77  ? 97  HIS A CA  1 
ATOM   755  C  C   . HIS A 1 97  ? -6.260  -13.355 -5.974  1.00 11.44 ? 97  HIS A C   1 
ATOM   756  O  O   . HIS A 1 97  ? -6.278  -12.870 -7.113  1.00 12.60 ? 97  HIS A O   1 
ATOM   757  C  CB  . HIS A 1 97  ? -7.124  -11.686 -4.323  1.00 9.32  ? 97  HIS A CB  1 
ATOM   758  C  CG  . HIS A 1 97  ? -8.055  -11.387 -3.189  1.00 7.86  ? 97  HIS A CG  1 
ATOM   759  N  ND1 . HIS A 1 97  ? -9.407  -11.660 -3.231  1.00 10.30 ? 97  HIS A ND1 1 
ATOM   760  C  CD2 . HIS A 1 97  ? -7.818  -10.848 -1.970  1.00 7.83  ? 97  HIS A CD2 1 
ATOM   761  C  CE1 . HIS A 1 97  ? -9.958  -11.304 -2.087  1.00 10.47 ? 97  HIS A CE1 1 
ATOM   762  N  NE2 . HIS A 1 97  ? -9.018  -10.804 -1.306  1.00 8.42  ? 97  HIS A NE2 1 
ATOM   763  N  N   . LYS A 1 98  ? -5.278  -14.152 -5.536  1.00 11.20 ? 98  LYS A N   1 
ATOM   764  C  CA  . LYS A 1 98  ? -4.174  -14.620 -6.379  1.00 13.49 ? 98  LYS A CA  1 
ATOM   765  C  C   . LYS A 1 98  ? -3.298  -13.456 -6.858  1.00 11.92 ? 98  LYS A C   1 
ATOM   766  O  O   . LYS A 1 98  ? -3.167  -13.174 -8.054  1.00 12.45 ? 98  LYS A O   1 
ATOM   767  C  CB  . LYS A 1 98  ? -4.667  -15.512 -7.524  1.00 19.67 ? 98  LYS A CB  1 
ATOM   768  C  CG  . LYS A 1 98  ? -5.643  -16.581 -7.059  1.00 20.36 ? 98  LYS A CG  1 
ATOM   769  C  CD  . LYS A 1 98  ? -5.524  -17.872 -7.855  1.00 26.54 ? 98  LYS A CD  1 
ATOM   770  C  CE  . LYS A 1 98  ? -6.504  -18.911 -7.339  1.00 28.91 ? 98  LYS A CE  1 
ATOM   771  N  N   . ILE A 1 99  ? -2.673  -12.791 -5.891  1.00 10.26 ? 99  ILE A N   1 
ATOM   772  C  CA  . ILE A 1 99  ? -1.909  -11.569 -6.112  1.00 10.42 ? 99  ILE A CA  1 
ATOM   773  C  C   . ILE A 1 99  ? -0.422  -11.903 -5.996  1.00 12.03 ? 99  ILE A C   1 
ATOM   774  O  O   . ILE A 1 99  ? 0.063   -12.182 -4.888  1.00 13.01 ? 99  ILE A O   1 
ATOM   775  C  CB  . ILE A 1 99  ? -2.289  -10.474 -5.105  1.00 9.41  ? 99  ILE A CB  1 
ATOM   776  C  CG1 . ILE A 1 99  ? -3.808  -10.198 -5.082  1.00 8.38  ? 99  ILE A CG1 1 
ATOM   777  C  CG2 . ILE A 1 99  ? -1.449  -9.218  -5.409  1.00 9.47  ? 99  ILE A CG2 1 
ATOM   778  C  CD1 . ILE A 1 99  ? -4.434  -10.065 -6.446  1.00 11.39 ? 99  ILE A CD1 1 
ATOM   779  N  N   . PRO A 1 100 ? 0.352   -11.845 -7.078  1.00 10.65 ? 100 PRO A N   1 
ATOM   780  C  CA  . PRO A 1 100 ? 1.802   -12.077 -6.965  1.00 10.10 ? 100 PRO A CA  1 
ATOM   781  C  C   . PRO A 1 100 ? 2.488   -11.053 -6.068  1.00 12.01 ? 100 PRO A C   1 
ATOM   782  O  O   . PRO A 1 100 ? 2.068   -9.896  -5.971  1.00 11.38 ? 100 PRO A O   1 
ATOM   783  C  CB  . PRO A 1 100 ? 2.295   -11.952 -8.415  1.00 13.79 ? 100 PRO A CB  1 
ATOM   784  C  CG  . PRO A 1 100 ? 1.094   -12.257 -9.254  1.00 12.59 ? 100 PRO A CG  1 
ATOM   785  C  CD  . PRO A 1 100 ? -0.083  -11.697 -8.475  1.00 12.04 ? 100 PRO A CD  1 
ATOM   786  N  N   . ILE A 1 101 ? 3.567   -11.499 -5.401  1.00 11.19 ? 101 ILE A N   1 
ATOM   787  C  CA  . ILE A 1 101 ? 4.354   -10.600 -4.555  1.00 12.03 ? 101 ILE A CA  1 
ATOM   788  C  C   . ILE A 1 101 ? 4.800   -9.385  -5.346  1.00 9.22  ? 101 ILE A C   1 
ATOM   789  O  O   . ILE A 1 101 ? 4.857   -8.261  -4.823  1.00 10.28 ? 101 ILE A O   1 
ATOM   790  C  CB  . ILE A 1 101 ? 5.555   -11.344 -3.935  1.00 14.77 ? 101 ILE A CB  1 
ATOM   791  C  CG1 . ILE A 1 101 ? 5.085   -12.400 -2.949  1.00 13.13 ? 101 ILE A CG1 1 
ATOM   792  C  CG2 . ILE A 1 101 ? 6.467   -10.384 -3.198  1.00 14.95 ? 101 ILE A CG2 1 
ATOM   793  C  CD1 . ILE A 1 101 ? 4.348   -11.832 -1.740  1.00 15.76 ? 101 ILE A CD1 1 
ATOM   794  N  N   . LYS A 1 102 ? 5.133   -9.591  -6.629  1.00 9.70  ? 102 LYS A N   1 
ATOM   795  C  CA  . LYS A 1 102 ? 5.563   -8.479  -7.462  1.00 10.08 ? 102 LYS A CA  1 
ATOM   796  C  C   . LYS A 1 102 ? 4.523   -7.367  -7.472  1.00 6.26  ? 102 LYS A C   1 
ATOM   797  O  O   . LYS A 1 102 ? 4.869   -6.190  -7.551  1.00 7.92  ? 102 LYS A O   1 
ATOM   798  C  CB  . LYS A 1 102 ? 5.829   -8.979  -8.884  1.00 10.43 ? 102 LYS A CB  1 
ATOM   799  C  CG  . LYS A 1 102 ? 6.512   -7.960  -9.771  1.00 13.96 ? 102 LYS A CG  1 
ATOM   800  C  CD  . LYS A 1 102 ? 7.966   -7.820  -9.365  1.00 17.47 ? 102 LYS A CD  1 
ATOM   801  C  CE  . LYS A 1 102 ? 8.735   -7.003  -10.380 1.00 20.90 ? 102 LYS A CE  1 
ATOM   802  N  NZ  . LYS A 1 102 ? 10.060  -6.644  -9.835  1.00 19.75 ? 102 LYS A NZ  1 
ATOM   803  N  N   . TYR A 1 103 ? 3.223   -7.723  -7.428  1.00 6.69  ? 103 TYR A N   1 
ATOM   804  C  CA  . TYR A 1 103 ? 2.205   -6.673  -7.445  1.00 6.32  ? 103 TYR A CA  1 
ATOM   805  C  C   . TYR A 1 103 ? 2.259   -5.839  -6.175  1.00 5.73  ? 103 TYR A C   1 
ATOM   806  O  O   . TYR A 1 103 ? 1.914   -4.646  -6.194  1.00 6.68  ? 103 TYR A O   1 
ATOM   807  C  CB  . TYR A 1 103 ? 0.800   -7.262  -7.582  1.00 8.74  ? 103 TYR A CB  1 
ATOM   808  C  CG  . TYR A 1 103 ? 0.393   -7.869  -8.923  1.00 8.95  ? 103 TYR A CG  1 
ATOM   809  C  CD1 . TYR A 1 103 ? 1.304   -8.311  -9.855  1.00 9.87  ? 103 TYR A CD1 1 
ATOM   810  C  CD2 . TYR A 1 103 ? -0.954  -8.008  -9.217  1.00 9.99  ? 103 TYR A CD2 1 
ATOM   811  C  CE1 . TYR A 1 103 ? 0.871   -8.886  -11.058 1.00 13.24 ? 103 TYR A CE1 1 
ATOM   812  C  CE2 . TYR A 1 103 ? -1.390  -8.554  -10.390 1.00 11.44 ? 103 TYR A CE2 1 
ATOM   813  C  CZ  . TYR A 1 103 ? -0.485  -9.001  -11.302 1.00 12.10 ? 103 TYR A CZ  1 
ATOM   814  O  OH  . TYR A 1 103 ? -0.954  -9.548  -12.484 1.00 15.60 ? 103 TYR A OH  1 
ATOM   815  N  N   . LEU A 1 104 ? 2.676   -6.454  -5.058  1.00 6.51  ? 104 LEU A N   1 
ATOM   816  C  CA  . LEU A 1 104 ? 2.886   -5.691  -3.833  1.00 6.93  ? 104 LEU A CA  1 
ATOM   817  C  C   . LEU A 1 104 ? 4.017   -4.696  -3.999  1.00 6.69  ? 104 LEU A C   1 
ATOM   818  O  O   . LEU A 1 104 ? 3.972   -3.601  -3.420  1.00 7.03  ? 104 LEU A O   1 
ATOM   819  C  CB  . LEU A 1 104 ? 3.172   -6.626  -2.652  1.00 7.48  ? 104 LEU A CB  1 
ATOM   820  C  CG  . LEU A 1 104 ? 2.143   -7.734  -2.381  1.00 11.87 ? 104 LEU A CG  1 
ATOM   821  C  CD1 . LEU A 1 104 ? 2.535   -8.549  -1.143  1.00 12.63 ? 104 LEU A CD1 1 
ATOM   822  C  CD2 . LEU A 1 104 ? 0.756   -7.191  -2.188  1.00 14.59 ? 104 LEU A CD2 1 
ATOM   823  N  N   . GLU A 1 105 ? 5.043   -5.060  -4.757  1.00 6.38  ? 105 GLU A N   1 
ATOM   824  C  CA  . GLU A 1 105 ? 6.097   -4.105  -5.070  1.00 6.51  ? 105 GLU A CA  1 
ATOM   825  C  C   . GLU A 1 105 ? 5.546   -2.938  -5.887  1.00 7.70  ? 105 GLU A C   1 
ATOM   826  O  O   . GLU A 1 105 ? 5.905   -1.776  -5.653  1.00 7.40  ? 105 GLU A O   1 
ATOM   827  C  CB  . GLU A 1 105 ? 7.245   -4.811  -5.798  1.00 7.91  ? 105 GLU A CB  1 
ATOM   828  C  CG  . GLU A 1 105 ? 8.467   -3.934  -6.003  1.00 11.42 ? 105 GLU A CG  1 
ATOM   829  C  CD  . GLU A 1 105 ? 9.567   -4.619  -6.805  1.00 14.23 ? 105 GLU A CD  1 
ATOM   830  O  OE1 . GLU A 1 105 ? 9.410   -5.802  -7.179  1.00 13.72 ? 105 GLU A OE1 1 
ATOM   831  O  OE2 . GLU A 1 105 ? 10.596  -3.959  -7.069  1.00 20.20 ? 105 GLU A OE2 1 
ATOM   832  N  N   . PHE A 1 106 ? 4.645   -3.225  -6.833  1.00 6.00  ? 106 PHE A N   1 
ATOM   833  C  CA  . PHE A 1 106 ? 4.050   -2.164  -7.642  1.00 6.11  ? 106 PHE A CA  1 
ATOM   834  C  C   . PHE A 1 106 ? 3.276   -1.179  -6.773  1.00 4.99  ? 106 PHE A C   1 
ATOM   835  O  O   . PHE A 1 106 ? 3.396   0.038   -6.942  1.00 6.09  ? 106 PHE A O   1 
ATOM   836  C  CB  . PHE A 1 106 ? 3.105   -2.737  -8.704  1.00 7.40  ? 106 PHE A CB  1 
ATOM   837  C  CG  . PHE A 1 106 ? 3.759   -3.628  -9.732  1.00 6.68  ? 106 PHE A CG  1 
ATOM   838  C  CD1 . PHE A 1 106 ? 5.105   -3.517  -10.045 1.00 8.85  ? 106 PHE A CD1 1 
ATOM   839  C  CD2 . PHE A 1 106 ? 2.999   -4.592  -10.371 1.00 8.20  ? 106 PHE A CD2 1 
ATOM   840  C  CE1 . PHE A 1 106 ? 5.675   -4.358  -11.003 1.00 10.42 ? 106 PHE A CE1 1 
ATOM   841  C  CE2 . PHE A 1 106 ? 3.557   -5.424  -11.327 1.00 10.53 ? 106 PHE A CE2 1 
ATOM   842  C  CZ  . PHE A 1 106 ? 4.891   -5.309  -11.635 1.00 10.05 ? 106 PHE A CZ  1 
ATOM   843  N  N   . ILE A 1 107 ? 2.433   -1.670  -5.865  1.00 5.99  ? 107 ILE A N   1 
ATOM   844  C  CA  . ILE A 1 107 ? 1.667   -0.715  -5.066  1.00 5.69  ? 107 ILE A CA  1 
ATOM   845  C  C   . ILE A 1 107 ? 2.568   0.017   -4.085  1.00 5.32  ? 107 ILE A C   1 
ATOM   846  O  O   . ILE A 1 107 ? 2.320   1.187   -3.762  1.00 5.37  ? 107 ILE A O   1 
ATOM   847  C  CB  . ILE A 1 107 ? 0.433   -1.344  -4.401  1.00 6.03  ? 107 ILE A CB  1 
ATOM   848  C  CG1 . ILE A 1 107 ? -0.531  -0.240  -3.928  1.00 7.13  ? 107 ILE A CG1 1 
ATOM   849  C  CG2 . ILE A 1 107 ? 0.826   -2.281  -3.265  1.00 8.36  ? 107 ILE A CG2 1 
ATOM   850  C  CD1 . ILE A 1 107 ? -1.876  -0.772  -3.430  1.00 7.92  ? 107 ILE A CD1 1 
ATOM   851  N  N   . SER A 1 108 ? 3.642   -0.632  -3.622  1.00 5.71  ? 108 SER A N   1 
ATOM   852  C  CA  . SER A 1 108 ? 4.609   0.074   -2.787  1.00 6.31  ? 108 SER A CA  1 
ATOM   853  C  C   . SER A 1 108 ? 5.193   1.271   -3.523  1.00 6.62  ? 108 SER A C   1 
ATOM   854  O  O   . SER A 1 108 ? 5.344   2.357   -2.946  1.00 7.27  ? 108 SER A O   1 
ATOM   855  C  CB  . SER A 1 108 ? 5.714   -0.877  -2.322  1.00 6.77  ? 108 SER A CB  1 
ATOM   856  O  OG  . SER A 1 108 ? 5.182   -1.914  -1.524  1.00 9.05  ? 108 SER A OG  1 
ATOM   857  N  N   . GLU A 1 109 ? 5.505   1.101   -4.809  1.00 6.88  ? 109 GLU A N   1 
ATOM   858  C  CA  . GLU A 1 109 ? 6.014   2.215   -5.601  1.00 7.18  ? 109 GLU A CA  1 
ATOM   859  C  C   . GLU A 1 109 ? 4.984   3.327   -5.716  1.00 6.38  ? 109 GLU A C   1 
ATOM   860  O  O   . GLU A 1 109 ? 5.329   4.513   -5.642  1.00 6.75  ? 109 GLU A O   1 
ATOM   861  C  CB  . GLU A 1 109 ? 6.427   1.715   -6.988  1.00 9.55  ? 109 GLU A CB  1 
ATOM   862  C  CG  . GLU A 1 109 ? 7.600   0.743   -6.942  1.00 17.93 ? 109 GLU A CG  1 
ATOM   863  N  N   . ALA A 1 110 ? 3.717   2.968   -5.925  1.00 5.38  ? 110 ALA A N   1 
ATOM   864  C  CA  . ALA A 1 110 ? 2.669   3.978   -6.042  1.00 6.67  ? 110 ALA A CA  1 
ATOM   865  C  C   . ALA A 1 110 ? 2.490   4.735   -4.734  1.00 4.78  ? 110 ALA A C   1 
ATOM   866  O  O   . ALA A 1 110 ? 2.288   5.952   -4.740  1.00 5.47  ? 110 ALA A O   1 
ATOM   867  C  CB  . ALA A 1 110 ? 1.358   3.312   -6.460  1.00 5.50  ? 110 ALA A CB  1 
ATOM   868  N  N   . ILE A 1 111 ? 2.570   4.034   -3.604  1.00 4.86  ? 111 ILE A N   1 
ATOM   869  C  CA  . ILE A 1 111 ? 2.490   4.679   -2.295  1.00 5.88  ? 111 ILE A CA  1 
ATOM   870  C  C   . ILE A 1 111 ? 3.601   5.709   -2.142  1.00 5.64  ? 111 ILE A C   1 
ATOM   871  O  O   . ILE A 1 111 ? 3.363   6.867   -1.768  1.00 5.94  ? 111 ILE A O   1 
ATOM   872  C  CB  . ILE A 1 111 ? 2.549   3.613   -1.186  1.00 5.11  ? 111 ILE A CB  1 
ATOM   873  C  CG1 . ILE A 1 111 ? 1.289   2.754   -1.197  1.00 7.07  ? 111 ILE A CG1 1 
ATOM   874  C  CG2 . ILE A 1 111 ? 2.772   4.265   0.190   1.00 7.23  ? 111 ILE A CG2 1 
ATOM   875  C  CD1 . ILE A 1 111 ? 1.425   1.449   -0.422  1.00 7.32  ? 111 ILE A CD1 1 
ATOM   876  N  N   . ILE A 1 112 ? 4.836   5.306   -2.427  1.00 6.12  ? 112 ILE A N   1 
ATOM   877  C  CA  . ILE A 1 112 ? 5.959   6.214   -2.250  1.00 7.66  ? 112 ILE A CA  1 
ATOM   878  C  C   . ILE A 1 112 ? 5.812   7.417   -3.175  1.00 7.25  ? 112 ILE A C   1 
ATOM   879  O  O   . ILE A 1 112 ? 6.053   8.561   -2.775  1.00 8.47  ? 112 ILE A O   1 
ATOM   880  C  CB  . ILE A 1 112 ? 7.271   5.429   -2.439  1.00 8.12  ? 112 ILE A CB  1 
ATOM   881  C  CG1 . ILE A 1 112 ? 7.460   4.465   -1.260  1.00 12.14 ? 112 ILE A CG1 1 
ATOM   882  C  CG2 . ILE A 1 112 ? 8.459   6.358   -2.561  1.00 11.48 ? 112 ILE A CG2 1 
ATOM   883  C  CD1 . ILE A 1 112 ? 8.432   3.305   -1.536  1.00 15.74 ? 112 ILE A CD1 1 
ATOM   884  N  N   . HIS A 1 113 ? 5.358   7.195   -4.409  1.00 6.82  ? 113 HIS A N   1 
ATOM   885  C  CA  . HIS A 1 113 ? 5.188   8.304   -5.338  1.00 7.96  ? 113 HIS A CA  1 
ATOM   886  C  C   . HIS A 1 113 ? 4.142   9.303   -4.843  1.00 7.92  ? 113 HIS A C   1 
ATOM   887  O  O   . HIS A 1 113 ? 4.367   10.523  -4.859  1.00 8.77  ? 113 HIS A O   1 
ATOM   888  C  CB  . HIS A 1 113 ? 4.801   7.754   -6.703  1.00 11.37 ? 113 HIS A CB  1 
ATOM   889  C  CG  . HIS A 1 113 ? 4.872   8.775   -7.790  1.00 18.01 ? 113 HIS A CG  1 
ATOM   890  N  ND1 . HIS A 1 113 ? 3.831   9.630   -8.076  1.00 21.16 ? 113 HIS A ND1 1 
ATOM   891  C  CD2 . HIS A 1 113 ? 5.870   9.090   -8.650  1.00 22.86 ? 113 HIS A CD2 1 
ATOM   892  C  CE1 . HIS A 1 113 ? 4.182   10.429  -9.070  1.00 22.86 ? 113 HIS A CE1 1 
ATOM   893  N  NE2 . HIS A 1 113 ? 5.413   10.120  -9.437  1.00 26.41 ? 113 HIS A NE2 1 
ATOM   894  N  N   . VAL A 1 114 ? 2.988   8.808   -4.400  1.00 6.08  ? 114 VAL A N   1 
ATOM   895  C  CA  . VAL A 1 114 ? 1.924   9.697   -3.943  1.00 6.65  ? 114 VAL A CA  1 
ATOM   896  C  C   . VAL A 1 114 ? 2.346   10.454  -2.684  1.00 5.37  ? 114 VAL A C   1 
ATOM   897  O  O   . VAL A 1 114 ? 2.046   11.653  -2.536  1.00 6.10  ? 114 VAL A O   1 
ATOM   898  C  CB  . VAL A 1 114 ? 0.600   8.929   -3.765  1.00 5.92  ? 114 VAL A CB  1 
ATOM   899  C  CG1 . VAL A 1 114 ? -0.442  9.793   -3.046  1.00 7.84  ? 114 VAL A CG1 1 
ATOM   900  C  CG2 . VAL A 1 114 ? 0.068   8.470   -5.132  1.00 7.35  ? 114 VAL A CG2 1 
ATOM   901  N  N   . LEU A 1 115 ? 3.020   9.773   -1.750  1.00 4.96  ? 115 LEU A N   1 
ATOM   902  C  CA  . LEU A 1 115 ? 3.475   10.464  -0.546  1.00 5.59  ? 115 LEU A CA  1 
ATOM   903  C  C   . LEU A 1 115 ? 4.472   11.561  -0.888  1.00 5.80  ? 115 LEU A C   1 
ATOM   904  O  O   . LEU A 1 115 ? 4.478   12.620  -0.255  1.00 6.55  ? 115 LEU A O   1 
ATOM   905  C  CB  . LEU A 1 115 ? 4.063   9.476   0.456   1.00 6.55  ? 115 LEU A CB  1 
ATOM   906  C  CG  . LEU A 1 115 ? 3.037   8.815   1.383   1.00 7.87  ? 115 LEU A CG  1 
ATOM   907  C  CD1 . LEU A 1 115 ? 1.760   8.288   0.688   1.00 11.71 ? 115 LEU A CD1 1 
ATOM   908  C  CD2 . LEU A 1 115 ? 3.729   7.729   2.201   1.00 10.11 ? 115 LEU A CD2 1 
ATOM   909  N  N   . HIS A 1 116 ? 5.322   11.330  -1.886  1.00 6.69  ? 116 HIS A N   1 
ATOM   910  C  CA  . HIS A 1 116 ? 6.265   12.373  -2.270  1.00 8.50  ? 116 HIS A CA  1 
ATOM   911  C  C   . HIS A 1 116 ? 5.547   13.564  -2.901  1.00 9.03  ? 116 HIS A C   1 
ATOM   912  O  O   . HIS A 1 116 ? 5.917   14.718  -2.663  1.00 9.51  ? 116 HIS A O   1 
ATOM   913  C  CB  . HIS A 1 116 ? 7.311   11.782  -3.205  1.00 10.36 ? 116 HIS A CB  1 
ATOM   914  C  CG  . HIS A 1 116 ? 8.355   12.768  -3.626  1.00 16.27 ? 116 HIS A CG  1 
ATOM   915  N  ND1 . HIS A 1 116 ? 8.351   13.373  -4.864  1.00 20.25 ? 116 HIS A ND1 1 
ATOM   916  C  CD2 . HIS A 1 116 ? 9.419   13.272  -2.961  1.00 18.79 ? 116 HIS A CD2 1 
ATOM   917  C  CE1 . HIS A 1 116 ? 9.386   14.191  -4.952  1.00 20.70 ? 116 HIS A CE1 1 
ATOM   918  N  NE2 . HIS A 1 116 ? 10.052  14.146  -3.811  1.00 20.14 ? 116 HIS A NE2 1 
ATOM   919  N  N   . SER A 1 117 ? 4.500   13.306  -3.675  1.00 7.19  ? 117 SER A N   1 
ATOM   920  C  CA  A SER A 1 117 ? 3.763   14.397  -4.305  0.50 8.83  ? 117 SER A CA  1 
ATOM   921  C  CA  B SER A 1 117 ? 3.770   14.400  -4.304  0.50 8.82  ? 117 SER A CA  1 
ATOM   922  C  C   . SER A 1 117 ? 2.984   15.204  -3.275  1.00 9.32  ? 117 SER A C   1 
ATOM   923  O  O   . SER A 1 117 ? 2.929   16.440  -3.355  1.00 11.46 ? 117 SER A O   1 
ATOM   924  C  CB  A SER A 1 117 ? 2.806   13.841  -5.360  0.50 11.09 ? 117 SER A CB  1 
ATOM   925  C  CB  B SER A 1 117 ? 2.838   13.852  -5.385  0.50 11.09 ? 117 SER A CB  1 
ATOM   926  O  OG  A SER A 1 117 ? 3.511   13.206  -6.406  0.50 11.53 ? 117 SER A OG  1 
ATOM   927  O  OG  B SER A 1 117 ? 1.996   14.872  -5.896  0.50 16.66 ? 117 SER A OG  1 
ATOM   928  N  N   . ARG A 1 118 ? 2.368   14.534  -2.306  1.00 7.70  ? 118 ARG A N   1 
ATOM   929  C  CA  . ARG A 1 118 ? 1.483   15.221  -1.383  1.00 8.38  ? 118 ARG A CA  1 
ATOM   930  C  C   . ARG A 1 118 ? 2.183   15.778  -0.153  1.00 7.35  ? 118 ARG A C   1 
ATOM   931  O  O   . ARG A 1 118 ? 1.647   16.703  0.466   1.00 8.82  ? 118 ARG A O   1 
ATOM   932  C  CB  . ARG A 1 118 ? 0.362   14.287  -0.934  1.00 8.77  ? 118 ARG A CB  1 
ATOM   933  C  CG  . ARG A 1 118 ? -0.680  14.019  -2.010  1.00 14.50 ? 118 ARG A CG  1 
ATOM   934  C  CD  . ARG A 1 118 ? -1.692  13.035  -1.476  1.00 18.79 ? 118 ARG A CD  1 
ATOM   935  N  NE  . ARG A 1 118 ? -2.912  12.919  -2.268  1.00 22.50 ? 118 ARG A NE  1 
ATOM   936  C  CZ  . ARG A 1 118 ? -4.105  13.345  -1.859  1.00 17.77 ? 118 ARG A CZ  1 
ATOM   937  N  NH1 . ARG A 1 118 ? -4.231  13.945  -0.685  1.00 20.22 ? 118 ARG A NH1 1 
ATOM   938  N  NH2 . ARG A 1 118 ? -5.166  13.184  -2.638  1.00 20.96 ? 118 ARG A NH2 1 
ATOM   939  N  N   . HIS A 1 119 ? 3.346   15.231  0.235   1.00 6.72  ? 119 HIS A N   1 
ATOM   940  C  CA  . HIS A 1 119 ? 3.977   15.613  1.502   1.00 5.88  ? 119 HIS A CA  1 
ATOM   941  C  C   . HIS A 1 119 ? 5.473   15.822  1.352   1.00 8.40  ? 119 HIS A C   1 
ATOM   942  O  O   . HIS A 1 119 ? 6.258   15.249  2.117   1.00 7.53  ? 119 HIS A O   1 
ATOM   943  C  CB  . HIS A 1 119 ? 3.726   14.552  2.568   1.00 7.89  ? 119 HIS A CB  1 
ATOM   944  C  CG  . HIS A 1 119 ? 2.292   14.147  2.660   1.00 7.68  ? 119 HIS A CG  1 
ATOM   945  N  ND1 . HIS A 1 119 ? 1.301   15.002  3.091   1.00 8.26  ? 119 HIS A ND1 1 
ATOM   946  C  CD2 . HIS A 1 119 ? 1.667   13.001  2.302   1.00 9.14  ? 119 HIS A CD2 1 
ATOM   947  C  CE1 . HIS A 1 119 ? 0.132   14.384  3.032   1.00 9.20  ? 119 HIS A CE1 1 
ATOM   948  N  NE2 . HIS A 1 119 ? 0.330   13.170  2.553   1.00 10.49 ? 119 HIS A NE2 1 
ATOM   949  N  N   . PRO A 1 120 ? 5.907   16.643  0.393   1.00 7.89  ? 120 PRO A N   1 
ATOM   950  C  CA  . PRO A 1 120 ? 7.351   16.736  0.137   1.00 9.01  ? 120 PRO A CA  1 
ATOM   951  C  C   . PRO A 1 120 ? 8.151   17.162  1.347   1.00 9.19  ? 120 PRO A C   1 
ATOM   952  O  O   . PRO A 1 120 ? 9.236   16.626  1.574   1.00 10.24 ? 120 PRO A O   1 
ATOM   953  C  CB  . PRO A 1 120 ? 7.447   17.738  -1.027  1.00 11.97 ? 120 PRO A CB  1 
ATOM   954  C  CG  . PRO A 1 120 ? 6.176   18.494  -1.008  1.00 11.33 ? 120 PRO A CG  1 
ATOM   955  C  CD  . PRO A 1 120 ? 5.139   17.518  -0.510  1.00 9.14  ? 120 PRO A CD  1 
ATOM   956  N  N   . GLY A 1 121 ? 7.634   18.085  2.157   1.00 8.78  ? 121 GLY A N   1 
ATOM   957  C  CA  . GLY A 1 121 ? 8.386   18.543  3.310   1.00 10.40 ? 121 GLY A CA  1 
ATOM   958  C  C   . GLY A 1 121 ? 8.571   17.493  4.383   1.00 9.08  ? 121 GLY A C   1 
ATOM   959  O  O   . GLY A 1 121 ? 9.472   17.630  5.220   1.00 12.72 ? 121 GLY A O   1 
ATOM   960  N  N   . ASP A 1 122 ? 7.742   16.451  4.386   1.00 8.39  ? 122 ASP A N   1 
ATOM   961  C  CA  . ASP A 1 122 ? 7.844   15.353  5.337   1.00 8.02  ? 122 ASP A CA  1 
ATOM   962  C  C   . ASP A 1 122 ? 8.221   14.057  4.649   1.00 8.43  ? 122 ASP A C   1 
ATOM   963  O  O   . ASP A 1 122 ? 8.070   12.966  5.223   1.00 9.85  ? 122 ASP A O   1 
ATOM   964  C  CB  . ASP A 1 122 ? 6.542   15.211  6.128   1.00 10.05 ? 122 ASP A CB  1 
ATOM   965  C  CG  . ASP A 1 122 ? 6.291   16.411  7.004   1.00 12.55 ? 122 ASP A CG  1 
ATOM   966  O  OD1 . ASP A 1 122 ? 7.062   16.597  7.966   1.00 15.90 ? 122 ASP A OD1 1 
ATOM   967  O  OD2 . ASP A 1 122 ? 5.366   17.200  6.712   1.00 19.48 ? 122 ASP A OD2 1 
ATOM   968  N  N   . PHE A 1 123 ? 8.695   14.149  3.418   1.00 7.88  ? 123 PHE A N   1 
ATOM   969  C  CA  . PHE A 1 123 ? 9.022   12.971  2.638   1.00 6.91  ? 123 PHE A CA  1 
ATOM   970  C  C   . PHE A 1 123 ? 10.260  13.235  1.796   1.00 7.10  ? 123 PHE A C   1 
ATOM   971  O  O   . PHE A 1 123 ? 10.302  12.932  0.608   1.00 8.00  ? 123 PHE A O   1 
ATOM   972  C  CB  . PHE A 1 123 ? 7.830   12.493  1.810   1.00 7.33  ? 123 PHE A CB  1 
ATOM   973  C  CG  . PHE A 1 123 ? 7.827   11.008  1.568   1.00 5.61  ? 123 PHE A CG  1 
ATOM   974  C  CD1 . PHE A 1 123 ? 7.771   10.109  2.635   1.00 7.91  ? 123 PHE A CD1 1 
ATOM   975  C  CD2 . PHE A 1 123 ? 7.884   10.502  0.289   1.00 6.80  ? 123 PHE A CD2 1 
ATOM   976  C  CE1 . PHE A 1 123 ? 7.771   8.722   2.426   1.00 8.33  ? 123 PHE A CE1 1 
ATOM   977  C  CE2 . PHE A 1 123 ? 7.882   9.116   0.069   1.00 8.05  ? 123 PHE A CE2 1 
ATOM   978  C  CZ  . PHE A 1 123 ? 7.825   8.231   1.149   1.00 8.03  ? 123 PHE A CZ  1 
ATOM   979  N  N   . GLY A 1 124 ? 11.283  13.814  2.423   1.00 6.29  ? 124 GLY A N   1 
ATOM   980  C  CA  . GLY A 1 124 ? 12.610  13.875  1.842   1.00 7.81  ? 124 GLY A CA  1 
ATOM   981  C  C   . GLY A 1 124 ? 13.231  12.500  1.780   1.00 6.30  ? 124 GLY A C   1 
ATOM   982  O  O   . GLY A 1 124 ? 12.633  11.484  2.144   1.00 6.57  ? 124 GLY A O   1 
ATOM   983  N  N   . ALA A 1 125 ? 14.481  12.473  1.309   1.00 6.85  ? 125 ALA A N   1 
ATOM   984  C  CA  . ALA A 1 125 ? 15.140  11.204  1.004   1.00 6.96  ? 125 ALA A CA  1 
ATOM   985  C  C   . ALA A 1 125 ? 15.205  10.292  2.222   1.00 5.73  ? 125 ALA A C   1 
ATOM   986  O  O   . ALA A 1 125 ? 15.033  9.075   2.094   1.00 7.01  ? 125 ALA A O   1 
ATOM   987  C  CB  . ALA A 1 125 ? 16.544  11.451  0.439   1.00 7.98  ? 125 ALA A CB  1 
ATOM   988  N  N   . ASP A 1 126 ? 15.464  10.858  3.405   1.00 7.11  ? 126 ASP A N   1 
ATOM   989  C  CA  . ASP A 1 126 ? 15.502  10.054  4.624   1.00 8.01  ? 126 ASP A CA  1 
ATOM   990  C  C   . ASP A 1 126 ? 14.191  9.300   4.839   1.00 6.62  ? 126 ASP A C   1 
ATOM   991  O  O   . ASP A 1 126 ? 14.188  8.085   5.069   1.00 6.88  ? 126 ASP A O   1 
ATOM   992  C  CB  . ASP A 1 126 ? 15.906  10.915  5.835   1.00 9.67  ? 126 ASP A CB  1 
ATOM   993  C  CG  . ASP A 1 126 ? 14.940  12.082  6.132   1.00 13.13 ? 126 ASP A CG  1 
ATOM   994  O  OD1 . ASP A 1 126 ? 14.064  12.452  5.311   1.00 13.40 ? 126 ASP A OD1 1 
ATOM   995  O  OD2 . ASP A 1 126 ? 15.079  12.677  7.231   1.00 15.50 ? 126 ASP A OD2 1 
ATOM   996  N  N   . ALA A 1 127 ? 13.068  10.001  4.743   1.00 6.73  ? 127 ALA A N   1 
ATOM   997  C  CA  . ALA A 1 127 ? 11.771  9.369   4.935   1.00 5.39  ? 127 ALA A CA  1 
ATOM   998  C  C   . ALA A 1 127 ? 11.403  8.446   3.783   1.00 5.66  ? 127 ALA A C   1 
ATOM   999  O  O   . ALA A 1 127 ? 10.766  7.414   4.007   1.00 6.40  ? 127 ALA A O   1 
ATOM   1000 C  CB  . ALA A 1 127 ? 10.698  10.447  5.130   1.00 7.54  ? 127 ALA A CB  1 
ATOM   1001 N  N   . GLN A 1 128 ? 11.803  8.787   2.550   1.00 5.95  ? 128 GLN A N   1 
ATOM   1002 C  CA  . GLN A 1 128 ? 11.598  7.884   1.423   1.00 5.39  ? 128 GLN A CA  1 
ATOM   1003 C  C   . GLN A 1 128 ? 12.300  6.562   1.657   1.00 5.77  ? 128 GLN A C   1 
ATOM   1004 O  O   . GLN A 1 128 ? 11.727  5.489   1.425   1.00 6.32  ? 128 GLN A O   1 
ATOM   1005 C  CB  . GLN A 1 128 ? 12.152  8.513   0.151   1.00 7.41  ? 128 GLN A CB  1 
ATOM   1006 C  CG  . GLN A 1 128 ? 11.395  9.691   -0.377  1.00 9.84  ? 128 GLN A CG  1 
ATOM   1007 C  CD  . GLN A 1 128 ? 12.200  10.440  -1.426  1.00 11.82 ? 128 GLN A CD  1 
ATOM   1008 O  OE1 . GLN A 1 128 ? 12.855  9.812   -2.275  1.00 10.38 ? 128 GLN A OE1 1 
ATOM   1009 N  NE2 . GLN A 1 128 ? 12.197  11.790  -1.348  1.00 9.36  ? 128 GLN A NE2 1 
ATOM   1010 N  N   . GLY A 1 129 ? 13.551  6.618   2.094   1.00 5.97  ? 129 GLY A N   1 
ATOM   1011 C  CA  . GLY A 1 129 ? 14.266  5.386   2.356   1.00 6.72  ? 129 GLY A CA  1 
ATOM   1012 C  C   . GLY A 1 129 ? 13.634  4.589   3.483   1.00 6.13  ? 129 GLY A C   1 
ATOM   1013 O  O   . GLY A 1 129 ? 13.552  3.360   3.411   1.00 6.95  ? 129 GLY A O   1 
ATOM   1014 N  N   . ALA A 1 130 ? 13.185  5.271   4.537   1.00 6.24  ? 130 ALA A N   1 
ATOM   1015 C  CA  . ALA A 1 130 ? 12.588  4.562   5.660   1.00 6.02  ? 130 ALA A CA  1 
ATOM   1016 C  C   . ALA A 1 130 ? 11.269  3.913   5.251   1.00 4.56  ? 130 ALA A C   1 
ATOM   1017 O  O   . ALA A 1 130 ? 10.991  2.763   5.618   1.00 4.84  ? 130 ALA A O   1 
ATOM   1018 C  CB  . ALA A 1 130 ? 12.383  5.532   6.820   1.00 6.52  ? 130 ALA A CB  1 
ATOM   1019 N  N   . MET A 1 131 ? 10.450  4.623   4.467   1.00 5.31  ? 131 MET A N   1 
ATOM   1020 C  CA  . MET A 1 131 ? 9.189   4.049   4.001   1.00 4.96  ? 131 MET A CA  1 
ATOM   1021 C  C   . MET A 1 131 ? 9.444   2.872   3.068   1.00 5.30  ? 131 MET A C   1 
ATOM   1022 O  O   . MET A 1 131 ? 8.758   1.841   3.142   1.00 5.98  ? 131 MET A O   1 
ATOM   1023 C  CB  . MET A 1 131 ? 8.355   5.119   3.293   1.00 5.50  ? 131 MET A CB  1 
ATOM   1024 C  CG  . MET A 1 131 ? 6.970   4.620   2.833   1.00 6.19  ? 131 MET A CG  1 
ATOM   1025 S  SD  . MET A 1 131 ? 5.889   3.997   4.160   1.00 7.93  ? 131 MET A SD  1 
ATOM   1026 C  CE  . MET A 1 131 ? 5.415   5.575   4.863   1.00 9.17  ? 131 MET A CE  1 
ATOM   1027 N  N   . ASN A 1 132 ? 10.439  2.987   2.198   1.00 6.11  ? 132 ASN A N   1 
ATOM   1028 C  CA  . ASN A 1 132 ? 10.787  1.834   1.382   1.00 7.20  ? 132 ASN A CA  1 
ATOM   1029 C  C   . ASN A 1 132 ? 11.164  0.639   2.243   1.00 7.70  ? 132 ASN A C   1 
ATOM   1030 O  O   . ASN A 1 132 ? 10.744  -0.492  1.955   1.00 7.50  ? 132 ASN A O   1 
ATOM   1031 C  CB  . ASN A 1 132 ? 11.911  2.159   0.415   1.00 10.29 ? 132 ASN A CB  1 
ATOM   1032 C  CG  . ASN A 1 132 ? 12.219  0.987   -0.471  1.00 17.10 ? 132 ASN A CG  1 
ATOM   1033 O  OD1 . ASN A 1 132 ? 11.348  0.523   -1.209  1.00 19.88 ? 132 ASN A OD1 1 
ATOM   1034 N  ND2 . ASN A 1 132 ? 13.438  0.468   -0.377  1.00 19.94 ? 132 ASN A ND2 1 
ATOM   1035 N  N   . LYS A 1 133 ? 11.948  0.854   3.307   1.00 6.05  ? 133 LYS A N   1 
ATOM   1036 C  CA  . LYS A 1 133 ? 12.318  -0.249  4.190   1.00 6.20  ? 133 LYS A CA  1 
ATOM   1037 C  C   . LYS A 1 133 ? 11.099  -0.850  4.874   1.00 5.25  ? 133 LYS A C   1 
ATOM   1038 O  O   . LYS A 1 133 ? 10.997  -2.074  5.019   1.00 5.68  ? 133 LYS A O   1 
ATOM   1039 C  CB  . LYS A 1 133 ? 13.311  0.237   5.248   1.00 9.33  ? 133 LYS A CB  1 
ATOM   1040 C  CG  . LYS A 1 133 ? 14.749  0.421   4.788   1.00 15.58 ? 133 LYS A CG  1 
ATOM   1041 C  CD  . LYS A 1 133 ? 15.646  0.640   5.996   1.00 20.53 ? 133 LYS A CD  1 
ATOM   1042 C  CE  . LYS A 1 133 ? 15.634  -0.576  6.891   1.00 20.88 ? 133 LYS A CE  1 
ATOM   1043 N  N   . ALA A 1 134 ? 10.164  -0.008  5.313   1.00 4.75  ? 134 ALA A N   1 
ATOM   1044 C  CA  . ALA A 1 134 ? 8.969   -0.522  5.974   1.00 4.75  ? 134 ALA A CA  1 
ATOM   1045 C  C   . ALA A 1 134 ? 8.117   -1.346  5.023   1.00 4.28  ? 134 ALA A C   1 
ATOM   1046 O  O   . ALA A 1 134 ? 7.574   -2.389  5.423   1.00 4.95  ? 134 ALA A O   1 
ATOM   1047 C  CB  . ALA A 1 134 ? 8.151   0.635   6.542   1.00 5.67  ? 134 ALA A CB  1 
ATOM   1048 N  N   . LEU A 1 135 ? 7.966   -0.888  3.776   1.00 4.48  ? 135 LEU A N   1 
ATOM   1049 C  CA  . LEU A 1 135 ? 7.168   -1.644  2.825   1.00 4.75  ? 135 LEU A CA  1 
ATOM   1050 C  C   . LEU A 1 135 ? 7.894   -2.912  2.379   1.00 6.27  ? 135 LEU A C   1 
ATOM   1051 O  O   . LEU A 1 135 ? 7.251   -3.927  2.093   1.00 6.13  ? 135 LEU A O   1 
ATOM   1052 C  CB  . LEU A 1 135 ? 6.786   -0.760  1.633   1.00 5.91  ? 135 LEU A CB  1 
ATOM   1053 C  CG  . LEU A 1 135 ? 5.908   0.436   2.027   1.00 5.73  ? 135 LEU A CG  1 
ATOM   1054 C  CD1 . LEU A 1 135 ? 5.707   1.364   0.847   1.00 8.17  ? 135 LEU A CD1 1 
ATOM   1055 C  CD2 . LEU A 1 135 ? 4.568   -0.006  2.610   1.00 9.70  ? 135 LEU A CD2 1 
ATOM   1056 N  N   . GLU A 1 136 ? 9.222   -2.880  2.320   1.00 5.98  ? 136 GLU A N   1 
ATOM   1057 C  CA  . GLU A 1 136 ? 9.980   -4.096  2.038   1.00 5.94  ? 136 GLU A CA  1 
ATOM   1058 C  C   . GLU A 1 136 ? 9.812   -5.125  3.144   1.00 7.09  ? 136 GLU A C   1 
ATOM   1059 O  O   . GLU A 1 136 ? 9.700   -6.333  2.868   1.00 6.49  ? 136 GLU A O   1 
ATOM   1060 C  CB  . GLU A 1 136 ? 11.453  -3.746  1.880   1.00 7.96  ? 136 GLU A CB  1 
ATOM   1061 C  CG  . GLU A 1 136 ? 11.786  -3.154  0.528   1.00 12.20 ? 136 GLU A CG  1 
ATOM   1062 C  CD  . GLU A 1 136 ? 13.245  -2.737  0.424   1.00 24.88 ? 136 GLU A CD  1 
ATOM   1063 O  OE1 . GLU A 1 136 ? 13.933  -2.699  1.467   1.00 26.73 ? 136 GLU A OE1 1 
ATOM   1064 O  OE2 . GLU A 1 136 ? 13.701  -2.444  -0.703  1.00 30.90 ? 136 GLU A OE2 1 
ATOM   1065 N  N   . LEU A 1 137 ? 9.813   -4.681  4.398   1.00 5.89  ? 137 LEU A N   1 
ATOM   1066 C  CA  . LEU A 1 137 ? 9.617   -5.610  5.506   1.00 6.16  ? 137 LEU A CA  1 
ATOM   1067 C  C   . LEU A 1 137 ? 8.249   -6.283  5.417   1.00 5.65  ? 137 LEU A C   1 
ATOM   1068 O  O   . LEU A 1 137 ? 8.127   -7.505  5.580   1.00 6.47  ? 137 LEU A O   1 
ATOM   1069 C  CB  . LEU A 1 137 ? 9.770   -4.849  6.821   1.00 7.29  ? 137 LEU A CB  1 
ATOM   1070 C  CG  . LEU A 1 137 ? 9.503   -5.658  8.094   1.00 8.18  ? 137 LEU A CG  1 
ATOM   1071 C  CD1 . LEU A 1 137 ? 10.497  -6.811  8.261   1.00 11.82 ? 137 LEU A CD1 1 
ATOM   1072 C  CD2 . LEU A 1 137 ? 9.499   -4.777  9.326   1.00 9.50  ? 137 LEU A CD2 1 
ATOM   1073 N  N   . PHE A 1 138 ? 7.212   -5.495  5.127   1.00 5.53  ? 138 PHE A N   1 
ATOM   1074 C  CA  . PHE A 1 138 ? 5.885   -6.037  4.878   1.00 6.94  ? 138 PHE A CA  1 
ATOM   1075 C  C   . PHE A 1 138 ? 5.922   -7.093  3.780   1.00 5.09  ? 138 PHE A C   1 
ATOM   1076 O  O   . PHE A 1 138 ? 5.376   -8.191  3.939   1.00 5.90  ? 138 PHE A O   1 
ATOM   1077 C  CB  . PHE A 1 138 ? 4.961   -4.858  4.530   1.00 7.21  ? 138 PHE A CB  1 
ATOM   1078 C  CG  . PHE A 1 138 ? 3.672   -5.253  3.872   1.00 7.48  ? 138 PHE A CG  1 
ATOM   1079 C  CD1 . PHE A 1 138 ? 2.672   -5.867  4.602   1.00 7.62  ? 138 PHE A CD1 1 
ATOM   1080 C  CD2 . PHE A 1 138 ? 3.463   -5.006  2.538   1.00 9.90  ? 138 PHE A CD2 1 
ATOM   1081 C  CE1 . PHE A 1 138 ? 1.469   -6.246  4.002   1.00 9.26  ? 138 PHE A CE1 1 
ATOM   1082 C  CE2 . PHE A 1 138 ? 2.275   -5.380  1.919   1.00 11.18 ? 138 PHE A CE2 1 
ATOM   1083 C  CZ  . PHE A 1 138 ? 1.272   -5.987  2.656   1.00 9.69  ? 138 PHE A CZ  1 
ATOM   1084 N  N   . ARG A 1 139 ? 6.559   -6.774  2.657   1.00 5.72  ? 139 ARG A N   1 
ATOM   1085 C  CA  . ARG A 1 139 ? 6.592   -7.706  1.534   1.00 6.60  ? 139 ARG A CA  1 
ATOM   1086 C  C   . ARG A 1 139 ? 7.359   -8.971  1.897   1.00 5.31  ? 139 ARG A C   1 
ATOM   1087 O  O   . ARG A 1 139 ? 6.964   -10.086 1.522   1.00 6.62  ? 139 ARG A O   1 
ATOM   1088 C  CB  . ARG A 1 139 ? 7.267   -7.036  0.337   1.00 8.25  ? 139 ARG A CB  1 
ATOM   1089 C  CG  . ARG A 1 139 ? 6.417   -6.041  -0.421  1.00 14.10 ? 139 ARG A CG  1 
ATOM   1090 C  CD  . ARG A 1 139 ? 6.851   -5.982  -1.904  1.00 13.76 ? 139 ARG A CD  1 
ATOM   1091 N  NE  . ARG A 1 139 ? 8.252   -5.613  -2.148  1.00 12.16 ? 139 ARG A NE  1 
ATOM   1092 C  CZ  . ARG A 1 139 ? 8.737   -4.395  -1.963  1.00 12.04 ? 139 ARG A CZ  1 
ATOM   1093 N  NH1 . ARG A 1 139 ? 7.962   -3.413  -1.508  1.00 12.65 ? 139 ARG A NH1 1 
ATOM   1094 N  NH2 . ARG A 1 139 ? 10.003  -4.132  -2.248  1.00 12.16 ? 139 ARG A NH2 1 
ATOM   1095 N  N   . LYS A 1 140 ? 8.485   -8.817  2.594   1.00 4.66  ? 140 LYS A N   1 
ATOM   1096 C  CA  . LYS A 1 140 ? 9.273   -9.971  3.013   1.00 6.16  ? 140 LYS A CA  1 
ATOM   1097 C  C   . LYS A 1 140 ? 8.428   -10.923 3.838   1.00 5.50  ? 140 LYS A C   1 
ATOM   1098 O  O   . LYS A 1 140 ? 8.462   -12.153 3.643   1.00 6.18  ? 140 LYS A O   1 
ATOM   1099 C  CB  . LYS A 1 140 ? 10.465  -9.489  3.846   1.00 7.94  ? 140 LYS A CB  1 
ATOM   1100 C  CG  . LYS A 1 140 ? 11.307  -10.603 4.445   1.00 10.85 ? 140 LYS A CG  1 
ATOM   1101 C  CD  . LYS A 1 140 ? 12.276  -10.049 5.487   1.00 16.32 ? 140 LYS A CD  1 
ATOM   1102 N  N   . ASP A 1 141 ? 7.652   -10.377 4.772   1.00 6.07  ? 141 ASP A N   1 
ATOM   1103 C  CA  . ASP A 1 141 ? 6.888   -11.227 5.673   1.00 6.60  ? 141 ASP A CA  1 
ATOM   1104 C  C   . ASP A 1 141 ? 5.689   -11.848 4.960   1.00 7.02  ? 141 ASP A C   1 
ATOM   1105 O  O   . ASP A 1 141 ? 5.348   -13.013 5.210   1.00 8.50  ? 141 ASP A O   1 
ATOM   1106 C  CB  . ASP A 1 141 ? 6.486   -10.425 6.913   1.00 7.57  ? 141 ASP A CB  1 
ATOM   1107 C  CG  . ASP A 1 141 ? 7.665   -10.116 7.832   1.00 10.35 ? 141 ASP A CG  1 
ATOM   1108 O  OD1 . ASP A 1 141 ? 8.772   -10.667 7.624   1.00 10.94 ? 141 ASP A OD1 1 
ATOM   1109 O  OD2 . ASP A 1 141 ? 7.501   -9.321  8.789   1.00 11.63 ? 141 ASP A OD2 1 
ATOM   1110 N  N   . ILE A 1 142 ? 5.056   -11.114 4.043   1.00 6.06  ? 142 ILE A N   1 
ATOM   1111 C  CA  . ILE A 1 142 ? 4.001   -11.714 3.221   1.00 7.13  ? 142 ILE A CA  1 
ATOM   1112 C  C   . ILE A 1 142 ? 4.569   -12.821 2.354   1.00 6.40  ? 142 ILE A C   1 
ATOM   1113 O  O   . ILE A 1 142 ? 3.952   -13.884 2.202   1.00 7.56  ? 142 ILE A O   1 
ATOM   1114 C  CB  . ILE A 1 142 ? 3.279   -10.658 2.352   1.00 7.41  ? 142 ILE A CB  1 
ATOM   1115 C  CG1 . ILE A 1 142 ? 2.491   -9.650  3.190   1.00 8.96  ? 142 ILE A CG1 1 
ATOM   1116 C  CG2 . ILE A 1 142 ? 2.355   -11.340 1.334   1.00 8.60  ? 142 ILE A CG2 1 
ATOM   1117 C  CD1 . ILE A 1 142 ? 1.236   -10.221 3.777   1.00 13.08 ? 142 ILE A CD1 1 
ATOM   1118 N  N   . ALA A 1 143 ? 5.735   -12.576 1.745   1.00 7.64  ? 143 ALA A N   1 
ATOM   1119 C  CA  . ALA A 1 143 ? 6.352   -13.562 0.860   1.00 7.32  ? 143 ALA A CA  1 
ATOM   1120 C  C   . ALA A 1 143 ? 6.642   -14.867 1.593   1.00 7.64  ? 143 ALA A C   1 
ATOM   1121 O  O   . ALA A 1 143 ? 6.474   -15.959 1.029   1.00 7.86  ? 143 ALA A O   1 
ATOM   1122 C  CB  . ALA A 1 143 ? 7.627   -12.994 0.241   1.00 8.28  ? 143 ALA A CB  1 
ATOM   1123 N  N   . ALA A 1 144 ? 7.057   -14.789 2.857   1.00 7.29  ? 144 ALA A N   1 
ATOM   1124 C  CA  . ALA A 1 144 ? 7.315   -16.019 3.602   1.00 6.86  ? 144 ALA A CA  1 
ATOM   1125 C  C   . ALA A 1 144 ? 6.031   -16.811 3.815   1.00 9.37  ? 144 ALA A C   1 
ATOM   1126 O  O   . ALA A 1 144 ? 6.041   -18.052 3.756   1.00 9.31  ? 144 ALA A O   1 
ATOM   1127 C  CB  . ALA A 1 144 ? 7.987   -15.689 4.931   1.00 8.70  ? 144 ALA A CB  1 
ATOM   1128 N  N   . LYS A 1 145 ? 4.911   -16.117 4.058   1.00 7.65  ? 145 LYS A N   1 
ATOM   1129 C  CA  . LYS A 1 145 ? 3.629   -16.807 4.195   1.00 8.98  ? 145 LYS A CA  1 
ATOM   1130 C  C   . LYS A 1 145 ? 3.176   -17.395 2.861   1.00 9.68  ? 145 LYS A C   1 
ATOM   1131 O  O   . LYS A 1 145 ? 2.651   -18.519 2.814   1.00 11.10 ? 145 LYS A O   1 
ATOM   1132 C  CB  . LYS A 1 145 ? 2.572   -15.866 4.773   1.00 10.08 ? 145 LYS A CB  1 
ATOM   1133 C  CG  . LYS A 1 145 ? 2.784   -15.486 6.241   1.00 16.40 ? 145 LYS A CG  1 
ATOM   1134 C  CD  . LYS A 1 145 ? 1.715   -14.511 6.735   1.00 21.58 ? 145 LYS A CD  1 
ATOM   1135 N  N   . TYR A 1 146 ? 3.354   -16.651 1.768   1.00 8.11  ? 146 TYR A N   1 
ATOM   1136 C  CA  . TYR A 1 146 ? 3.051   -17.192 0.451   1.00 8.79  ? 146 TYR A CA  1 
ATOM   1137 C  C   . TYR A 1 146 ? 3.805   -18.493 0.232   1.00 10.47 ? 146 TYR A C   1 
ATOM   1138 O  O   . TYR A 1 146 ? 3.242   -19.477 -0.264  1.00 12.97 ? 146 TYR A O   1 
ATOM   1139 C  CB  . TYR A 1 146 ? 3.462   -16.194 -0.633  1.00 7.77  ? 146 TYR A CB  1 
ATOM   1140 C  CG  . TYR A 1 146 ? 2.416   -15.183 -1.049  1.00 7.46  ? 146 TYR A CG  1 
ATOM   1141 C  CD1 . TYR A 1 146 ? 1.526   -14.617 -0.132  1.00 9.14  ? 146 TYR A CD1 1 
ATOM   1142 C  CD2 . TYR A 1 146 ? 2.355   -14.750 -2.359  1.00 15.24 ? 146 TYR A CD2 1 
ATOM   1143 C  CE1 . TYR A 1 146 ? 0.574   -13.666 -0.542  1.00 9.05  ? 146 TYR A CE1 1 
ATOM   1144 C  CE2 . TYR A 1 146 ? 1.417   -13.816 -2.766  1.00 14.98 ? 146 TYR A CE2 1 
ATOM   1145 C  CZ  . TYR A 1 146 ? 0.530   -13.283 -1.869  1.00 8.17  ? 146 TYR A CZ  1 
ATOM   1146 O  OH  . TYR A 1 146 ? -0.384  -12.346 -2.349  1.00 9.82  ? 146 TYR A OH  1 
ATOM   1147 N  N   . LYS A 1 147 ? 5.098   -18.506 0.568   1.00 10.87 ? 147 LYS A N   1 
ATOM   1148 C  CA  . LYS A 1 147 ? 5.911   -19.696 0.334   1.00 11.34 ? 147 LYS A CA  1 
ATOM   1149 C  C   . LYS A 1 147 ? 5.379   -20.879 1.130   1.00 12.92 ? 147 LYS A C   1 
ATOM   1150 O  O   . LYS A 1 147 ? 5.287   -21.999 0.608   1.00 15.49 ? 147 LYS A O   1 
ATOM   1151 C  CB  . LYS A 1 147 ? 7.370   -19.402 0.689   1.00 12.39 ? 147 LYS A CB  1 
ATOM   1152 C  CG  . LYS A 1 147 ? 8.385   -20.448 0.217   1.00 16.19 ? 147 LYS A CG  1 
ATOM   1153 C  CD  . LYS A 1 147 ? 9.788   -20.111 0.734   1.00 16.48 ? 147 LYS A CD  1 
ATOM   1154 C  CE  . LYS A 1 147 ? 10.814  -21.130 0.258   1.00 23.59 ? 147 LYS A CE  1 
ATOM   1155 N  NZ  . LYS A 1 147 ? 10.544  -22.482 0.805   1.00 25.26 ? 147 LYS A NZ  1 
ATOM   1156 N  N   . GLU A 1 148 ? 5.024   -20.652 2.390   1.00 11.59 ? 148 GLU A N   1 
ATOM   1157 C  CA  . GLU A 1 148 ? 4.405   -21.695 3.201   1.00 15.90 ? 148 GLU A CA  1 
ATOM   1158 C  C   . GLU A 1 148 ? 3.186   -22.281 2.504   1.00 18.93 ? 148 GLU A C   1 
ATOM   1159 O  O   . GLU A 1 148 ? 3.019   -23.507 2.447   1.00 22.39 ? 148 GLU A O   1 
ATOM   1160 C  CB  . GLU A 1 148 ? 4.008   -21.105 4.554   1.00 16.72 ? 148 GLU A CB  1 
ATOM   1161 C  CG  . GLU A 1 148 ? 3.219   -22.061 5.435   1.00 21.19 ? 148 GLU A CG  1 
ATOM   1162 C  CD  . GLU A 1 148 ? 2.727   -21.408 6.705   1.00 22.38 ? 148 GLU A CD  1 
ATOM   1163 O  OE1 . GLU A 1 148 ? 3.352   -20.418 7.148   1.00 26.27 ? 148 GLU A OE1 1 
ATOM   1164 O  OE2 . GLU A 1 148 ? 1.712   -21.879 7.261   1.00 30.29 ? 148 GLU A OE2 1 
ATOM   1165 N  N   . LEU A 1 149 ? 2.336   -21.420 1.943   1.00 13.76 ? 149 LEU A N   1 
ATOM   1166 C  CA  . LEU A 1 149 ? 1.098   -21.827 1.294   1.00 14.54 ? 149 LEU A CA  1 
ATOM   1167 C  C   . LEU A 1 149 ? 1.298   -22.329 -0.128  1.00 15.71 ? 149 LEU A C   1 
ATOM   1168 O  O   . LEU A 1 149 ? 0.308   -22.677 -0.785  1.00 17.77 ? 149 LEU A O   1 
ATOM   1169 C  CB  . LEU A 1 149 ? 0.108   -20.658 1.281   1.00 12.80 ? 149 LEU A CB  1 
ATOM   1170 C  CG  . LEU A 1 149 ? -0.331  -20.137 2.644   1.00 16.30 ? 149 LEU A CG  1 
ATOM   1171 C  CD1 . LEU A 1 149 ? -1.115  -18.836 2.494   1.00 14.82 ? 149 LEU A CD1 1 
ATOM   1172 C  CD2 . LEU A 1 149 ? -1.152  -21.186 3.400   1.00 22.29 ? 149 LEU A CD2 1 
ATOM   1173 N  N   . GLY A 1 150 ? 2.528   -22.363 -0.626  1.00 12.64 ? 150 GLY A N   1 
ATOM   1174 C  CA  . GLY A 1 150 ? 2.790   -22.889 -1.950  1.00 15.58 ? 150 GLY A CA  1 
ATOM   1175 C  C   . GLY A 1 150 ? 2.450   -21.977 -3.101  1.00 14.93 ? 150 GLY A C   1 
ATOM   1176 O  O   . GLY A 1 150 ? 2.278   -22.451 -4.229  1.00 16.02 ? 150 GLY A O   1 
ATOM   1177 N  N   . TYR A 1 151 ? 2.341   -20.675 -2.863  1.00 14.75 ? 151 TYR A N   1 
ATOM   1178 C  CA  . TYR A 1 151 ? 1.920   -19.785 -3.925  1.00 19.45 ? 151 TYR A CA  1 
ATOM   1179 C  C   . TYR A 1 151 ? 3.072   -18.921 -4.415  1.00 26.31 ? 151 TYR A C   1 
ATOM   1180 O  O   . TYR A 1 151 ? 3.244   -18.741 -5.621  1.00 30.11 ? 151 TYR A O   1 
ATOM   1181 C  CB  . TYR A 1 151 ? 0.742   -18.914 -3.468  1.00 20.68 ? 151 TYR A CB  1 
ATOM   1182 C  CG  . TYR A 1 151 ? 0.315   -17.906 -4.511  1.00 23.39 ? 151 TYR A CG  1 
ATOM   1183 C  CD1 . TYR A 1 151 ? -0.341  -18.304 -5.667  1.00 25.31 ? 151 TYR A CD1 1 
ATOM   1184 C  CD2 . TYR A 1 151 ? 0.578   -16.559 -4.342  1.00 24.31 ? 151 TYR A CD2 1 
ATOM   1185 C  CE1 . TYR A 1 151 ? -0.719  -17.376 -6.628  1.00 25.86 ? 151 TYR A CE1 1 
ATOM   1186 C  CE2 . TYR A 1 151 ? 0.203   -15.629 -5.290  1.00 22.72 ? 151 TYR A CE2 1 
ATOM   1187 C  CZ  . TYR A 1 151 ? -0.440  -16.039 -6.431  1.00 18.58 ? 151 TYR A CZ  1 
ATOM   1188 O  OH  . TYR A 1 151 ? -0.807  -15.096 -7.367  1.00 24.49 ? 151 TYR A OH  1 
ATOM   1189 O  OXT . TYR A 1 151 ? 3.850   -18.398 -3.621  1.00 25.61 ? 151 TYR A OXT 1 
HETATM 1190 C  C1  A 89R B 2 .   ? -5.563  -4.774  1.551   0.50 5.34  ? 201 89R A C1  1 
HETATM 1191 C  C1  B 89R B 2 .   ? -6.331  -7.217  -4.705  0.50 6.24  ? 201 89R A C1  1 
HETATM 1192 C  C2  A 89R B 2 .   ? -2.508  -5.267  -2.246  0.50 6.26  ? 201 89R A C2  1 
HETATM 1193 C  C2  B 89R B 2 .   ? -2.841  -5.103  -2.027  0.50 5.58  ? 201 89R A C2  1 
HETATM 1194 C  C15 A 89R B 2 .   ? -3.046  -4.899  -0.927  0.50 5.25  ? 201 89R A C15 1 
HETATM 1195 C  C15 B 89R B 2 .   ? -3.558  -5.677  -3.175  0.50 6.27  ? 201 89R A C15 1 
HETATM 1196 C  C14 A 89R B 2 .   ? -2.351  -4.191  0.122   0.50 6.51  ? 201 89R A C14 1 
HETATM 1197 C  C14 B 89R B 2 .   ? -3.053  -5.784  -4.534  0.50 6.94  ? 201 89R A C14 1 
HETATM 1198 C  C7  A 89R B 2 .   ? -6.724  -5.444  1.224   0.50 4.84  ? 201 89R A C7  1 
HETATM 1199 C  C7  B 89R B 2 .   ? -7.438  -7.395  -3.899  0.50 6.27  ? 201 89R A C7  1 
HETATM 1200 C  C12 A 89R B 2 .   ? -4.435  -4.682  0.750   0.50 5.36  ? 201 89R A C12 1 
HETATM 1201 C  C12 B 89R B 2 .   ? -5.134  -6.614  -4.345  0.50 6.34  ? 201 89R A C12 1 
HETATM 1202 C  C10 A 89R B 2 .   ? -9.926  -7.961  2.907   0.50 8.27  ? 201 89R A C10 1 
HETATM 1203 C  C10 B 89R B 2 .   ? -11.757 -7.045  -3.376  0.50 10.18 ? 201 89R A C10 1 
HETATM 1204 C  C3  A 89R B 2 .   ? -6.126  -7.105  -4.843  0.50 6.39  ? 201 89R A C3  1 
HETATM 1205 C  C3  B 89R B 2 .   ? -5.837  -5.064  1.762   0.50 5.12  ? 201 89R A C3  1 
HETATM 1206 C  C13 A 89R B 2 .   ? -3.221  -4.040  1.182   0.50 6.31  ? 201 89R A C13 1 
HETATM 1207 C  C13 B 89R B 2 .   ? -4.055  -6.360  -5.279  0.50 6.55  ? 201 89R A C13 1 
HETATM 1208 C  C11 A 89R B 2 .   ? -9.257  -9.188  2.290   0.50 8.49  ? 201 89R A C11 1 
HETATM 1209 C  C11 B 89R B 2 .   ? -13.239 -7.269  -3.585  0.50 11.19 ? 201 89R A C11 1 
HETATM 1210 C  C6  A 89R B 2 .   ? -7.836  -5.598  2.134   0.50 5.40  ? 201 89R A C6  1 
HETATM 1211 C  C6  B 89R B 2 .   ? -8.706  -7.939  -4.345  0.50 6.50  ? 201 89R A C6  1 
HETATM 1212 C  C8  A 89R B 2 .   ? -7.899  -5.071  3.542   0.50 7.69  ? 201 89R A C8  1 
HETATM 1213 C  C8  B 89R B 2 .   ? -9.051  -8.415  -5.726  0.50 8.12  ? 201 89R A C8  1 
HETATM 1214 C  C5  A 89R B 2 .   ? -8.790  -6.304  1.450   0.50 5.52  ? 201 89R A C5  1 
HETATM 1215 C  C5  B 89R B 2 .   ? -9.528  -7.930  -3.253  0.50 7.06  ? 201 89R A C5  1 
HETATM 1216 C  C9  A 89R B 2 .   ? -10.135 -6.750  1.967   0.50 7.92  ? 201 89R A C9  1 
HETATM 1217 C  C9  B 89R B 2 .   ? -10.971 -8.360  -3.243  0.50 7.66  ? 201 89R A C9  1 
HETATM 1218 C  C4  A 89R B 2 .   ? -8.255  -6.566  0.131   0.50 5.75  ? 201 89R A C4  1 
HETATM 1219 C  C4  B 89R B 2 .   ? -8.772  -7.376  -2.149  0.50 5.73  ? 201 89R A C4  1 
HETATM 1220 O  O2  A 89R B 2 .   ? -13.569 -8.733  -3.872  0.50 15.14 ? 201 89R A O2  1 
HETATM 1221 O  O2  B 89R B 2 .   ? -9.961  -9.686  1.053   0.50 10.67 ? 201 89R A O2  1 
HETATM 1222 O  O3  A 89R B 2 .   ? -13.798 -6.749  -2.962  0.50 12.93 ? 201 89R A O3  1 
HETATM 1223 O  O3  B 89R B 2 .   ? -8.528  -9.773  2.709   0.50 9.71  ? 201 89R A O3  1 
HETATM 1224 O  O1  A 89R B 2 .   ? -8.151  -9.589  2.737   0.50 9.80  ? 201 89R A O1  1 
HETATM 1225 O  O1  B 89R B 2 .   ? -14.021 -7.037  -2.632  0.50 13.28 ? 201 89R A O1  1 
HETATM 1226 N  N   A 89R B 2 .   ? -6.997  -6.042  0.012   0.50 5.75  ? 201 89R A N   1 
HETATM 1227 N  N   B 89R B 2 .   ? -7.507  -7.067  -2.566  0.50 5.40  ? 201 89R A N   1 
HETATM 1228 C  C   A 89R B 2 .   ? -8.925  -7.243  -0.886  0.50 6.73  ? 201 89R A C   1 
HETATM 1229 C  C   B 89R B 2 .   ? -9.259  -7.228  -0.857  0.50 6.27  ? 201 89R A C   1 
HETATM 1230 O  O   A 89R B 2 .   ? -9.823  -9.816  1.369   0.50 8.75  ? 201 89R A O   1 
HETATM 1231 O  O   B 89R B 2 .   ? -13.615 -7.679  -4.703  0.50 10.48 ? 201 89R A O   1 
HETATM 1232 C  C16 A 89R B 2 .   ? -3.258  -5.761  -3.288  0.50 5.29  ? 201 89R A C16 1 
HETATM 1233 C  C16 B 89R B 2 .   ? -3.360  -4.907  -0.762  0.50 6.22  ? 201 89R A C16 1 
HETATM 1234 C  C17 A 89R B 2 .   ? -2.750  -5.880  -4.635  0.50 6.32  ? 201 89R A C17 1 
HETATM 1235 C  C17 B 89R B 2 .   ? -2.658  -4.236  0.324   0.50 6.59  ? 201 89R A C17 1 
HETATM 1236 C  C18 A 89R B 2 .   ? -3.772  -6.392  -5.383  0.50 6.82  ? 201 89R A C18 1 
HETATM 1237 C  C18 B 89R B 2 .   ? -3.518  -4.219  1.379   0.50 6.80  ? 201 89R A C18 1 
HETATM 1238 C  C19 A 89R B 2 .   ? -4.890  -6.589  -4.476  0.50 6.30  ? 201 89R A C19 1 
HETATM 1239 C  C19 B 89R B 2 .   ? -4.729  -4.878  0.946   0.50 6.03  ? 201 89R A C19 1 
HETATM 1240 C  C20 A 89R B 2 .   ? -7.207  -7.329  -4.002  0.50 5.74  ? 201 89R A C20 1 
HETATM 1241 C  C20 B 89R B 2 .   ? -7.030  -5.651  1.386   0.50 5.86  ? 201 89R A C20 1 
HETATM 1242 C  C21 A 89R B 2 .   ? -8.477  -7.896  -4.416  0.50 6.74  ? 201 89R A C21 1 
HETATM 1243 C  C21 B 89R B 2 .   ? -8.165  -5.820  2.268   0.50 5.56  ? 201 89R A C21 1 
HETATM 1244 C  C22 A 89R B 2 .   ? -9.283  -7.922  -3.304  0.50 6.54  ? 201 89R A C22 1 
HETATM 1245 C  C22 B 89R B 2 .   ? -9.129  -6.436  1.522   0.50 6.59  ? 201 89R A C22 1 
HETATM 1246 C  C23 A 89R B 2 .   ? -8.496  -7.370  -2.205  0.50 5.63  ? 201 89R A C23 1 
HETATM 1247 C  C23 B 89R B 2 .   ? -8.584  -6.642  0.203   0.50 5.29  ? 201 89R A C23 1 
HETATM 1248 C  C24 A 89R B 2 .   ? -8.817  -8.354  -5.803  0.50 7.94  ? 201 89R A C24 1 
HETATM 1249 C  C24 B 89R B 2 .   ? -8.267  -5.392  3.704   0.50 7.94  ? 201 89R A C24 1 
HETATM 1250 C  C25 A 89R B 2 .   ? -10.711 -8.411  -3.263  0.50 8.09  ? 201 89R A C25 1 
HETATM 1251 C  C25 B 89R B 2 .   ? -10.485 -6.855  1.983   0.50 9.79  ? 201 89R A C25 1 
HETATM 1252 C  C26 A 89R B 2 .   ? -11.641 -7.306  -3.783  0.50 11.64 ? 201 89R A C26 1 
HETATM 1253 C  C26 B 89R B 2 .   ? -10.289 -8.125  2.844   0.50 8.16  ? 201 89R A C26 1 
HETATM 1254 C  C27 A 89R B 2 .   ? -13.101 -7.623  -3.522  0.50 13.05 ? 201 89R A C27 1 
HETATM 1255 C  C27 B 89R B 2 .   ? -9.541  -9.265  2.156   0.50 8.25  ? 201 89R A C27 1 
HETATM 1256 C  C28 A 89R B 2 .   ? -1.363  -5.511  -5.097  0.50 7.95  ? 201 89R A C28 1 
HETATM 1257 C  C28 B 89R B 2 .   ? -1.275  -3.633  0.343   0.50 10.44 ? 201 89R A C28 1 
HETATM 1258 C  C29 A 89R B 2 .   ? -1.448  -4.294  -5.998  0.50 5.25  ? 201 89R A C29 1 
HETATM 1259 C  C29 B 89R B 2 .   ? -0.231  -4.581  -0.177  0.50 9.52  ? 201 89R A C29 1 
HETATM 1260 C  C30 A 89R B 2 .   ? -3.026  -3.337  2.503   0.50 8.05  ? 201 89R A C30 1 
HETATM 1261 C  C30 B 89R B 2 .   ? -4.071  -6.701  -6.745  0.50 7.94  ? 201 89R A C30 1 
HETATM 1262 C  C31 A 89R B 2 .   ? -2.657  -4.226  3.668   0.50 4.19  ? 201 89R A C31 1 
HETATM 1263 C  C31 B 89R B 2 .   ? -4.161  -5.461  -7.602  0.50 15.95 ? 201 89R A C31 1 
HETATM 1264 C  C32 A 89R B 2 .   ? -3.745  -6.697  -6.853  0.50 8.52  ? 201 89R A C32 1 
HETATM 1265 C  C32 B 89R B 2 .   ? -3.259  -3.639  2.735   0.50 10.82 ? 201 89R A C32 1 
HETATM 1266 C  C33 A 89R B 2 .   ? -0.966  -3.647  0.063   0.50 7.75  ? 201 89R A C33 1 
HETATM 1267 C  C33 B 89R B 2 .   ? -1.714  -5.302  -5.019  0.50 8.65  ? 201 89R A C33 1 
HETATM 1268 F  F   A 89R B 2 .   ? -0.440  -3.554  1.300   0.50 6.61  ? 201 89R A F   1 
HETATM 1269 F  F   B 89R B 2 .   ? -1.507  -5.400  -6.351  0.50 17.44 ? 201 89R A F   1 
HETATM 1270 F  F1  A 89R B 2 .   ? -0.160  -4.353  -0.758  0.50 7.65  ? 201 89R A F1  1 
HETATM 1271 F  F1  B 89R B 2 .   ? -1.632  -3.982  -4.737  0.50 14.65 ? 201 89R A F1  1 
HETATM 1272 F  F2  A 89R B 2 .   ? -1.054  -2.394  -0.403  0.50 6.51  ? 201 89R A F2  1 
HETATM 1273 F  F2  B 89R B 2 .   ? -0.708  -5.923  -4.400  0.50 14.48 ? 201 89R A F2  1 
HETATM 1274 N  N1  A 89R B 2 .   ? -4.314  -5.207  -0.516  0.50 5.16  ? 201 89R A N1  1 
HETATM 1275 N  N1  B 89R B 2 .   ? -4.821  -6.204  -3.079  0.50 5.84  ? 201 89R A N1  1 
HETATM 1276 N  N2  A 89R B 2 .   ? -4.556  -6.204  -3.211  0.50 5.39  ? 201 89R A N2  1 
HETATM 1277 N  N2  B 89R B 2 .   ? -4.617  -5.299  -0.352  0.50 5.32  ? 201 89R A N2  1 
HETATM 1278 N  N3  A 89R B 2 .   ? -7.247  -7.020  -2.667  0.50 5.05  ? 201 89R A N3  1 
HETATM 1279 N  N3  B 89R B 2 .   ? -7.303  -6.165  0.147   0.50 5.52  ? 201 89R A N3  1 
HETATM 1280 FE FE  A 89R B 2 .   ? -5.753  -6.183  -1.588  0.50 5.21  ? 201 89R A FE  1 
HETATM 1281 FE FE  B 89R B 2 .   ? -6.045  -6.250  -1.435  0.50 4.81  ? 201 89R A FE  1 
HETATM 1282 S  S   . SO4 C 3 .   ? -6.752  8.299   -20.027 1.00 6.78  ? 202 SO4 A S   1 
HETATM 1283 O  O1  . SO4 C 3 .   ? -6.908  9.715   -19.677 1.00 8.90  ? 202 SO4 A O1  1 
HETATM 1284 O  O2  . SO4 C 3 .   ? -7.684  7.961   -21.079 1.00 8.15  ? 202 SO4 A O2  1 
HETATM 1285 O  O3  . SO4 C 3 .   ? -5.398  8.054   -20.537 1.00 8.96  ? 202 SO4 A O3  1 
HETATM 1286 O  O4  . SO4 C 3 .   ? -7.013  7.468   -18.839 1.00 8.43  ? 202 SO4 A O4  1 
HETATM 1287 S  S   . SO4 D 3 .   ? -13.393 13.578  -4.823  0.80 10.03 ? 203 SO4 A S   1 
HETATM 1288 O  O1  . SO4 D 3 .   ? -14.493 14.060  -3.991  0.80 10.40 ? 203 SO4 A O1  1 
HETATM 1289 O  O2  . SO4 D 3 .   ? -13.721 13.743  -6.229  0.80 18.70 ? 203 SO4 A O2  1 
HETATM 1290 O  O3  . SO4 D 3 .   ? -12.184 14.332  -4.528  0.80 15.44 ? 203 SO4 A O3  1 
HETATM 1291 O  O4  . SO4 D 3 .   ? -13.161 12.153  -4.564  0.80 14.17 ? 203 SO4 A O4  1 
HETATM 1292 S  S   . SO4 E 3 .   ? -14.325 -2.942  0.787   1.00 24.48 ? 204 SO4 A S   1 
HETATM 1293 O  O1  . SO4 E 3 .   ? -13.394 -2.081  0.084   1.00 20.16 ? 204 SO4 A O1  1 
HETATM 1294 O  O2  . SO4 E 3 .   ? -15.680 -2.647  0.311   1.00 29.37 ? 204 SO4 A O2  1 
HETATM 1295 O  O3  . SO4 E 3 .   ? -14.254 -2.677  2.223   1.00 27.16 ? 204 SO4 A O3  1 
HETATM 1296 O  O4  . SO4 E 3 .   ? -14.001 -4.341  0.521   1.00 34.34 ? 204 SO4 A O4  1 
HETATM 1297 O  O   . HOH F 4 .   ? -17.258 -1.569  -8.005  1.00 13.89 ? 301 HOH A O   1 
HETATM 1298 O  O   . HOH F 4 .   ? -0.014  -10.752 -14.320 1.00 18.31 ? 302 HOH A O   1 
HETATM 1299 O  O   . HOH F 4 .   ? -13.003 -7.254  -6.980  1.00 17.71 ? 303 HOH A O   1 
HETATM 1300 O  O   . HOH F 4 .   ? -1.379  8.180   12.194  1.00 24.26 ? 304 HOH A O   1 
HETATM 1301 O  O   . HOH F 4 .   ? -13.025 -6.523  -0.256  1.00 19.27 ? 305 HOH A O   1 
HETATM 1302 O  O   . HOH F 4 .   ? 0.387   -8.383  15.240  1.00 20.40 ? 306 HOH A O   1 
HETATM 1303 O  O   . HOH F 4 .   ? 8.243   6.705   17.429  1.00 13.88 ? 307 HOH A O   1 
HETATM 1304 O  O   . HOH F 4 .   ? -16.561 -7.023  -2.414  1.00 24.08 ? 308 HOH A O   1 
HETATM 1305 O  O   . HOH F 4 .   ? -16.438 -4.410  -12.983 1.00 25.36 ? 309 HOH A O   1 
HETATM 1306 O  O   . HOH F 4 .   ? 9.024   -13.249 7.854   1.00 23.78 ? 310 HOH A O   1 
HETATM 1307 O  O   . HOH F 4 .   ? 9.123   -0.828  -1.046  1.00 22.17 ? 311 HOH A O   1 
HETATM 1308 O  O   . HOH F 4 .   ? -14.947 10.950  -6.979  1.00 23.14 ? 312 HOH A O   1 
HETATM 1309 O  O   . HOH F 4 .   ? 9.503   16.195  8.805   1.00 24.38 ? 313 HOH A O   1 
HETATM 1310 O  O   . HOH F 4 .   ? -12.455 -9.206  0.415   1.00 17.62 ? 314 HOH A O   1 
HETATM 1311 O  O   . HOH F 4 .   ? 10.999  -0.207  17.074  1.00 27.30 ? 315 HOH A O   1 
HETATM 1312 O  O   . HOH F 4 .   ? 13.375  14.225  8.498   1.00 21.86 ? 316 HOH A O   1 
HETATM 1313 O  O   . HOH F 4 .   ? -16.670 10.928  -3.020  1.00 9.30  ? 317 HOH A O   1 
HETATM 1314 O  O   . HOH F 4 .   ? 11.962  7.584   -3.384  1.00 22.00 ? 318 HOH A O   1 
HETATM 1315 O  O   . HOH F 4 .   ? -12.921 -10.559 -5.677  1.00 24.00 ? 319 HOH A O   1 
HETATM 1316 O  O   . HOH F 4 .   ? -8.471  5.532   -21.828 1.00 15.97 ? 320 HOH A O   1 
HETATM 1317 O  O   . HOH F 4 .   ? -16.917 13.105  -4.544  1.00 12.69 ? 321 HOH A O   1 
HETATM 1318 O  O   . HOH F 4 .   ? -6.596  -4.318  -2.309  1.00 7.43  ? 322 HOH A O   1 
HETATM 1319 O  O   . HOH F 4 .   ? -16.787 9.149   -6.362  1.00 15.60 ? 323 HOH A O   1 
HETATM 1320 O  O   . HOH F 4 .   ? 1.504   -23.781 -6.439  1.00 18.70 ? 324 HOH A O   1 
HETATM 1321 O  O   . HOH F 4 .   ? -7.276  -9.183  5.257   1.00 11.67 ? 325 HOH A O   1 
HETATM 1322 O  O   . HOH F 4 .   ? 5.466   -18.808 6.610   1.00 24.39 ? 326 HOH A O   1 
HETATM 1323 O  O   . HOH F 4 .   ? -9.543  5.802   -1.408  1.00 9.70  ? 327 HOH A O   1 
HETATM 1324 O  O   . HOH F 4 .   ? -3.278  14.737  4.012   1.00 14.62 ? 328 HOH A O   1 
HETATM 1325 O  O   . HOH F 4 .   ? -13.307 -0.936  5.194   1.00 20.62 ? 329 HOH A O   1 
HETATM 1326 O  O   . HOH F 4 .   ? 12.355  -5.325  -8.639  1.00 13.16 ? 330 HOH A O   1 
HETATM 1327 O  O   . HOH F 4 .   ? -5.610  11.085  -17.702 1.00 11.80 ? 331 HOH A O   1 
HETATM 1328 O  O   . HOH F 4 .   ? 15.952  3.982   6.006   1.00 14.64 ? 332 HOH A O   1 
HETATM 1329 O  O   . HOH F 4 .   ? -11.620 -9.522  -7.966  1.00 17.41 ? 333 HOH A O   1 
HETATM 1330 O  O   . HOH F 4 .   ? -2.793  9.111   -9.049  1.00 15.92 ? 334 HOH A O   1 
HETATM 1331 O  O   . HOH F 4 .   ? 6.010   -14.057 7.659   1.00 15.14 ? 335 HOH A O   1 
HETATM 1332 O  O   . HOH F 4 .   ? 16.413  6.662   5.819   1.00 11.99 ? 336 HOH A O   1 
HETATM 1333 O  O   . HOH F 4 .   ? -8.505  -11.663 -8.175  1.00 18.28 ? 337 HOH A O   1 
HETATM 1334 O  O   . HOH F 4 .   ? 11.596  -1.907  -2.497  1.00 22.02 ? 338 HOH A O   1 
HETATM 1335 O  O   . HOH F 4 .   ? -5.503  2.250   10.269  1.00 20.45 ? 339 HOH A O   1 
HETATM 1336 O  O   . HOH F 4 .   ? -2.993  12.261  -15.519 1.00 20.76 ? 340 HOH A O   1 
HETATM 1337 O  O   . HOH F 4 .   ? -1.654  -16.586 6.251   1.00 18.86 ? 341 HOH A O   1 
HETATM 1338 O  O   . HOH F 4 .   ? -16.323 9.365   0.160   1.00 19.80 ? 342 HOH A O   1 
HETATM 1339 O  O   . HOH F 4 .   ? 2.271   -3.264  -16.804 1.00 10.83 ? 343 HOH A O   1 
HETATM 1340 O  O   . HOH F 4 .   ? -16.729 5.691   -12.808 1.00 12.16 ? 344 HOH A O   1 
HETATM 1341 O  O   . HOH F 4 .   ? -10.482 12.733  -3.040  1.00 24.73 ? 345 HOH A O   1 
HETATM 1342 O  O   . HOH F 4 .   ? 1.211   1.528   -18.085 1.00 14.40 ? 346 HOH A O   1 
HETATM 1343 O  O   . HOH F 4 .   ? -8.879  -4.291  -16.653 1.00 25.18 ? 347 HOH A O   1 
HETATM 1344 O  O   . HOH F 4 .   ? -6.392  -3.918  -17.080 1.00 16.15 ? 348 HOH A O   1 
HETATM 1345 O  O   . HOH F 4 .   ? 13.567  10.005  13.040  1.00 22.04 ? 349 HOH A O   1 
HETATM 1346 O  O   . HOH F 4 .   ? -1.109  12.649  -5.527  1.00 23.07 ? 350 HOH A O   1 
HETATM 1347 O  O   . HOH F 4 .   ? 8.524   11.953  7.772   1.00 9.38  ? 351 HOH A O   1 
HETATM 1348 O  O   . HOH F 4 .   ? 5.006   -2.996  10.537  1.00 7.33  ? 352 HOH A O   1 
HETATM 1349 O  O   . HOH F 4 .   ? -1.897  14.968  9.775   1.00 17.27 ? 353 HOH A O   1 
HETATM 1350 O  O   . HOH F 4 .   ? -4.471  -13.068 12.869  1.00 16.57 ? 354 HOH A O   1 
HETATM 1351 O  O   . HOH F 4 .   ? -13.620 9.240   -19.195 1.00 13.38 ? 355 HOH A O   1 
HETATM 1352 O  O   . HOH F 4 .   ? -10.453 13.591  -0.357  1.00 22.06 ? 356 HOH A O   1 
HETATM 1353 O  O   . HOH F 4 .   ? 10.599  -13.727 2.761   1.00 11.91 ? 357 HOH A O   1 
HETATM 1354 O  O   . HOH F 4 .   ? 1.743   -24.002 9.095   1.00 14.91 ? 358 HOH A O   1 
HETATM 1355 O  O   . HOH F 4 .   ? -11.252 -12.216 1.654   1.00 20.07 ? 359 HOH A O   1 
HETATM 1356 O  O   . HOH F 4 .   ? 1.864   -13.504 9.766   1.00 23.64 ? 360 HOH A O   1 
HETATM 1357 O  O   . HOH F 4 .   ? -12.340 7.166   -7.016  1.00 9.78  ? 361 HOH A O   1 
HETATM 1358 O  O   . HOH F 4 .   ? 4.474   4.177   -9.169  1.00 19.66 ? 362 HOH A O   1 
HETATM 1359 O  O   . HOH F 4 .   ? 8.674   -8.122  11.166  1.00 19.57 ? 363 HOH A O   1 
HETATM 1360 O  O   . HOH F 4 .   ? -2.628  15.333  1.169   1.00 23.41 ? 364 HOH A O   1 
HETATM 1361 O  O   . HOH F 4 .   ? 13.155  -3.846  5.399   1.00 16.26 ? 365 HOH A O   1 
HETATM 1362 O  O   . HOH F 4 .   ? 7.992   5.334   -6.062  1.00 19.63 ? 366 HOH A O   1 
HETATM 1363 O  O   . HOH F 4 .   ? -2.908  8.726   -19.220 1.00 20.78 ? 367 HOH A O   1 
HETATM 1364 O  O   . HOH F 4 .   ? -8.163  -14.601 4.941   1.00 16.50 ? 368 HOH A O   1 
HETATM 1365 O  O   . HOH F 4 .   ? 10.843  15.950  -0.652  1.00 26.56 ? 369 HOH A O   1 
HETATM 1366 O  O   . HOH F 4 .   ? 9.396   -2.189  16.874  1.00 18.46 ? 370 HOH A O   1 
HETATM 1367 O  O   . HOH F 4 .   ? 17.028  5.248   15.883  1.00 18.80 ? 371 HOH A O   1 
HETATM 1368 O  O   . HOH F 4 .   ? -13.694 12.128  -12.735 1.00 16.00 ? 372 HOH A O   1 
HETATM 1369 O  O   . HOH F 4 .   ? 11.816  14.182  5.251   1.00 14.07 ? 373 HOH A O   1 
HETATM 1370 O  O   . HOH F 4 .   ? -8.989  -0.674  -18.383 1.00 24.63 ? 374 HOH A O   1 
HETATM 1371 O  O   . HOH F 4 .   ? 6.410   9.760   14.019  1.00 12.92 ? 375 HOH A O   1 
HETATM 1372 O  O   . HOH F 4 .   ? -4.938  0.889   -16.888 1.00 16.05 ? 376 HOH A O   1 
HETATM 1373 O  O   . HOH F 4 .   ? 6.761   16.744  -4.470  1.00 20.19 ? 377 HOH A O   1 
HETATM 1374 O  O   . HOH F 4 .   ? -3.723  -6.741  7.227   1.00 8.76  ? 378 HOH A O   1 
HETATM 1375 O  O   . HOH F 4 .   ? -4.071  -4.584  8.936   1.00 6.80  ? 379 HOH A O   1 
HETATM 1376 O  O   . HOH F 4 .   ? 10.829  -10.202 9.548   1.00 22.38 ? 380 HOH A O   1 
HETATM 1377 O  O   . HOH F 4 .   ? 2.651   14.010  11.362  1.00 15.15 ? 381 HOH A O   1 
HETATM 1378 O  O   . HOH F 4 .   ? -9.287  10.294  -18.191 1.00 9.68  ? 382 HOH A O   1 
HETATM 1379 O  O   . HOH F 4 .   ? -13.984 1.641   3.128   1.00 21.55 ? 383 HOH A O   1 
HETATM 1380 O  O   . HOH F 4 .   ? 15.116  1.730   1.642   1.00 17.85 ? 384 HOH A O   1 
HETATM 1381 O  O   . HOH F 4 .   ? -2.101  -1.110  14.720  1.00 17.34 ? 385 HOH A O   1 
HETATM 1382 O  O   . HOH F 4 .   ? -9.025  -2.733  6.141   1.00 18.07 ? 386 HOH A O   1 
HETATM 1383 O  O   . HOH F 4 .   ? 5.013   18.079  10.435  1.00 19.97 ? 387 HOH A O   1 
HETATM 1384 O  O   . HOH F 4 .   ? 2.642   1.604   -9.241  1.00 12.74 ? 388 HOH A O   1 
HETATM 1385 O  O   . HOH F 4 .   ? -3.486  12.142  11.750  1.00 22.42 ? 389 HOH A O   1 
HETATM 1386 O  O   . HOH F 4 .   ? 15.517  14.884  0.059   1.00 9.01  ? 390 HOH A O   1 
HETATM 1387 O  O   . HOH F 4 .   ? -3.691  -9.789  -14.388 1.00 18.49 ? 391 HOH A O   1 
HETATM 1388 O  O   . HOH F 4 .   ? 6.362   -3.442  7.857   1.00 13.13 ? 392 HOH A O   1 
HETATM 1389 O  O   . HOH F 4 .   ? -2.704  2.398   -18.381 1.00 20.74 ? 393 HOH A O   1 
HETATM 1390 O  O   . HOH F 4 .   ? 12.007  17.537  1.822   1.00 26.30 ? 394 HOH A O   1 
HETATM 1391 O  O   . HOH F 4 .   ? 16.666  13.479  3.921   1.00 18.74 ? 395 HOH A O   1 
HETATM 1392 O  O   . HOH F 4 .   ? -8.989  10.753  6.596   1.00 17.18 ? 396 HOH A O   1 
HETATM 1393 O  O   . HOH F 4 .   ? 6.102   -10.879 10.845  1.00 24.94 ? 397 HOH A O   1 
HETATM 1394 O  O   . HOH F 4 .   ? 14.154  13.843  -2.140  1.00 10.07 ? 398 HOH A O   1 
HETATM 1395 O  O   . HOH F 4 .   ? -7.748  12.152  -4.742  1.00 25.19 ? 399 HOH A O   1 
HETATM 1396 O  O   . HOH F 4 .   ? 1.107   7.248   11.760  1.00 12.59 ? 400 HOH A O   1 
HETATM 1397 O  O   . HOH F 4 .   ? 4.573   -14.205 -6.058  1.00 17.49 ? 401 HOH A O   1 
HETATM 1398 O  O   . HOH F 4 .   ? 16.607  1.666   17.019  1.00 19.62 ? 402 HOH A O   1 
HETATM 1399 O  O   . HOH F 4 .   ? 6.326   12.092  -6.621  1.00 22.74 ? 403 HOH A O   1 
HETATM 1400 O  O   . HOH F 4 .   ? 0.317   16.229  11.045  1.00 22.98 ? 404 HOH A O   1 
HETATM 1401 O  O   . HOH F 4 .   ? -10.970 10.069  4.187   1.00 18.69 ? 405 HOH A O   1 
HETATM 1402 O  O   . HOH F 4 .   ? 11.587  -3.570  12.057  1.00 21.50 ? 406 HOH A O   1 
HETATM 1403 O  O   . HOH F 4 .   ? -4.776  -22.257 3.609   1.00 23.27 ? 407 HOH A O   1 
HETATM 1404 O  O   . HOH F 4 .   ? -4.259  2.373   12.559  1.00 21.19 ? 408 HOH A O   1 
HETATM 1405 O  O   . HOH F 4 .   ? 1.984   19.034  -1.465  1.00 21.23 ? 409 HOH A O   1 
HETATM 1406 O  O   . HOH F 4 .   ? 7.109   -16.184 -1.943  1.00 25.28 ? 410 HOH A O   1 
HETATM 1407 O  O   . HOH F 4 .   ? 8.394   0.705   20.305  1.00 13.57 ? 411 HOH A O   1 
HETATM 1408 O  O   . HOH F 4 .   ? 4.323   -9.922  15.427  1.00 21.70 ? 412 HOH A O   1 
HETATM 1409 O  O   . HOH F 4 .   ? -4.542  -3.723  14.786  1.00 30.14 ? 413 HOH A O   1 
HETATM 1410 O  O   . HOH F 4 .   ? 16.435  7.581   10.718  1.00 22.77 ? 414 HOH A O   1 
HETATM 1411 O  O   . HOH F 4 .   ? 13.660  3.411   -2.271  1.00 24.59 ? 415 HOH A O   1 
HETATM 1412 O  O   . HOH F 4 .   ? 17.097  3.540   3.368   1.00 26.66 ? 416 HOH A O   1 
HETATM 1413 O  O   . HOH F 4 .   ? -8.887  -16.308 2.470   1.00 26.69 ? 417 HOH A O   1 
HETATM 1414 O  O   . HOH F 4 .   ? 10.105  -16.086 1.475   1.00 15.74 ? 418 HOH A O   1 
HETATM 1415 O  O   . HOH F 4 .   ? 10.499  13.833  7.761   1.00 17.36 ? 419 HOH A O   1 
HETATM 1416 O  O   . HOH F 4 .   ? -6.334  -16.025 8.714   1.00 18.65 ? 420 HOH A O   1 
HETATM 1417 O  O   . HOH F 4 .   ? -0.471  18.165  -2.811  1.00 23.46 ? 421 HOH A O   1 
HETATM 1418 O  O   . HOH F 4 .   ? -8.194  -1.984  9.407   1.00 22.17 ? 422 HOH A O   1 
HETATM 1419 O  O   . HOH F 4 .   ? -1.991  9.497   14.111  1.00 24.09 ? 423 HOH A O   1 
HETATM 1420 O  O   . HOH F 4 .   ? -11.506 -0.069  6.897   1.00 23.90 ? 424 HOH A O   1 
HETATM 1421 O  O   . HOH F 4 .   ? 11.495  -14.391 5.384   1.00 23.19 ? 425 HOH A O   1 
HETATM 1422 O  O   . HOH F 4 .   ? 14.053  -3.504  -9.412  1.00 16.95 ? 426 HOH A O   1 
HETATM 1423 O  O   . HOH F 4 .   ? 16.130  12.336  -3.321  1.00 11.86 ? 427 HOH A O   1 
HETATM 1424 O  O   . HOH F 4 .   ? 19.931  4.717   5.596   1.00 28.94 ? 428 HOH A O   1 
HETATM 1425 O  O   . HOH F 4 .   ? -1.169  -0.773  17.230  1.00 25.04 ? 429 HOH A O   1 
HETATM 1426 O  O   . HOH F 4 .   ? 4.583   -12.469 9.732   1.00 26.30 ? 430 HOH A O   1 
HETATM 1427 O  O   . HOH F 4 .   ? -8.249  -22.874 -2.701  1.00 24.03 ? 431 HOH A O   1 
HETATM 1428 O  O   . HOH F 4 .   ? -15.850 10.069  -17.956 1.00 28.97 ? 432 HOH A O   1 
HETATM 1429 O  O   . HOH F 4 .   ? 17.548  7.711   8.162   1.00 17.98 ? 433 HOH A O   1 
HETATM 1430 O  O   . HOH F 4 .   ? 9.916   3.773   -5.099  1.00 20.20 ? 434 HOH A O   1 
HETATM 1431 O  O   . HOH F 4 .   ? -10.525 -14.082 5.628   1.00 25.08 ? 435 HOH A O   1 
HETATM 1432 O  O   . HOH F 4 .   ? 15.619  17.220  4.201   1.00 28.44 ? 436 HOH A O   1 
# 
